data_8YEF
#
_entry.id   8YEF
#
_cell.length_a   1.00
_cell.length_b   1.00
_cell.length_c   1.00
_cell.angle_alpha   90.00
_cell.angle_beta   90.00
_cell.angle_gamma   90.00
#
_symmetry.space_group_name_H-M   'P 1'
#
loop_
_entity.id
_entity.type
_entity.pdbx_description
1 polymer 'Heavy chain of F5-77'
2 polymer 'Light chain of F5-77'
3 polymer 'Major capsid protein L1'
#
loop_
_entity_poly.entity_id
_entity_poly.type
_entity_poly.pdbx_seq_one_letter_code
_entity_poly.pdbx_strand_id
1 'polypeptide(L)'
;QVQLVQSGSEVKKPGASVTVSCKASGYVFTGQYIHWVRQAPGQGLEWIGWITPNTGGTNYGQKFEDRVSMTRETSISTAY
MELRSLRSDDTAVYYCLTRRYGHYDLFEYWGQGTLVTVSS
;
A
2 'polypeptide(L)'
;DIQMTQSPSTLSASVGDRVTITCRASQTIYNWLAWYQQKPGKAPNILIYKASTLQNGVPARFSGGGSGTEFTLTISGLQP
DDFATYYCQQYNSYPWTFGQGTKVEIK
;
B
3 'polypeptide(L)'
;KVVATDAYVTRTNIFYHASSSRLLAVGHPYFSIKRANKTVVPKVSGYQYRVFKVVLPDPNKFALPDSSLFDPTTQRLVWA
CTGLEVGRGQPLGVGVSGHPFLNKYDDVENSGSGGNPGQDNRVNVGMDYKQTQLCMVGCAPPLGEHWGKGKQCTNTPVQA
GDCPPLELITSVIQDGDMVDTGFGAMNFADLQTNKSDVPIDICGTTCKYPDYLQMAADPYGDRLFFFLRKEQMFARHFFN
RAGEVGEPVPDTLIIKGSGNRTSVGSSIYVNTPSGSLVSSEAQLFNKPYWLQKAQGHNNGICWGNQLFVTVVDTTRSTNM
TLCASVTTSSTYTNSDYKEYMRHVEEYDLQFIFQLCSITLSAEVVAYIHTMNPSVLEDWNFGLSPPPNGTLEDTYRYVQS
QAITCQKPTPEKEKPDPYKNLSFWEVNLKEKFSSELDQYPLGRKFLLQS
;
C,H,I,J,K
#
# COMPACT_ATOMS: atom_id res chain seq x y z
N GLN A 1 -13.04 -11.26 33.65
CA GLN A 1 -13.65 -12.57 33.46
C GLN A 1 -14.97 -12.46 32.71
N VAL A 2 -15.19 -13.37 31.77
CA VAL A 2 -16.45 -13.43 31.05
C VAL A 2 -17.57 -13.76 32.03
N GLN A 3 -18.48 -12.83 32.22
CA GLN A 3 -19.61 -12.98 33.13
C GLN A 3 -20.89 -12.96 32.33
N LEU A 4 -21.77 -13.91 32.60
CA LEU A 4 -23.07 -14.01 31.95
C LEU A 4 -24.14 -14.08 33.04
N VAL A 5 -25.06 -13.12 33.03
CA VAL A 5 -26.05 -12.98 34.08
C VAL A 5 -27.43 -12.97 33.46
N GLN A 6 -28.28 -13.90 33.86
CA GLN A 6 -29.64 -14.01 33.37
C GLN A 6 -30.60 -13.21 34.24
N SER A 7 -31.84 -13.12 33.78
CA SER A 7 -32.88 -12.46 34.54
C SER A 7 -33.40 -13.37 35.65
N GLY A 8 -34.19 -12.78 36.55
CA GLY A 8 -34.76 -13.53 37.65
C GLY A 8 -35.91 -14.41 37.23
N SER A 9 -36.26 -15.34 38.13
CA SER A 9 -37.32 -16.30 37.88
C SER A 9 -38.68 -15.60 37.78
N GLU A 10 -39.51 -16.05 36.86
CA GLU A 10 -40.77 -15.40 36.55
C GLU A 10 -41.91 -16.42 36.52
N VAL A 11 -43.08 -15.99 36.97
CA VAL A 11 -44.30 -16.79 36.91
C VAL A 11 -45.33 -16.00 36.12
N LYS A 12 -45.93 -16.64 35.12
CA LYS A 12 -46.87 -15.96 34.24
C LYS A 12 -48.05 -16.87 33.92
N LYS A 13 -49.13 -16.26 33.44
CA LYS A 13 -50.34 -16.97 33.06
C LYS A 13 -50.18 -17.62 31.69
N PRO A 14 -50.90 -18.70 31.43
CA PRO A 14 -50.83 -19.33 30.10
C PRO A 14 -51.37 -18.43 29.01
N GLY A 15 -50.80 -18.58 27.82
CA GLY A 15 -51.18 -17.77 26.68
C GLY A 15 -50.51 -16.42 26.62
N ALA A 16 -49.71 -16.06 27.62
CA ALA A 16 -49.06 -14.76 27.67
C ALA A 16 -47.72 -14.84 26.94
N SER A 17 -46.88 -13.83 27.14
CA SER A 17 -45.53 -13.79 26.59
C SER A 17 -44.54 -13.54 27.70
N VAL A 18 -43.41 -14.23 27.65
CA VAL A 18 -42.34 -14.03 28.61
C VAL A 18 -41.14 -13.44 27.88
N THR A 19 -40.31 -12.72 28.63
CA THR A 19 -39.09 -12.12 28.08
C THR A 19 -37.94 -12.45 29.02
N VAL A 20 -36.94 -13.15 28.51
CA VAL A 20 -35.78 -13.56 29.27
C VAL A 20 -34.57 -12.85 28.68
N SER A 21 -33.84 -12.13 29.51
CA SER A 21 -32.64 -11.41 29.12
C SER A 21 -31.44 -11.97 29.86
N CYS A 22 -30.28 -11.91 29.23
CA CYS A 22 -29.03 -12.21 29.91
C CYS A 22 -27.91 -11.36 29.33
N LYS A 23 -27.26 -10.61 30.21
CA LYS A 23 -26.17 -9.71 29.86
C LYS A 23 -24.84 -10.43 29.96
N ALA A 24 -24.00 -10.23 28.96
CA ALA A 24 -22.68 -10.83 28.92
C ALA A 24 -21.62 -9.74 28.91
N SER A 25 -20.48 -10.04 29.51
CA SER A 25 -19.38 -9.07 29.60
C SER A 25 -18.05 -9.81 29.70
N GLY A 26 -16.98 -9.09 29.41
CA GLY A 26 -15.64 -9.62 29.53
C GLY A 26 -15.05 -10.19 28.27
N TYR A 27 -15.67 -9.98 27.12
CA TYR A 27 -15.18 -10.52 25.86
C TYR A 27 -15.78 -9.71 24.72
N VAL A 28 -15.29 -9.97 23.52
CA VAL A 28 -15.83 -9.32 22.33
C VAL A 28 -17.20 -9.91 22.05
N PHE A 29 -18.25 -9.14 22.38
CA PHE A 29 -19.60 -9.67 22.40
C PHE A 29 -20.13 -9.95 21.00
N THR A 30 -19.66 -9.20 19.99
CA THR A 30 -20.28 -9.26 18.67
C THR A 30 -19.97 -10.57 17.96
N GLY A 31 -18.76 -11.09 18.13
CA GLY A 31 -18.28 -12.21 17.33
C GLY A 31 -18.59 -13.60 17.83
N GLN A 32 -19.37 -13.73 18.90
CA GLN A 32 -19.65 -15.03 19.48
C GLN A 32 -21.07 -15.49 19.14
N TYR A 33 -21.29 -16.79 19.31
CA TYR A 33 -22.60 -17.41 19.09
C TYR A 33 -23.23 -17.64 20.45
N ILE A 34 -24.33 -16.94 20.74
CA ILE A 34 -25.09 -17.16 21.97
C ILE A 34 -26.25 -18.09 21.64
N HIS A 35 -26.58 -18.95 22.60
CA HIS A 35 -27.52 -20.05 22.42
C HIS A 35 -28.51 -20.06 23.57
N TRP A 36 -29.73 -20.48 23.28
CA TRP A 36 -30.74 -20.71 24.30
C TRP A 36 -31.10 -22.19 24.32
N VAL A 37 -31.10 -22.76 25.53
CA VAL A 37 -31.54 -24.12 25.81
C VAL A 37 -32.45 -24.05 27.03
N ARG A 38 -33.19 -25.14 27.26
CA ARG A 38 -34.06 -25.22 28.42
C ARG A 38 -34.02 -26.61 29.02
N GLN A 39 -34.14 -26.67 30.34
CA GLN A 39 -34.12 -27.90 31.11
C GLN A 39 -35.41 -28.02 31.91
N ALA A 40 -36.14 -29.05 31.69
CA ALA A 40 -37.36 -29.28 32.42
C ALA A 40 -37.11 -30.25 33.57
N PRO A 41 -37.82 -30.09 34.68
CA PRO A 41 -37.62 -30.99 35.82
C PRO A 41 -38.13 -32.39 35.50
N GLY A 42 -37.21 -33.36 35.54
CA GLY A 42 -37.51 -34.72 35.19
C GLY A 42 -37.24 -35.08 33.75
N GLN A 43 -36.87 -34.12 32.91
CA GLN A 43 -36.56 -34.35 31.52
C GLN A 43 -35.18 -33.80 31.21
N GLY A 44 -34.67 -34.17 30.04
CA GLY A 44 -33.32 -33.81 29.64
C GLY A 44 -33.21 -32.41 29.10
N LEU A 45 -32.00 -32.07 28.68
CA LEU A 45 -31.72 -30.79 28.05
C LEU A 45 -32.22 -30.79 26.61
N GLU A 46 -32.73 -29.65 26.17
CA GLU A 46 -33.07 -29.49 24.76
C GLU A 46 -32.73 -28.06 24.34
N TRP A 47 -32.49 -27.89 23.04
CA TRP A 47 -31.93 -26.67 22.51
C TRP A 47 -33.01 -25.82 21.86
N ILE A 48 -33.12 -24.56 22.30
CA ILE A 48 -34.08 -23.66 21.68
C ILE A 48 -33.53 -23.10 20.38
N GLY A 49 -32.39 -22.42 20.43
CA GLY A 49 -31.93 -21.77 19.22
C GLY A 49 -30.62 -21.05 19.43
N TRP A 50 -30.18 -20.35 18.38
CA TRP A 50 -28.92 -19.62 18.42
C TRP A 50 -28.96 -18.35 17.59
N ILE A 51 -28.31 -17.30 18.11
CA ILE A 51 -28.15 -16.04 17.41
C ILE A 51 -26.75 -15.52 17.72
N THR A 52 -26.25 -14.68 16.82
CA THR A 52 -25.04 -13.91 17.06
C THR A 52 -25.35 -12.43 16.89
N PRO A 53 -24.67 -11.57 17.66
CA PRO A 53 -24.93 -10.13 17.53
C PRO A 53 -24.60 -9.55 16.18
N ASN A 54 -23.66 -10.14 15.47
CA ASN A 54 -23.52 -9.88 14.05
C ASN A 54 -24.81 -10.26 13.37
N THR A 55 -25.42 -9.28 12.68
CA THR A 55 -26.56 -9.47 11.78
C THR A 55 -27.86 -9.77 12.54
N GLY A 56 -27.77 -10.10 13.82
CA GLY A 56 -28.91 -10.67 14.50
C GLY A 56 -29.42 -11.93 13.85
N GLY A 57 -28.53 -12.74 13.27
CA GLY A 57 -28.94 -13.89 12.50
C GLY A 57 -29.52 -14.96 13.40
N THR A 58 -30.80 -15.23 13.26
CA THR A 58 -31.50 -16.17 14.12
C THR A 58 -31.47 -17.56 13.51
N ASN A 59 -31.54 -18.56 14.39
CA ASN A 59 -31.84 -19.92 13.94
C ASN A 59 -32.57 -20.63 15.06
N TYR A 60 -33.69 -21.25 14.72
CA TYR A 60 -34.57 -21.87 15.69
C TYR A 60 -34.65 -23.37 15.43
N GLY A 61 -34.94 -24.12 16.48
CA GLY A 61 -35.16 -25.53 16.33
C GLY A 61 -36.47 -25.84 15.64
N GLN A 62 -36.58 -27.07 15.16
CA GLN A 62 -37.80 -27.50 14.47
C GLN A 62 -38.99 -27.55 15.42
N LYS A 63 -38.74 -27.75 16.71
CA LYS A 63 -39.82 -27.85 17.67
C LYS A 63 -40.42 -26.48 18.01
N PHE A 64 -39.56 -25.49 18.25
CA PHE A 64 -39.98 -24.21 18.81
C PHE A 64 -39.78 -23.05 17.83
N GLU A 65 -39.89 -23.31 16.53
CA GLU A 65 -39.66 -22.26 15.56
C GLU A 65 -40.78 -21.23 15.50
N ASP A 66 -41.93 -21.51 16.11
CA ASP A 66 -43.12 -20.70 15.94
C ASP A 66 -43.39 -19.76 17.11
N ARG A 67 -43.20 -20.21 18.33
CA ARG A 67 -43.66 -19.49 19.52
C ARG A 67 -42.64 -18.53 20.07
N VAL A 68 -41.49 -18.36 19.41
CA VAL A 68 -40.38 -17.63 19.99
C VAL A 68 -40.00 -16.47 19.06
N SER A 69 -39.42 -15.43 19.66
CA SER A 69 -38.82 -14.33 18.91
C SER A 69 -37.68 -13.79 19.74
N MET A 70 -36.48 -13.77 19.20
CA MET A 70 -35.30 -13.49 20.00
C MET A 70 -34.30 -12.64 19.24
N THR A 71 -33.78 -11.62 19.94
CA THR A 71 -32.96 -10.58 19.35
C THR A 71 -31.82 -10.25 20.30
N ARG A 72 -31.06 -9.22 19.94
CA ARG A 72 -29.94 -8.77 20.75
C ARG A 72 -29.81 -7.25 20.64
N GLU A 73 -29.03 -6.69 21.55
CA GLU A 73 -28.67 -5.29 21.48
C GLU A 73 -27.24 -5.12 21.98
N THR A 74 -26.53 -4.16 21.40
CA THR A 74 -25.11 -3.98 21.66
C THR A 74 -24.81 -2.78 22.55
N SER A 75 -25.82 -2.03 22.99
CA SER A 75 -25.56 -0.86 23.83
C SER A 75 -24.99 -1.27 25.18
N ILE A 76 -25.64 -2.22 25.85
CA ILE A 76 -25.06 -2.87 27.01
C ILE A 76 -24.92 -4.36 26.79
N SER A 77 -25.00 -4.80 25.53
CA SER A 77 -24.65 -6.15 25.09
C SER A 77 -25.49 -7.22 25.79
N THR A 78 -26.79 -7.19 25.49
CA THR A 78 -27.73 -8.11 26.12
C THR A 78 -28.62 -8.72 25.05
N ALA A 79 -28.90 -10.02 25.20
CA ALA A 79 -29.77 -10.74 24.29
C ALA A 79 -31.12 -10.96 24.95
N TYR A 80 -32.18 -10.79 24.18
CA TYR A 80 -33.56 -10.97 24.65
C TYR A 80 -34.19 -12.14 23.91
N MET A 81 -35.00 -12.91 24.63
CA MET A 81 -35.79 -13.98 24.03
C MET A 81 -37.21 -13.91 24.59
N GLU A 82 -38.20 -13.80 23.71
CA GLU A 82 -39.59 -13.75 24.14
C GLU A 82 -40.33 -14.97 23.63
N LEU A 83 -41.25 -15.47 24.44
CA LEU A 83 -42.05 -16.63 24.14
C LEU A 83 -43.52 -16.28 24.19
N ARG A 84 -44.26 -16.76 23.20
CA ARG A 84 -45.69 -16.54 23.08
C ARG A 84 -46.44 -17.86 23.21
N SER A 85 -47.73 -17.75 23.55
CA SER A 85 -48.65 -18.89 23.68
C SER A 85 -48.12 -19.90 24.70
N LEU A 86 -48.07 -19.43 25.94
CA LEU A 86 -47.47 -20.20 27.04
C LEU A 86 -48.30 -21.43 27.33
N ARG A 87 -47.77 -22.59 26.96
CA ARG A 87 -48.37 -23.86 27.34
C ARG A 87 -47.89 -24.25 28.72
N SER A 88 -48.76 -24.95 29.47
CA SER A 88 -48.48 -25.26 30.87
C SER A 88 -47.28 -26.18 31.05
N ASP A 89 -46.90 -26.94 30.02
CA ASP A 89 -45.76 -27.83 30.11
C ASP A 89 -44.42 -27.11 29.99
N ASP A 90 -44.41 -25.81 29.72
CA ASP A 90 -43.18 -25.08 29.46
C ASP A 90 -42.51 -24.57 30.74
N THR A 91 -43.07 -24.85 31.91
CA THR A 91 -42.43 -24.49 33.17
C THR A 91 -41.12 -25.25 33.30
N ALA A 92 -40.00 -24.53 33.28
CA ALA A 92 -38.69 -25.13 33.20
C ALA A 92 -37.66 -24.05 33.52
N VAL A 93 -36.41 -24.47 33.65
CA VAL A 93 -35.34 -23.49 33.78
C VAL A 93 -34.76 -23.26 32.40
N TYR A 94 -34.29 -22.04 32.17
CA TYR A 94 -33.82 -21.62 30.86
C TYR A 94 -32.38 -21.12 30.99
N TYR A 95 -31.55 -21.51 30.03
CA TYR A 95 -30.12 -21.23 30.07
C TYR A 95 -29.71 -20.58 28.75
N CYS A 96 -29.05 -19.44 28.83
CA CYS A 96 -28.32 -18.89 27.70
C CYS A 96 -26.84 -19.19 27.90
N LEU A 97 -26.17 -19.54 26.81
CA LEU A 97 -24.81 -20.06 26.90
C LEU A 97 -24.06 -19.75 25.61
N THR A 98 -22.77 -19.49 25.75
CA THR A 98 -21.93 -19.16 24.61
C THR A 98 -20.72 -20.07 24.54
N ARG A 99 -20.17 -20.16 23.35
CA ARG A 99 -19.04 -21.03 23.10
C ARG A 99 -18.17 -20.47 21.99
N ARG A 100 -16.86 -20.55 22.19
CA ARG A 100 -15.86 -20.13 21.22
C ARG A 100 -15.08 -21.39 20.86
N TYR A 101 -15.12 -21.76 19.58
CA TYR A 101 -14.28 -22.84 19.08
C TYR A 101 -12.88 -22.28 18.84
N GLY A 102 -11.87 -22.82 19.52
CA GLY A 102 -10.51 -22.38 19.32
C GLY A 102 -9.79 -23.29 18.33
N HIS A 103 -8.51 -23.00 18.16
CA HIS A 103 -7.66 -23.88 17.36
C HIS A 103 -7.55 -25.24 18.00
N TYR A 104 -7.16 -25.29 19.27
CA TYR A 104 -7.33 -26.48 20.08
C TYR A 104 -7.84 -26.04 21.45
N ASP A 105 -9.15 -25.82 21.54
CA ASP A 105 -9.82 -25.38 22.77
C ASP A 105 -11.31 -25.25 22.48
N LEU A 106 -12.09 -25.22 23.56
CA LEU A 106 -13.49 -24.79 23.48
C LEU A 106 -13.80 -23.97 24.71
N PHE A 107 -14.08 -22.68 24.50
CA PHE A 107 -14.36 -21.76 25.59
C PHE A 107 -15.86 -21.76 25.83
N GLU A 108 -16.27 -22.24 26.99
CA GLU A 108 -17.66 -22.53 27.34
C GLU A 108 -18.12 -21.63 28.47
N TYR A 109 -19.26 -20.98 28.30
CA TYR A 109 -19.82 -20.19 29.38
C TYR A 109 -21.32 -20.37 29.41
N TRP A 110 -21.86 -20.51 30.63
CA TRP A 110 -23.30 -20.60 30.85
C TRP A 110 -23.79 -19.48 31.73
N GLY A 111 -25.07 -19.17 31.59
CA GLY A 111 -25.74 -18.31 32.55
C GLY A 111 -26.12 -19.08 33.80
N GLN A 112 -26.63 -18.35 34.78
CA GLN A 112 -27.00 -18.98 36.03
C GLN A 112 -28.34 -19.72 35.95
N GLY A 113 -29.11 -19.49 34.91
CA GLY A 113 -30.40 -20.16 34.76
C GLY A 113 -31.54 -19.33 35.30
N THR A 114 -32.69 -19.38 34.62
CA THR A 114 -33.86 -18.63 35.04
C THR A 114 -35.06 -19.55 35.04
N LEU A 115 -35.74 -19.65 36.19
CA LEU A 115 -36.91 -20.51 36.28
C LEU A 115 -38.15 -19.80 35.77
N VAL A 116 -38.87 -20.45 34.87
CA VAL A 116 -40.09 -19.91 34.29
C VAL A 116 -41.22 -20.86 34.67
N THR A 117 -42.21 -20.33 35.38
CA THR A 117 -43.35 -21.09 35.85
C THR A 117 -44.61 -20.54 35.20
N VAL A 118 -45.44 -21.42 34.67
CA VAL A 118 -46.71 -21.05 34.07
C VAL A 118 -47.84 -21.87 34.68
N SER A 119 -48.89 -21.18 35.13
CA SER A 119 -50.04 -21.83 35.73
C SER A 119 -51.20 -20.85 35.71
N SER A 120 -52.41 -21.39 35.87
CA SER A 120 -53.61 -20.58 35.91
C SER A 120 -53.70 -19.79 37.22
N ASP B 1 -33.80 -34.75 12.79
CA ASP B 1 -33.28 -34.76 14.16
C ASP B 1 -32.47 -36.02 14.44
N ILE B 2 -31.42 -35.88 15.24
CA ILE B 2 -30.52 -36.96 15.59
C ILE B 2 -30.81 -37.36 17.03
N GLN B 3 -31.09 -38.63 17.25
CA GLN B 3 -31.48 -39.13 18.56
C GLN B 3 -30.37 -39.98 19.16
N MET B 4 -30.47 -40.23 20.46
CA MET B 4 -29.50 -41.03 21.17
C MET B 4 -30.14 -41.67 22.39
N THR B 5 -29.53 -42.76 22.84
CA THR B 5 -29.98 -43.49 24.03
C THR B 5 -28.78 -43.74 24.93
N GLN B 6 -28.91 -43.40 26.21
CA GLN B 6 -27.83 -43.55 27.17
C GLN B 6 -28.09 -44.75 28.06
N SER B 7 -27.11 -45.65 28.16
CA SER B 7 -27.24 -46.87 28.93
C SER B 7 -26.03 -47.01 29.85
N PRO B 8 -26.23 -47.26 31.15
CA PRO B 8 -27.53 -47.37 31.81
C PRO B 8 -28.12 -46.01 32.16
N SER B 9 -29.43 -45.96 32.36
CA SER B 9 -30.06 -44.70 32.78
C SER B 9 -29.74 -44.36 34.22
N THR B 10 -29.53 -45.37 35.06
CA THR B 10 -29.24 -45.16 36.47
C THR B 10 -28.26 -46.23 36.93
N LEU B 11 -27.21 -45.81 37.64
CA LEU B 11 -26.24 -46.75 38.17
C LEU B 11 -25.83 -46.31 39.56
N SER B 12 -25.55 -47.28 40.43
CA SER B 12 -25.07 -47.04 41.77
C SER B 12 -23.72 -47.74 41.94
N ALA B 13 -22.76 -47.04 42.54
CA ALA B 13 -21.43 -47.59 42.72
C ALA B 13 -20.79 -46.94 43.94
N SER B 14 -19.73 -47.58 44.43
CA SER B 14 -18.99 -47.08 45.57
C SER B 14 -17.83 -46.20 45.11
N VAL B 15 -17.13 -45.61 46.08
CA VAL B 15 -16.02 -44.72 45.75
C VAL B 15 -14.84 -45.54 45.25
N GLY B 16 -14.08 -44.95 44.32
CA GLY B 16 -12.89 -45.61 43.80
C GLY B 16 -13.15 -46.68 42.77
N ASP B 17 -14.36 -46.75 42.22
CA ASP B 17 -14.71 -47.79 41.27
C ASP B 17 -14.52 -47.30 39.84
N ARG B 18 -14.48 -48.25 38.92
CA ARG B 18 -14.44 -47.96 37.49
C ARG B 18 -15.82 -48.18 36.91
N VAL B 19 -16.35 -47.16 36.24
CA VAL B 19 -17.72 -47.21 35.72
C VAL B 19 -17.73 -46.75 34.27
N THR B 20 -18.50 -47.45 33.44
CA THR B 20 -18.61 -47.15 32.03
C THR B 20 -20.05 -46.79 31.69
N ILE B 21 -20.22 -45.66 31.01
CA ILE B 21 -21.52 -45.18 30.56
C ILE B 21 -21.47 -45.04 29.04
N THR B 22 -22.46 -45.60 28.35
CA THR B 22 -22.48 -45.61 26.90
C THR B 22 -23.67 -44.80 26.39
N CYS B 23 -23.57 -44.36 25.15
CA CYS B 23 -24.75 -43.91 24.43
C CYS B 23 -24.64 -44.26 22.95
N ARG B 24 -25.80 -44.58 22.39
CA ARG B 24 -25.99 -44.97 21.01
C ARG B 24 -26.64 -43.82 20.25
N ALA B 25 -26.08 -43.49 19.09
CA ALA B 25 -26.58 -42.42 18.25
C ALA B 25 -27.50 -42.97 17.18
N SER B 26 -28.48 -42.15 16.77
CA SER B 26 -29.41 -42.58 15.73
C SER B 26 -28.74 -42.64 14.36
N GLN B 27 -27.95 -41.62 14.02
CA GLN B 27 -27.21 -41.57 12.77
C GLN B 27 -25.72 -41.41 13.08
N THR B 28 -24.91 -41.39 12.03
CA THR B 28 -23.47 -41.29 12.21
C THR B 28 -23.08 -39.90 12.71
N ILE B 29 -22.14 -39.88 13.64
CA ILE B 29 -21.70 -38.65 14.29
C ILE B 29 -20.21 -38.43 14.16
N TYR B 30 -19.43 -39.48 13.88
CA TYR B 30 -17.95 -39.47 13.83
C TYR B 30 -17.46 -39.08 15.21
N ASN B 31 -16.79 -37.94 15.39
CA ASN B 31 -16.24 -37.57 16.69
C ASN B 31 -16.83 -36.29 17.26
N TRP B 32 -17.93 -35.79 16.69
CA TRP B 32 -18.51 -34.52 17.10
C TRP B 32 -19.40 -34.75 18.31
N LEU B 33 -18.76 -34.89 19.46
CA LEU B 33 -19.44 -35.29 20.69
C LEU B 33 -18.80 -34.57 21.87
N ALA B 34 -19.61 -34.32 22.90
CA ALA B 34 -19.12 -33.83 24.18
C ALA B 34 -19.99 -34.43 25.28
N TRP B 35 -19.51 -34.29 26.50
CA TRP B 35 -20.15 -34.90 27.66
C TRP B 35 -20.34 -33.85 28.75
N TYR B 36 -21.49 -33.92 29.39
CA TYR B 36 -21.89 -32.95 30.39
C TYR B 36 -22.19 -33.67 31.69
N GLN B 37 -21.82 -33.07 32.81
CA GLN B 37 -22.32 -33.52 34.11
C GLN B 37 -22.90 -32.32 34.84
N GLN B 38 -24.10 -32.51 35.37
CA GLN B 38 -24.87 -31.50 36.06
C GLN B 38 -25.04 -31.91 37.51
N LYS B 39 -24.58 -31.05 38.40
CA LYS B 39 -24.91 -31.13 39.81
C LYS B 39 -26.25 -30.45 40.05
N PRO B 40 -27.01 -30.87 41.07
CA PRO B 40 -28.36 -30.31 41.26
C PRO B 40 -28.32 -28.84 41.61
N GLY B 41 -29.07 -28.05 40.84
CA GLY B 41 -29.12 -26.62 41.02
C GLY B 41 -28.02 -25.84 40.36
N LYS B 42 -27.07 -26.50 39.70
CA LYS B 42 -25.94 -25.83 39.07
C LYS B 42 -25.92 -26.12 37.57
N ALA B 43 -25.31 -25.22 36.83
CA ALA B 43 -25.20 -25.37 35.37
C ALA B 43 -24.11 -26.38 35.03
N PRO B 44 -24.40 -27.36 34.19
CA PRO B 44 -23.37 -28.34 33.79
C PRO B 44 -22.30 -27.70 32.92
N ASN B 45 -21.14 -28.35 32.90
CA ASN B 45 -19.99 -27.86 32.15
C ASN B 45 -19.34 -29.00 31.36
N ILE B 46 -18.49 -28.63 30.41
CA ILE B 46 -17.79 -29.60 29.57
C ILE B 46 -16.69 -30.30 30.35
N LEU B 47 -16.60 -31.61 30.19
CA LEU B 47 -15.51 -32.43 30.69
C LEU B 47 -14.77 -33.14 29.57
N ILE B 48 -15.49 -33.77 28.65
CA ILE B 48 -14.92 -34.46 27.51
C ILE B 48 -15.53 -33.89 26.24
N TYR B 49 -14.68 -33.58 25.26
CA TYR B 49 -15.14 -33.22 23.93
C TYR B 49 -14.33 -34.00 22.92
N LYS B 50 -14.60 -33.77 21.63
CA LYS B 50 -13.94 -34.43 20.50
C LYS B 50 -14.10 -35.95 20.52
N ALA B 51 -15.01 -36.46 21.36
CA ALA B 51 -15.30 -37.87 21.64
C ALA B 51 -14.14 -38.58 22.34
N SER B 52 -13.00 -37.93 22.47
CA SER B 52 -11.89 -38.53 23.20
C SER B 52 -11.03 -37.55 23.98
N THR B 53 -11.36 -36.26 24.01
CA THR B 53 -10.42 -35.24 24.48
C THR B 53 -10.92 -34.64 25.78
N LEU B 54 -10.05 -34.68 26.80
CA LEU B 54 -10.33 -34.04 28.07
C LEU B 54 -10.25 -32.53 27.93
N GLN B 55 -11.07 -31.84 28.73
CA GLN B 55 -11.00 -30.39 28.83
C GLN B 55 -10.04 -30.01 29.95
N ASN B 56 -9.46 -28.81 29.84
CA ASN B 56 -8.41 -28.39 30.77
C ASN B 56 -8.97 -28.15 32.17
N GLY B 57 -8.09 -28.26 33.16
CA GLY B 57 -8.50 -28.10 34.54
C GLY B 57 -9.27 -29.27 35.12
N VAL B 58 -9.35 -30.38 34.40
CA VAL B 58 -10.16 -31.52 34.80
C VAL B 58 -9.21 -32.70 35.01
N PRO B 59 -9.39 -33.51 36.06
CA PRO B 59 -8.49 -34.65 36.27
C PRO B 59 -8.59 -35.69 35.17
N ALA B 60 -7.49 -36.43 35.03
CA ALA B 60 -7.31 -37.39 33.94
C ALA B 60 -8.01 -38.71 34.18
N ARG B 61 -8.70 -38.88 35.31
CA ARG B 61 -9.48 -40.09 35.56
C ARG B 61 -10.65 -40.22 34.59
N PHE B 62 -11.03 -39.14 33.93
CA PHE B 62 -12.18 -39.11 33.07
C PHE B 62 -11.74 -39.43 31.65
N SER B 63 -12.30 -40.47 31.03
CA SER B 63 -11.85 -40.85 29.70
C SER B 63 -13.05 -41.08 28.79
N GLY B 64 -12.86 -40.80 27.50
CA GLY B 64 -13.91 -40.96 26.54
C GLY B 64 -13.41 -41.66 25.28
N GLY B 65 -14.36 -42.26 24.57
CA GLY B 65 -14.03 -42.94 23.32
C GLY B 65 -15.29 -43.26 22.57
N GLY B 66 -15.11 -43.87 21.40
CA GLY B 66 -16.21 -44.30 20.59
C GLY B 66 -16.16 -43.72 19.18
N SER B 67 -16.99 -44.29 18.32
CA SER B 67 -17.04 -43.91 16.92
C SER B 67 -18.39 -44.29 16.35
N GLY B 68 -18.69 -43.76 15.18
CA GLY B 68 -19.93 -44.06 14.48
C GLY B 68 -21.15 -43.65 15.28
N THR B 69 -21.83 -44.63 15.84
CA THR B 69 -22.95 -44.39 16.74
C THR B 69 -22.69 -44.85 18.17
N GLU B 70 -21.65 -45.65 18.40
CA GLU B 70 -21.38 -46.21 19.72
C GLU B 70 -20.36 -45.33 20.42
N PHE B 71 -20.72 -44.81 21.59
CA PHE B 71 -19.78 -43.96 22.31
C PHE B 71 -19.80 -44.31 23.79
N THR B 72 -18.62 -44.20 24.40
CA THR B 72 -18.40 -44.69 25.75
C THR B 72 -17.61 -43.66 26.55
N LEU B 73 -17.86 -43.65 27.86
CA LEU B 73 -17.11 -42.84 28.81
C LEU B 73 -16.80 -43.72 30.01
N THR B 74 -15.61 -43.54 30.56
CA THR B 74 -15.10 -44.40 31.62
C THR B 74 -14.51 -43.55 32.73
N ILE B 75 -14.82 -43.93 33.96
CA ILE B 75 -14.19 -43.37 35.15
C ILE B 75 -13.38 -44.49 35.79
N SER B 76 -12.07 -44.33 35.80
CA SER B 76 -11.17 -45.23 36.52
C SER B 76 -10.93 -44.62 37.88
N GLY B 77 -11.76 -44.99 38.84
CA GLY B 77 -11.67 -44.43 40.17
C GLY B 77 -12.65 -43.31 40.39
N LEU B 78 -13.68 -43.55 41.19
CA LEU B 78 -14.68 -42.54 41.49
C LEU B 78 -14.25 -41.68 42.66
N GLN B 79 -14.76 -40.46 42.69
CA GLN B 79 -14.59 -39.51 43.77
C GLN B 79 -15.97 -39.04 44.19
N PRO B 80 -16.14 -38.60 45.45
CA PRO B 80 -17.47 -38.17 45.91
C PRO B 80 -18.04 -37.00 45.12
N ASP B 81 -17.21 -36.10 44.62
CA ASP B 81 -17.72 -34.98 43.84
C ASP B 81 -18.22 -35.39 42.46
N ASP B 82 -17.80 -36.56 41.97
CA ASP B 82 -18.19 -36.99 40.63
C ASP B 82 -19.63 -37.43 40.54
N PHE B 83 -20.31 -37.61 41.66
CA PHE B 83 -21.67 -38.16 41.68
C PHE B 83 -22.63 -37.08 41.23
N ALA B 84 -23.09 -37.17 39.99
CA ALA B 84 -23.97 -36.16 39.42
C ALA B 84 -24.73 -36.79 38.26
N THR B 85 -25.40 -35.95 37.47
CA THR B 85 -26.16 -36.42 36.33
C THR B 85 -25.32 -36.26 35.07
N TYR B 86 -25.32 -37.28 34.22
CA TYR B 86 -24.42 -37.31 33.07
C TYR B 86 -25.19 -37.41 31.77
N TYR B 87 -24.73 -36.65 30.78
CA TYR B 87 -25.35 -36.58 29.46
C TYR B 87 -24.25 -36.63 28.40
N CYS B 88 -24.61 -37.13 27.22
CA CYS B 88 -23.77 -37.00 26.03
C CYS B 88 -24.54 -36.19 25.00
N GLN B 89 -23.88 -35.19 24.44
CA GLN B 89 -24.47 -34.30 23.44
C GLN B 89 -23.62 -34.29 22.20
N GLN B 90 -24.23 -34.53 21.04
CA GLN B 90 -23.54 -34.29 19.79
C GLN B 90 -23.75 -32.84 19.41
N TYR B 91 -22.70 -32.22 18.87
CA TYR B 91 -22.81 -30.95 18.17
C TYR B 91 -22.62 -31.12 16.68
N ASN B 92 -23.09 -32.25 16.15
CA ASN B 92 -22.95 -32.59 14.74
C ASN B 92 -23.82 -31.68 13.89
N SER B 93 -25.14 -31.75 14.09
CA SER B 93 -26.07 -31.03 13.24
C SER B 93 -27.08 -30.29 14.08
N TYR B 94 -27.63 -29.24 13.50
CA TYR B 94 -28.75 -28.65 14.21
C TYR B 94 -30.04 -29.34 13.81
N PRO B 95 -30.98 -29.57 14.75
CA PRO B 95 -30.95 -29.14 16.15
C PRO B 95 -30.06 -29.98 17.06
N TRP B 96 -29.47 -29.29 18.05
CA TRP B 96 -28.73 -29.97 19.09
C TRP B 96 -29.66 -30.86 19.90
N THR B 97 -29.16 -32.02 20.31
CA THR B 97 -29.98 -32.98 21.03
C THR B 97 -29.17 -33.55 22.18
N PHE B 98 -29.85 -33.86 23.27
CA PHE B 98 -29.21 -34.43 24.43
C PHE B 98 -29.87 -35.76 24.76
N GLY B 99 -29.15 -36.61 25.49
CA GLY B 99 -29.71 -37.86 25.96
C GLY B 99 -30.68 -37.65 27.11
N GLN B 100 -31.27 -38.77 27.54
CA GLN B 100 -32.20 -38.70 28.66
C GLN B 100 -31.50 -38.43 29.98
N GLY B 101 -30.19 -38.62 30.05
CA GLY B 101 -29.47 -38.37 31.27
C GLY B 101 -29.12 -39.66 32.00
N THR B 102 -28.06 -39.59 32.80
CA THR B 102 -27.63 -40.72 33.62
C THR B 102 -27.22 -40.22 34.99
N LYS B 103 -27.91 -40.68 36.01
CA LYS B 103 -27.63 -40.29 37.39
C LYS B 103 -26.86 -41.39 38.11
N VAL B 104 -25.80 -41.00 38.81
CA VAL B 104 -25.01 -41.92 39.62
C VAL B 104 -25.09 -41.47 41.07
N GLU B 105 -25.20 -42.42 41.99
CA GLU B 105 -25.34 -42.13 43.40
C GLU B 105 -24.69 -43.26 44.19
N ILE B 106 -24.21 -42.93 45.39
CA ILE B 106 -23.41 -43.85 46.19
C ILE B 106 -24.25 -45.04 46.63
N LYS B 107 -23.62 -46.21 46.68
CA LYS B 107 -24.29 -47.45 47.08
C LYS B 107 -24.76 -47.40 48.54
N LYS C 1 39.48 34.03 6.22
CA LYS C 1 39.99 33.44 7.45
C LYS C 1 40.27 31.95 7.24
N VAL C 2 39.31 31.26 6.64
CA VAL C 2 39.43 29.84 6.35
C VAL C 2 39.29 29.67 4.84
N VAL C 3 40.31 29.06 4.22
CA VAL C 3 40.36 28.92 2.78
C VAL C 3 40.09 27.47 2.43
N ALA C 4 39.63 27.25 1.20
CA ALA C 4 39.38 25.89 0.73
C ALA C 4 40.68 25.12 0.58
N THR C 5 40.58 23.79 0.68
CA THR C 5 41.75 22.94 0.58
C THR C 5 42.36 22.96 -0.81
N ASP C 6 41.53 23.10 -1.85
CA ASP C 6 41.96 22.93 -3.23
C ASP C 6 42.97 23.98 -3.68
N ALA C 7 43.10 25.09 -2.93
CA ALA C 7 44.08 26.10 -3.29
C ALA C 7 45.51 25.59 -3.14
N TYR C 8 45.77 24.78 -2.10
CA TYR C 8 47.13 24.39 -1.76
C TYR C 8 47.42 22.90 -1.90
N VAL C 9 46.40 22.03 -1.93
CA VAL C 9 46.65 20.61 -2.10
C VAL C 9 47.08 20.34 -3.54
N THR C 10 47.81 19.25 -3.73
CA THR C 10 48.28 18.84 -5.05
C THR C 10 47.91 17.38 -5.26
N ARG C 11 46.99 17.12 -6.17
CA ARG C 11 46.48 15.78 -6.43
C ARG C 11 47.31 15.12 -7.52
N THR C 12 48.18 14.20 -7.13
CA THR C 12 48.89 13.37 -8.08
C THR C 12 47.96 12.31 -8.66
N ASN C 13 48.42 11.65 -9.72
CA ASN C 13 47.65 10.60 -10.36
C ASN C 13 48.05 9.23 -9.81
N ILE C 14 47.91 9.08 -8.51
CA ILE C 14 48.22 7.83 -7.82
C ILE C 14 47.01 7.41 -7.00
N PHE C 15 46.57 6.17 -7.18
CA PHE C 15 45.41 5.64 -6.48
C PHE C 15 45.77 4.34 -5.78
N TYR C 16 45.17 4.13 -4.61
CA TYR C 16 45.42 2.96 -3.79
C TYR C 16 44.10 2.33 -3.38
N HIS C 17 44.12 1.03 -3.13
CA HIS C 17 42.96 0.30 -2.65
C HIS C 17 43.27 -0.37 -1.32
N ALA C 18 42.29 -0.36 -0.42
CA ALA C 18 42.36 -1.05 0.86
C ALA C 18 41.09 -1.87 1.05
N SER C 19 41.25 -3.06 1.61
CA SER C 19 40.13 -3.97 1.86
C SER C 19 40.07 -4.29 3.34
N SER C 20 38.89 -4.10 3.94
CA SER C 20 38.71 -4.37 5.36
C SER C 20 38.42 -5.84 5.65
N SER C 21 38.27 -6.66 4.62
CA SER C 21 37.96 -8.08 4.70
C SER C 21 36.65 -8.35 5.44
N ARG C 22 36.40 -9.61 5.77
CA ARG C 22 35.11 -10.01 6.33
C ARG C 22 35.07 -9.61 7.80
N LEU C 23 34.29 -8.59 8.11
CA LEU C 23 34.09 -8.15 9.48
C LEU C 23 32.76 -8.67 10.00
N LEU C 24 32.77 -9.27 11.17
CA LEU C 24 31.60 -9.93 11.73
C LEU C 24 31.31 -9.38 13.12
N ALA C 25 30.05 -9.54 13.53
CA ALA C 25 29.63 -9.15 14.86
C ALA C 25 28.43 -10.01 15.25
N VAL C 26 28.47 -10.58 16.44
CA VAL C 26 27.38 -11.38 16.96
C VAL C 26 27.06 -10.88 18.37
N GLY C 27 25.80 -10.92 18.74
CA GLY C 27 25.45 -10.57 20.10
C GLY C 27 23.97 -10.38 20.29
N HIS C 28 23.61 -10.32 21.57
CA HIS C 28 22.22 -10.09 21.95
C HIS C 28 21.80 -8.68 21.54
N PRO C 29 20.58 -8.52 21.02
CA PRO C 29 20.18 -7.20 20.51
C PRO C 29 19.72 -6.23 21.57
N TYR C 30 19.33 -6.67 22.76
CA TYR C 30 18.61 -5.80 23.67
C TYR C 30 19.46 -5.29 24.82
N PHE C 31 20.40 -6.10 25.31
CA PHE C 31 21.24 -5.71 26.43
C PHE C 31 22.46 -6.59 26.47
N SER C 32 23.60 -6.00 26.85
CA SER C 32 24.84 -6.75 26.97
C SER C 32 24.80 -7.57 28.25
N ILE C 33 24.81 -8.88 28.12
CA ILE C 33 24.81 -9.74 29.29
C ILE C 33 26.18 -9.75 29.93
N LYS C 34 26.20 -9.87 31.25
CA LYS C 34 27.44 -9.91 32.01
C LYS C 34 27.37 -11.07 33.00
N ARG C 35 28.18 -12.10 32.76
CA ARG C 35 28.32 -13.22 33.68
C ARG C 35 29.65 -13.06 34.41
N ALA C 36 29.57 -12.98 35.74
CA ALA C 36 30.73 -12.68 36.61
C ALA C 36 31.40 -11.37 36.20
N ASN C 37 30.57 -10.39 35.82
CA ASN C 37 30.99 -9.03 35.46
C ASN C 37 32.04 -9.02 34.34
N LYS C 38 31.81 -9.84 33.31
CA LYS C 38 32.59 -9.74 32.09
C LYS C 38 31.64 -9.83 30.90
N THR C 39 32.05 -9.22 29.79
CA THR C 39 31.25 -9.21 28.58
C THR C 39 31.44 -10.55 27.87
N VAL C 40 30.67 -11.53 28.33
CA VAL C 40 30.66 -12.84 27.66
C VAL C 40 30.07 -12.70 26.26
N VAL C 41 28.96 -11.96 26.14
CA VAL C 41 28.35 -11.67 24.86
C VAL C 41 28.06 -10.18 24.81
N PRO C 42 28.60 -9.45 23.83
CA PRO C 42 28.32 -8.02 23.74
C PRO C 42 26.93 -7.74 23.19
N LYS C 43 26.46 -6.52 23.45
CA LYS C 43 25.17 -6.09 22.92
C LYS C 43 25.34 -5.69 21.47
N VAL C 44 24.84 -6.50 20.56
CA VAL C 44 24.94 -6.25 19.12
C VAL C 44 23.54 -6.24 18.53
N SER C 45 23.14 -5.11 17.97
CA SER C 45 21.84 -4.95 17.35
C SER C 45 21.98 -4.17 16.07
N GLY C 46 20.98 -4.31 15.21
CA GLY C 46 20.96 -3.54 13.98
C GLY C 46 20.52 -2.11 14.15
N TYR C 47 20.11 -1.73 15.36
CA TYR C 47 19.72 -0.36 15.66
C TYR C 47 20.84 0.38 16.38
N GLN C 48 22.09 0.07 16.04
CA GLN C 48 23.25 0.62 16.73
C GLN C 48 24.10 1.39 15.73
N TYR C 49 24.52 2.59 16.13
CA TYR C 49 25.43 3.38 15.31
C TYR C 49 26.75 2.65 15.14
N ARG C 50 27.14 2.43 13.89
CA ARG C 50 28.39 1.74 13.59
C ARG C 50 29.43 2.79 13.21
N VAL C 51 30.34 3.04 14.14
CA VAL C 51 31.39 4.04 13.96
C VAL C 51 32.70 3.27 13.74
N PHE C 52 33.07 3.12 12.48
CA PHE C 52 34.31 2.47 12.13
C PHE C 52 35.42 3.52 12.08
N LYS C 53 36.39 3.36 12.97
CA LYS C 53 37.56 4.22 13.09
C LYS C 53 38.67 3.51 12.31
N VAL C 54 38.95 4.01 11.12
CA VAL C 54 39.89 3.38 10.22
C VAL C 54 41.25 4.02 10.44
N VAL C 55 42.24 3.20 10.80
CA VAL C 55 43.60 3.73 10.90
C VAL C 55 44.30 3.49 9.58
N LEU C 56 45.07 4.48 9.15
CA LEU C 56 45.74 4.45 7.86
C LEU C 56 47.25 4.36 8.06
N PRO C 57 47.98 3.79 7.10
CA PRO C 57 49.44 3.83 7.18
C PRO C 57 49.95 5.25 7.04
N ASP C 58 51.11 5.49 7.64
CA ASP C 58 51.78 6.78 7.50
C ASP C 58 52.20 6.94 6.06
N PRO C 59 51.59 7.85 5.30
CA PRO C 59 51.89 7.94 3.86
C PRO C 59 53.31 8.39 3.57
N ASN C 60 53.88 9.24 4.42
CA ASN C 60 55.25 9.70 4.19
C ASN C 60 56.26 8.58 4.44
N LYS C 61 55.98 7.69 5.38
CA LYS C 61 56.83 6.53 5.61
C LYS C 61 56.42 5.33 4.77
N PHE C 62 55.39 5.47 3.94
CA PHE C 62 54.92 4.36 3.14
C PHE C 62 55.89 4.09 1.98
N ALA C 63 55.95 2.83 1.56
CA ALA C 63 56.82 2.40 0.48
C ALA C 63 56.18 2.79 -0.85
N LEU C 64 56.51 3.98 -1.33
CA LEU C 64 55.97 4.45 -2.60
C LEU C 64 56.61 3.69 -3.77
N PRO C 65 55.85 3.41 -4.83
CA PRO C 65 56.47 2.85 -6.03
C PRO C 65 57.39 3.82 -6.74
N ASP C 66 57.15 5.13 -6.60
CA ASP C 66 57.99 6.16 -7.22
C ASP C 66 58.09 7.31 -6.23
N SER C 67 59.16 7.32 -5.44
CA SER C 67 59.36 8.32 -4.41
C SER C 67 60.08 9.56 -4.90
N SER C 68 60.55 9.57 -6.16
CA SER C 68 61.26 10.72 -6.68
C SER C 68 60.33 11.92 -6.91
N LEU C 69 59.03 11.69 -7.04
CA LEU C 69 58.07 12.78 -7.10
C LEU C 69 58.04 13.55 -5.79
N PHE C 70 58.17 12.84 -4.68
CA PHE C 70 58.19 13.46 -3.36
C PHE C 70 59.56 14.02 -3.00
N ASP C 71 59.55 15.15 -2.31
CA ASP C 71 60.71 15.76 -1.71
C ASP C 71 60.54 15.79 -0.20
N PRO C 72 61.50 15.24 0.58
CA PRO C 72 61.37 15.29 2.04
C PRO C 72 61.42 16.69 2.63
N THR C 73 61.91 17.67 1.89
CA THR C 73 61.99 19.05 2.37
C THR C 73 60.81 19.85 1.82
N THR C 74 60.16 20.61 2.69
CA THR C 74 59.07 21.55 2.37
C THR C 74 57.87 20.87 1.71
N GLN C 75 57.76 19.55 1.82
CA GLN C 75 56.64 18.83 1.23
C GLN C 75 56.30 17.64 2.12
N ARG C 76 55.02 17.47 2.41
CA ARG C 76 54.50 16.25 3.02
C ARG C 76 53.31 15.77 2.19
N LEU C 77 53.13 14.45 2.14
CA LEU C 77 52.03 13.85 1.40
C LEU C 77 51.14 13.03 2.33
N VAL C 78 49.83 13.13 2.10
CA VAL C 78 48.81 12.44 2.88
C VAL C 78 47.82 11.79 1.93
N TRP C 79 47.00 10.90 2.48
CA TRP C 79 45.97 10.22 1.70
C TRP C 79 44.80 11.14 1.43
N ALA C 80 44.10 10.88 0.33
CA ALA C 80 42.92 11.63 -0.06
C ALA C 80 41.82 10.65 -0.45
N CYS C 81 40.67 10.77 0.19
CA CYS C 81 39.56 9.85 -0.03
C CYS C 81 38.93 10.08 -1.39
N THR C 82 38.73 8.99 -2.15
CA THR C 82 38.01 9.06 -3.41
C THR C 82 36.78 8.17 -3.44
N GLY C 83 36.90 6.89 -3.08
CA GLY C 83 35.76 6.02 -3.26
C GLY C 83 35.58 4.96 -2.20
N LEU C 84 34.42 4.94 -1.57
CA LEU C 84 34.14 4.01 -0.48
C LEU C 84 32.91 3.19 -0.81
N GLU C 85 32.98 1.91 -0.45
CA GLU C 85 31.91 0.95 -0.69
C GLU C 85 31.67 0.17 0.59
N VAL C 86 30.40 0.03 0.94
CA VAL C 86 30.00 -0.71 2.13
C VAL C 86 29.30 -1.99 1.68
N GLY C 87 30.05 -3.09 1.75
CA GLY C 87 29.63 -4.42 1.39
C GLY C 87 28.86 -5.10 2.50
N ARG C 88 27.56 -4.82 2.57
CA ARG C 88 26.65 -5.63 3.37
C ARG C 88 26.32 -6.94 2.66
N GLY C 89 25.99 -7.95 3.45
CA GLY C 89 25.64 -9.24 2.88
C GLY C 89 24.55 -10.00 3.61
N GLN C 90 24.00 -9.43 4.67
CA GLN C 90 22.94 -10.11 5.39
C GLN C 90 21.65 -10.09 4.56
N PRO C 91 20.84 -11.13 4.66
CA PRO C 91 19.51 -11.10 4.04
C PRO C 91 18.65 -10.01 4.69
N LEU C 92 17.76 -9.45 3.88
CA LEU C 92 16.96 -8.30 4.32
C LEU C 92 15.97 -8.73 5.39
N GLY C 93 15.96 -7.98 6.49
CA GLY C 93 15.12 -8.34 7.62
C GLY C 93 14.97 -7.23 8.64
N VAL C 94 13.78 -7.06 9.17
CA VAL C 94 13.48 -5.98 10.09
C VAL C 94 13.62 -6.48 11.51
N GLY C 95 14.23 -5.66 12.37
CA GLY C 95 14.31 -5.99 13.78
C GLY C 95 13.02 -5.64 14.50
N VAL C 96 12.62 -6.52 15.40
CA VAL C 96 11.39 -6.37 16.17
C VAL C 96 11.77 -6.32 17.64
N SER C 97 11.33 -5.27 18.33
CA SER C 97 11.68 -5.10 19.73
C SER C 97 10.41 -5.05 20.56
N GLY C 98 10.56 -4.67 21.82
CA GLY C 98 9.41 -4.51 22.67
C GLY C 98 9.84 -4.40 24.12
N HIS C 99 8.85 -4.30 24.99
CA HIS C 99 9.12 -4.21 26.40
C HIS C 99 8.17 -5.17 27.11
N PRO C 100 8.67 -6.02 28.01
CA PRO C 100 7.79 -6.99 28.69
C PRO C 100 6.83 -6.35 29.65
N PHE C 101 7.02 -5.09 30.01
CA PHE C 101 6.09 -4.35 30.86
C PHE C 101 6.04 -2.93 30.31
N LEU C 102 5.15 -2.69 29.37
CA LEU C 102 5.05 -1.38 28.74
C LEU C 102 3.79 -0.68 29.21
N ASN C 103 3.90 0.61 29.48
CA ASN C 103 2.79 1.41 29.98
C ASN C 103 1.80 1.65 28.84
N LYS C 104 0.97 0.63 28.59
CA LYS C 104 -0.06 0.62 27.56
C LYS C 104 -1.41 0.61 28.28
N TYR C 105 -2.05 1.76 28.38
CA TYR C 105 -3.29 1.78 29.14
C TYR C 105 -4.46 1.25 28.31
N ASP C 106 -4.76 1.88 27.18
CA ASP C 106 -5.92 1.49 26.40
C ASP C 106 -5.65 1.73 24.92
N ASP C 107 -6.42 1.05 24.09
CA ASP C 107 -6.45 1.35 22.67
C ASP C 107 -7.37 2.54 22.45
N VAL C 108 -7.03 3.38 21.48
CA VAL C 108 -7.84 4.54 21.17
C VAL C 108 -8.08 4.65 19.67
N GLU C 109 -7.97 3.53 18.94
CA GLU C 109 -8.26 3.56 17.52
C GLU C 109 -9.75 3.77 17.27
N ASN C 110 -10.58 3.03 17.98
CA ASN C 110 -12.01 3.00 17.69
C ASN C 110 -12.86 3.14 18.95
N SER C 111 -12.31 2.75 20.10
CA SER C 111 -13.08 2.74 21.33
C SER C 111 -12.15 2.93 22.51
N GLY C 112 -12.62 3.66 23.51
CA GLY C 112 -11.86 3.92 24.72
C GLY C 112 -12.54 3.27 25.92
N SER C 113 -11.73 2.72 26.82
CA SER C 113 -12.25 2.08 28.03
C SER C 113 -12.35 3.11 29.15
N GLY C 114 -12.56 2.64 30.38
CA GLY C 114 -12.58 3.54 31.52
C GLY C 114 -11.23 4.21 31.72
N GLY C 115 -11.28 5.51 31.99
CA GLY C 115 -10.06 6.31 32.05
C GLY C 115 -9.22 6.13 33.29
N ASN C 116 -9.80 5.63 34.38
CA ASN C 116 -9.09 5.56 35.66
C ASN C 116 -8.43 4.21 35.81
N PRO C 117 -7.10 4.13 35.89
CA PRO C 117 -6.42 2.84 35.97
C PRO C 117 -6.51 2.26 37.38
N GLY C 118 -5.86 1.13 37.56
CA GLY C 118 -5.68 0.50 38.86
C GLY C 118 -4.31 0.79 39.44
N GLN C 119 -3.76 -0.20 40.15
CA GLN C 119 -2.41 -0.04 40.70
C GLN C 119 -1.36 -0.09 39.60
N ASP C 120 -1.49 -1.05 38.68
CA ASP C 120 -0.51 -1.20 37.61
C ASP C 120 -1.22 -1.82 36.41
N ASN C 121 -1.63 -0.99 35.46
CA ASN C 121 -2.23 -1.47 34.22
C ASN C 121 -1.15 -1.50 33.12
N ARG C 122 -0.19 -2.40 33.31
CA ARG C 122 0.98 -2.48 32.46
C ARG C 122 1.10 -3.88 31.88
N VAL C 123 1.41 -3.97 30.58
CA VAL C 123 1.39 -5.24 29.86
C VAL C 123 2.59 -5.29 28.91
N ASN C 124 2.99 -6.52 28.57
CA ASN C 124 3.99 -6.77 27.53
C ASN C 124 3.49 -6.25 26.20
N VAL C 125 4.26 -5.38 25.56
CA VAL C 125 3.92 -4.85 24.24
C VAL C 125 5.17 -4.83 23.38
N GLY C 126 5.07 -5.40 22.18
CA GLY C 126 6.17 -5.46 21.24
C GLY C 126 5.85 -4.63 20.01
N MET C 127 6.88 -4.03 19.44
CA MET C 127 6.71 -3.06 18.37
C MET C 127 8.02 -2.92 17.61
N ASP C 128 7.92 -2.35 16.42
CA ASP C 128 9.07 -2.10 15.57
C ASP C 128 9.32 -0.61 15.46
N TYR C 129 10.52 -0.26 15.04
CA TYR C 129 10.89 1.14 15.00
C TYR C 129 10.62 1.66 13.59
N LYS C 130 11.12 2.85 13.28
CA LYS C 130 11.13 3.30 11.90
C LYS C 130 12.20 2.53 11.15
N GLN C 131 12.24 2.69 9.83
CA GLN C 131 13.38 2.17 9.12
C GLN C 131 14.28 3.33 8.71
N THR C 132 15.57 3.15 8.95
CA THR C 132 16.56 4.19 8.75
C THR C 132 17.74 3.64 7.97
N GLN C 133 18.30 4.49 7.12
CA GLN C 133 19.58 4.24 6.50
C GLN C 133 20.42 5.50 6.65
N LEU C 134 21.61 5.35 7.19
CA LEU C 134 22.47 6.50 7.40
C LEU C 134 23.90 6.13 7.08
N CYS C 135 24.54 6.94 6.23
CA CYS C 135 25.96 6.80 5.96
C CYS C 135 26.55 8.20 5.94
N MET C 136 27.66 8.39 6.65
CA MET C 136 28.41 9.62 6.48
C MET C 136 29.88 9.33 6.69
N VAL C 137 30.71 10.17 6.08
CA VAL C 137 32.15 9.93 6.08
C VAL C 137 32.89 11.21 6.39
N GLY C 138 34.06 11.08 7.01
CA GLY C 138 34.86 12.24 7.35
C GLY C 138 36.16 11.85 8.00
N CYS C 139 36.83 12.87 8.58
CA CYS C 139 38.07 12.65 9.30
C CYS C 139 37.93 12.83 10.81
N ALA C 140 36.77 13.28 11.28
CA ALA C 140 36.48 13.41 12.69
C ALA C 140 35.08 12.86 12.95
N PRO C 141 34.84 12.25 14.12
CA PRO C 141 33.55 11.62 14.35
C PRO C 141 32.46 12.66 14.52
N PRO C 142 31.23 12.36 14.10
CA PRO C 142 30.15 13.34 14.19
C PRO C 142 29.69 13.58 15.62
N LEU C 143 28.93 14.64 15.77
CA LEU C 143 28.41 15.09 17.06
C LEU C 143 26.91 14.79 17.09
N GLY C 144 26.49 13.98 18.05
CA GLY C 144 25.09 13.66 18.23
C GLY C 144 24.50 14.55 19.29
N GLU C 145 23.35 15.13 18.98
CA GLU C 145 22.61 15.94 19.95
C GLU C 145 21.43 15.14 20.47
N HIS C 146 21.02 15.47 21.69
CA HIS C 146 19.84 14.87 22.29
C HIS C 146 19.35 15.82 23.37
N TRP C 147 18.04 15.87 23.56
CA TRP C 147 17.49 16.65 24.66
C TRP C 147 17.64 15.86 25.94
N GLY C 148 17.98 16.56 27.02
CA GLY C 148 18.17 15.90 28.30
C GLY C 148 18.01 16.88 29.44
N LYS C 149 18.19 16.36 30.65
CA LYS C 149 18.20 17.19 31.84
C LYS C 149 19.63 17.67 32.08
N GLY C 150 19.80 18.98 32.15
CA GLY C 150 21.12 19.54 32.41
C GLY C 150 21.23 20.17 33.77
N LYS C 151 21.30 21.50 33.81
CA LYS C 151 21.39 22.22 35.07
C LYS C 151 20.00 22.40 35.67
N GLN C 152 19.94 23.13 36.78
CA GLN C 152 18.68 23.40 37.45
C GLN C 152 17.85 24.41 36.64
N CYS C 153 16.58 24.52 37.00
CA CYS C 153 15.66 25.42 36.33
C CYS C 153 15.94 26.87 36.73
N THR C 154 15.08 27.77 36.25
CA THR C 154 15.20 29.18 36.59
C THR C 154 14.82 29.41 38.06
N ASN C 155 15.30 30.54 38.58
CA ASN C 155 15.12 30.98 39.98
C ASN C 155 15.74 29.93 40.90
N THR C 156 15.19 29.78 42.10
CA THR C 156 15.62 28.77 43.06
C THR C 156 14.39 28.01 43.53
N PRO C 157 13.87 27.10 42.72
CA PRO C 157 12.61 26.44 43.07
C PRO C 157 12.82 25.17 43.88
N VAL C 158 11.82 24.89 44.71
CA VAL C 158 11.72 23.64 45.45
C VAL C 158 10.53 22.87 44.89
N GLN C 159 10.77 21.64 44.46
CA GLN C 159 9.74 20.90 43.73
C GLN C 159 9.84 19.42 44.05
N ALA C 160 8.75 18.72 43.78
CA ALA C 160 8.66 17.26 43.99
C ALA C 160 8.22 16.66 42.65
N GLY C 161 9.19 16.24 41.85
CA GLY C 161 8.89 15.66 40.55
C GLY C 161 8.29 16.63 39.55
N ASP C 162 8.82 17.84 39.47
CA ASP C 162 8.39 18.80 38.46
C ASP C 162 9.13 18.49 37.15
N CYS C 163 8.72 19.16 36.08
CA CYS C 163 9.31 18.94 34.76
C CYS C 163 10.76 19.42 34.74
N PRO C 164 11.72 18.54 34.44
CA PRO C 164 13.10 18.98 34.36
C PRO C 164 13.32 19.85 33.14
N PRO C 165 14.29 20.75 33.16
CA PRO C 165 14.59 21.57 31.98
C PRO C 165 15.15 20.72 30.86
N LEU C 166 14.93 21.19 29.64
CA LEU C 166 15.36 20.49 28.44
C LEU C 166 16.57 21.21 27.86
N GLU C 167 17.68 20.49 27.73
CA GLU C 167 18.92 21.03 27.17
C GLU C 167 19.31 20.21 25.96
N LEU C 168 19.72 20.90 24.90
CA LEU C 168 20.21 20.25 23.69
C LEU C 168 21.67 19.85 23.90
N ILE C 169 21.85 18.74 24.61
CA ILE C 169 23.19 18.27 24.91
C ILE C 169 23.81 17.69 23.65
N THR C 170 24.96 18.23 23.25
CA THR C 170 25.69 17.77 22.08
C THR C 170 26.95 17.06 22.55
N SER C 171 27.02 15.76 22.26
CA SER C 171 28.15 14.95 22.67
C SER C 171 28.69 14.21 21.45
N VAL C 172 29.97 13.83 21.51
CA VAL C 172 30.58 13.09 20.43
C VAL C 172 29.94 11.71 20.33
N ILE C 173 29.86 11.20 19.11
CA ILE C 173 29.26 9.89 18.89
C ILE C 173 30.29 8.82 19.22
N GLN C 174 29.81 7.59 19.44
CA GLN C 174 30.71 6.45 19.60
C GLN C 174 30.01 5.21 19.10
N ASP C 175 30.80 4.17 18.84
CA ASP C 175 30.25 2.89 18.42
C ASP C 175 29.48 2.26 19.57
N GLY C 176 28.30 1.73 19.27
CA GLY C 176 27.41 1.22 20.27
C GLY C 176 26.33 2.20 20.70
N ASP C 177 26.31 3.40 20.14
CA ASP C 177 25.23 4.33 20.44
C ASP C 177 23.94 3.90 19.75
N MET C 178 22.82 4.39 20.27
CA MET C 178 21.51 4.01 19.79
C MET C 178 21.02 4.98 18.72
N VAL C 179 20.35 4.43 17.71
CA VAL C 179 19.73 5.27 16.70
C VAL C 179 18.47 5.89 17.26
N ASP C 180 18.04 6.98 16.64
CA ASP C 180 16.81 7.63 17.06
C ASP C 180 15.61 6.92 16.45
N THR C 181 14.65 6.62 17.28
CA THR C 181 13.33 6.19 16.87
C THR C 181 12.41 7.41 16.74
N GLY C 182 11.11 7.15 16.59
CA GLY C 182 10.16 8.24 16.59
C GLY C 182 9.99 8.91 17.93
N PHE C 183 10.41 8.25 19.01
CA PHE C 183 10.30 8.81 20.35
C PHE C 183 11.28 9.96 20.59
N GLY C 184 12.29 10.12 19.75
CA GLY C 184 13.19 11.25 19.84
C GLY C 184 14.50 10.88 20.51
N ALA C 185 15.51 11.74 20.29
CA ALA C 185 16.82 11.55 20.88
C ALA C 185 16.77 11.88 22.36
N MET C 186 16.60 10.87 23.20
CA MET C 186 16.24 11.09 24.58
C MET C 186 17.21 10.38 25.51
N ASN C 187 17.54 11.05 26.61
CA ASN C 187 18.41 10.47 27.64
C ASN C 187 17.52 9.77 28.65
N PHE C 188 17.05 8.57 28.24
CA PHE C 188 16.09 7.82 29.04
C PHE C 188 16.66 7.38 30.38
N ALA C 189 17.97 7.29 30.51
CA ALA C 189 18.57 6.90 31.78
C ALA C 189 18.38 7.96 32.84
N ASP C 190 18.19 9.22 32.44
CA ASP C 190 18.07 10.32 33.40
C ASP C 190 16.67 10.91 33.44
N LEU C 191 16.12 11.34 32.30
CA LEU C 191 14.82 11.99 32.32
C LEU C 191 13.67 11.00 32.45
N GLN C 192 13.91 9.70 32.26
CA GLN C 192 12.88 8.69 32.39
C GLN C 192 13.19 7.82 33.59
N THR C 193 12.18 7.58 34.43
CA THR C 193 12.36 6.86 35.68
C THR C 193 11.58 5.55 35.72
N ASN C 194 10.43 5.48 35.06
CA ASN C 194 9.66 4.23 34.97
C ASN C 194 10.48 3.08 34.41
N LYS C 195 11.34 3.38 33.44
CA LYS C 195 12.04 2.38 32.62
C LYS C 195 11.05 1.45 31.93
N SER C 196 9.84 1.95 31.68
CA SER C 196 8.74 1.14 31.18
C SER C 196 7.88 1.89 30.18
N ASP C 197 8.37 2.97 29.61
CA ASP C 197 7.67 3.69 28.56
C ASP C 197 8.22 3.43 27.16
N VAL C 198 9.42 2.87 27.08
CA VAL C 198 10.05 2.58 25.79
C VAL C 198 10.70 1.21 25.86
N PRO C 199 10.70 0.46 24.74
CA PRO C 199 11.28 -0.89 24.73
C PRO C 199 12.71 -1.04 25.23
N ILE C 200 13.10 -2.32 25.43
CA ILE C 200 14.32 -2.68 26.17
C ILE C 200 15.57 -2.11 25.52
N ASP C 201 15.68 -2.21 24.20
CA ASP C 201 16.96 -1.98 23.54
C ASP C 201 17.48 -0.55 23.65
N ILE C 202 16.62 0.40 23.99
CA ILE C 202 17.06 1.79 24.09
C ILE C 202 16.60 2.42 25.40
N CYS C 203 16.00 1.62 26.28
CA CYS C 203 15.48 2.21 27.52
C CYS C 203 16.60 2.55 28.49
N GLY C 204 17.68 1.79 28.48
CA GLY C 204 18.73 1.99 29.46
C GLY C 204 19.80 2.98 29.08
N THR C 205 19.67 3.66 27.96
CA THR C 205 20.73 4.55 27.51
C THR C 205 20.13 5.67 26.68
N THR C 206 20.98 6.36 25.91
CA THR C 206 20.62 7.57 25.19
C THR C 206 20.86 7.37 23.70
N CYS C 207 19.90 7.81 22.89
CA CYS C 207 20.00 7.78 21.44
C CYS C 207 20.21 9.18 20.90
N LYS C 208 20.86 9.29 19.74
CA LYS C 208 21.28 10.57 19.20
C LYS C 208 21.00 10.65 17.70
N TYR C 209 21.07 11.87 17.18
CA TYR C 209 20.94 12.22 15.78
C TYR C 209 22.11 13.08 15.37
N PRO C 210 22.54 13.02 14.11
CA PRO C 210 23.61 13.90 13.66
C PRO C 210 23.14 15.34 13.55
N ASP C 211 24.02 16.26 13.95
CA ASP C 211 23.75 17.70 13.90
C ASP C 211 24.16 18.31 12.57
N TYR C 212 23.31 18.08 11.57
CA TYR C 212 23.55 18.59 10.22
C TYR C 212 23.62 20.11 10.17
N LEU C 213 22.84 20.81 10.98
CA LEU C 213 22.83 22.25 10.95
C LEU C 213 23.86 22.87 11.89
N GLN C 214 24.62 22.06 12.61
CA GLN C 214 25.91 22.46 13.17
C GLN C 214 27.08 22.07 12.29
N MET C 215 27.05 20.88 11.68
CA MET C 215 28.14 20.46 10.81
C MET C 215 28.24 21.33 9.58
N ALA C 216 27.10 21.74 9.01
CA ALA C 216 27.13 22.71 7.93
C ALA C 216 27.66 24.06 8.41
N ALA C 217 27.35 24.40 9.66
CA ALA C 217 27.82 25.66 10.24
C ALA C 217 29.28 25.62 10.66
N ASP C 218 29.90 24.45 10.68
CA ASP C 218 31.31 24.36 11.05
C ASP C 218 32.18 24.97 9.96
N PRO C 219 33.21 25.72 10.33
CA PRO C 219 34.05 26.38 9.33
C PRO C 219 35.00 25.43 8.62
N TYR C 220 35.15 24.21 9.10
CA TYR C 220 36.21 23.32 8.64
C TYR C 220 35.71 22.18 7.76
N GLY C 221 34.56 21.62 8.08
CA GLY C 221 34.08 20.47 7.34
C GLY C 221 34.86 19.20 7.60
N ASP C 222 35.53 19.12 8.75
CA ASP C 222 36.37 17.96 9.03
C ASP C 222 35.54 16.73 9.32
N ARG C 223 34.39 16.89 9.97
CA ARG C 223 33.58 15.74 10.32
C ARG C 223 32.85 15.16 9.12
N LEU C 224 32.48 15.99 8.16
CA LEU C 224 31.62 15.58 7.06
C LEU C 224 32.38 15.65 5.73
N PHE C 225 32.39 14.53 5.01
CA PHE C 225 32.68 14.58 3.58
C PHE C 225 31.41 14.50 2.76
N PHE C 226 30.61 13.45 2.95
CA PHE C 226 29.21 13.50 2.55
C PHE C 226 28.42 12.51 3.39
N PHE C 227 27.11 12.69 3.36
CA PHE C 227 26.13 11.88 4.06
C PHE C 227 24.98 11.55 3.13
N LEU C 228 24.46 10.34 3.27
CA LEU C 228 23.26 9.89 2.59
C LEU C 228 22.35 9.20 3.59
N ARG C 229 21.08 9.58 3.58
CA ARG C 229 20.16 9.08 4.58
C ARG C 229 18.78 8.86 3.97
N LYS C 230 18.08 7.87 4.51
CA LYS C 230 16.69 7.61 4.17
C LYS C 230 15.92 7.30 5.44
N GLU C 231 14.75 7.90 5.58
CA GLU C 231 13.87 7.72 6.71
C GLU C 231 12.50 7.29 6.21
N GLN C 232 11.98 6.18 6.74
CA GLN C 232 10.59 5.81 6.47
C GLN C 232 9.90 5.50 7.79
N MET C 233 8.65 5.97 7.88
CA MET C 233 7.98 6.32 9.13
C MET C 233 6.49 6.37 8.87
N PHE C 234 5.74 5.47 9.49
CA PHE C 234 4.29 5.56 9.47
C PHE C 234 3.76 4.93 10.74
N ALA C 235 2.74 5.53 11.33
CA ALA C 235 2.24 5.12 12.62
C ALA C 235 1.10 4.13 12.43
N ARG C 236 1.16 3.01 13.16
CA ARG C 236 0.12 2.00 13.03
C ARG C 236 -0.89 1.99 14.17
N HIS C 237 -0.47 2.07 15.42
CA HIS C 237 -1.41 2.04 16.54
C HIS C 237 -1.17 3.24 17.43
N PHE C 238 -2.27 3.73 18.00
CA PHE C 238 -2.25 4.85 18.92
C PHE C 238 -2.67 4.34 20.30
N PHE C 239 -2.13 4.96 21.34
CA PHE C 239 -2.50 4.54 22.68
C PHE C 239 -2.29 5.68 23.66
N ASN C 240 -2.85 5.50 24.84
CA ASN C 240 -2.75 6.47 25.92
C ASN C 240 -1.74 5.99 26.96
N ARG C 241 -1.24 6.96 27.73
CA ARG C 241 -0.23 6.68 28.75
C ARG C 241 -0.89 6.78 30.11
N ALA C 242 -0.83 5.69 30.87
CA ALA C 242 -1.46 5.67 32.19
C ALA C 242 -0.59 6.43 33.20
N GLY C 243 -1.22 6.77 34.31
CA GLY C 243 -0.57 7.53 35.37
C GLY C 243 -1.20 8.91 35.53
N GLU C 244 -0.82 9.55 36.63
CA GLU C 244 -1.32 10.89 36.92
C GLU C 244 -0.77 11.90 35.93
N VAL C 245 -1.61 12.88 35.59
CA VAL C 245 -1.27 13.90 34.61
C VAL C 245 -0.70 15.09 35.36
N GLY C 246 0.56 15.41 35.11
CA GLY C 246 1.18 16.50 35.80
C GLY C 246 0.79 17.88 35.30
N GLU C 247 0.20 17.96 34.12
CA GLU C 247 -0.39 19.19 33.60
C GLU C 247 -1.85 18.91 33.31
N PRO C 248 -2.74 19.16 34.27
CA PRO C 248 -4.17 18.96 34.02
C PRO C 248 -4.68 19.89 32.92
N VAL C 249 -5.63 19.39 32.15
CA VAL C 249 -6.17 20.17 31.04
C VAL C 249 -6.94 21.36 31.59
N PRO C 250 -6.88 22.52 30.94
CA PRO C 250 -7.65 23.67 31.44
C PRO C 250 -9.14 23.44 31.32
N ASP C 251 -9.88 24.01 32.27
CA ASP C 251 -11.33 23.89 32.27
C ASP C 251 -11.99 24.71 31.17
N THR C 252 -11.26 25.65 30.56
CA THR C 252 -11.81 26.46 29.49
C THR C 252 -12.12 25.65 28.24
N LEU C 253 -11.46 24.51 28.07
CA LEU C 253 -11.59 23.73 26.85
C LEU C 253 -12.47 22.50 27.02
N ILE C 254 -12.69 22.04 28.25
CA ILE C 254 -13.38 20.79 28.51
C ILE C 254 -14.53 21.06 29.47
N ILE C 255 -15.72 20.59 29.12
CA ILE C 255 -16.89 20.68 29.97
C ILE C 255 -17.18 19.28 30.51
N LYS C 256 -17.12 19.12 31.81
CA LYS C 256 -17.34 17.82 32.42
C LYS C 256 -18.78 17.68 32.90
N GLY C 257 -19.14 16.47 33.29
CA GLY C 257 -20.49 16.24 33.77
C GLY C 257 -20.87 14.81 34.07
N SER C 258 -21.79 14.63 35.02
CA SER C 258 -22.48 13.39 35.32
C SER C 258 -21.57 12.26 35.80
N GLY C 259 -22.15 11.08 36.01
CA GLY C 259 -21.39 9.95 36.50
C GLY C 259 -20.50 9.33 35.45
N ASN C 260 -19.57 8.51 35.93
CA ASN C 260 -18.57 7.79 35.12
C ASN C 260 -17.66 8.75 34.35
N ARG C 261 -17.64 10.02 34.75
CA ARG C 261 -16.93 11.08 34.09
C ARG C 261 -16.51 12.07 35.17
N THR C 262 -16.19 13.30 34.76
CA THR C 262 -15.69 14.42 35.58
C THR C 262 -14.30 14.15 36.14
N SER C 263 -13.71 13.00 35.87
CA SER C 263 -12.32 12.71 36.18
C SER C 263 -11.60 12.53 34.85
N VAL C 264 -10.63 13.42 34.59
CA VAL C 264 -9.96 13.42 33.30
C VAL C 264 -9.09 12.18 33.17
N GLY C 265 -9.28 11.45 32.07
CA GLY C 265 -8.49 10.27 31.80
C GLY C 265 -7.09 10.61 31.34
N SER C 266 -6.48 9.66 30.63
CA SER C 266 -5.11 9.84 30.16
C SER C 266 -5.10 10.87 29.04
N SER C 267 -4.45 12.00 29.27
CA SER C 267 -4.33 13.06 28.28
C SER C 267 -3.02 12.99 27.52
N ILE C 268 -2.40 11.81 27.46
CA ILE C 268 -1.14 11.60 26.76
C ILE C 268 -1.40 10.65 25.61
N TYR C 269 -0.93 11.02 24.41
CA TYR C 269 -1.25 10.29 23.19
C TYR C 269 0.03 10.12 22.38
N VAL C 270 0.64 8.94 22.47
CA VAL C 270 1.85 8.64 21.71
C VAL C 270 1.59 7.42 20.84
N ASN C 271 2.39 7.30 19.78
CA ASN C 271 2.09 6.43 18.66
C ASN C 271 3.08 5.28 18.58
N THR C 272 2.72 4.28 17.76
CA THR C 272 3.61 3.16 17.48
C THR C 272 4.13 3.31 16.05
N PRO C 273 5.39 3.70 15.89
CA PRO C 273 5.95 3.85 14.55
C PRO C 273 6.21 2.50 13.89
N SER C 274 6.41 2.56 12.57
CA SER C 274 6.85 1.41 11.80
C SER C 274 7.48 1.90 10.50
N GLY C 275 8.27 1.03 9.89
CA GLY C 275 9.02 1.38 8.70
C GLY C 275 8.42 0.94 7.39
N SER C 276 7.30 0.22 7.42
CA SER C 276 6.58 -0.29 6.22
C SER C 276 7.55 -1.19 5.45
N LEU C 277 7.49 -1.18 4.12
CA LEU C 277 8.22 -2.16 3.33
C LEU C 277 9.69 -1.79 3.20
N VAL C 278 10.50 -2.79 2.85
CA VAL C 278 11.91 -2.62 2.55
C VAL C 278 12.10 -3.02 1.10
N SER C 279 12.52 -2.08 0.26
CA SER C 279 12.62 -2.37 -1.17
C SER C 279 14.08 -2.34 -1.62
N SER C 280 14.38 -3.21 -2.58
CA SER C 280 15.76 -3.43 -3.04
C SER C 280 16.30 -2.26 -3.85
N GLU C 281 15.47 -1.33 -4.27
CA GLU C 281 15.97 -0.11 -4.87
C GLU C 281 16.26 0.99 -3.86
N ALA C 282 15.99 0.76 -2.57
CA ALA C 282 16.03 1.82 -1.58
C ALA C 282 17.23 1.77 -0.65
N GLN C 283 18.20 0.89 -0.89
CA GLN C 283 19.41 0.91 -0.08
C GLN C 283 20.47 1.81 -0.69
N LEU C 284 21.29 2.36 0.19
CA LEU C 284 22.43 3.18 -0.18
C LEU C 284 23.71 2.37 0.00
N PHE C 285 23.64 1.08 -0.33
CA PHE C 285 24.64 0.11 0.09
C PHE C 285 24.97 -0.81 -1.06
N ASN C 286 26.15 -1.43 -0.97
CA ASN C 286 26.67 -2.37 -1.97
C ASN C 286 26.75 -1.74 -3.35
N LYS C 287 27.08 -0.44 -3.38
CA LYS C 287 27.22 0.31 -4.60
C LYS C 287 28.31 1.33 -4.35
N PRO C 288 29.20 1.57 -5.30
CA PRO C 288 30.30 2.51 -5.06
C PRO C 288 29.84 3.95 -5.05
N TYR C 289 30.63 4.80 -4.40
CA TYR C 289 30.38 6.23 -4.34
C TYR C 289 31.68 6.96 -4.62
N TRP C 290 31.58 8.06 -5.36
CA TRP C 290 32.75 8.84 -5.76
C TRP C 290 32.69 10.21 -5.13
N LEU C 291 33.71 10.57 -4.39
CA LEU C 291 33.80 11.91 -3.80
C LEU C 291 34.15 12.89 -4.91
N GLN C 292 33.15 13.62 -5.40
CA GLN C 292 33.37 14.57 -6.49
C GLN C 292 33.79 15.91 -5.92
N LYS C 293 32.94 16.51 -5.10
CA LYS C 293 33.25 17.76 -4.41
C LYS C 293 32.48 17.80 -3.11
N ALA C 294 33.19 17.70 -1.99
CA ALA C 294 32.54 17.74 -0.69
C ALA C 294 31.96 19.13 -0.43
N GLN C 295 30.87 19.16 0.33
CA GLN C 295 30.26 20.43 0.69
C GLN C 295 31.16 21.25 1.59
N GLY C 296 31.86 20.59 2.52
CA GLY C 296 32.76 21.28 3.41
C GLY C 296 34.06 21.64 2.74
N HIS C 297 34.93 22.29 3.51
CA HIS C 297 36.25 22.68 3.03
C HIS C 297 37.28 21.59 3.28
N ASN C 298 36.97 20.37 2.85
CA ASN C 298 37.87 19.22 3.02
C ASN C 298 37.55 18.25 1.88
N ASN C 299 38.32 18.32 0.80
CA ASN C 299 38.04 17.50 -0.38
C ASN C 299 38.63 16.11 -0.15
N GLY C 300 37.97 15.35 0.72
CA GLY C 300 38.43 14.01 1.04
C GLY C 300 39.75 13.96 1.76
N ILE C 301 40.11 15.01 2.48
CA ILE C 301 41.43 15.13 3.08
C ILE C 301 41.49 14.24 4.32
N CYS C 302 42.44 13.31 4.33
CA CYS C 302 42.63 12.44 5.49
C CYS C 302 43.50 13.13 6.52
N TRP C 303 42.92 14.16 7.14
CA TRP C 303 43.63 14.90 8.17
C TRP C 303 43.80 14.04 9.41
N GLY C 304 44.97 14.14 10.03
CA GLY C 304 45.28 13.32 11.17
C GLY C 304 45.63 11.89 10.85
N ASN C 305 45.71 11.55 9.55
CA ASN C 305 46.06 10.21 9.07
C ASN C 305 45.06 9.17 9.59
N GLN C 306 43.81 9.59 9.73
CA GLN C 306 42.76 8.74 10.29
C GLN C 306 41.49 8.94 9.48
N LEU C 307 40.59 7.97 9.55
CA LEU C 307 39.34 8.04 8.82
C LEU C 307 38.19 7.66 9.73
N PHE C 308 37.05 8.31 9.55
CA PHE C 308 35.88 8.08 10.38
C PHE C 308 34.70 7.82 9.46
N VAL C 309 34.18 6.59 9.48
CA VAL C 309 33.01 6.27 8.66
C VAL C 309 31.90 5.76 9.59
N THR C 310 30.73 6.37 9.51
CA THR C 310 29.64 6.02 10.39
C THR C 310 28.45 5.59 9.56
N VAL C 311 28.02 4.36 9.74
CA VAL C 311 26.88 3.81 9.02
C VAL C 311 25.94 3.14 10.00
N VAL C 312 24.67 3.08 9.61
CA VAL C 312 23.67 2.25 10.26
C VAL C 312 22.58 1.93 9.26
N ASP C 313 22.09 0.70 9.31
CA ASP C 313 21.05 0.23 8.40
C ASP C 313 20.26 -0.85 9.10
N THR C 314 18.97 -0.61 9.31
CA THR C 314 18.10 -1.58 9.94
C THR C 314 17.38 -2.46 8.93
N THR C 315 17.70 -2.31 7.65
CA THR C 315 17.03 -3.08 6.62
C THR C 315 17.49 -4.54 6.63
N ARG C 316 18.71 -4.80 7.07
CA ARG C 316 19.28 -6.14 7.12
C ARG C 316 19.51 -6.58 8.57
N SER C 317 18.55 -6.33 9.43
CA SER C 317 18.77 -6.43 10.86
C SER C 317 17.67 -7.24 11.54
N THR C 318 17.31 -8.38 10.97
CA THR C 318 16.36 -9.25 11.64
C THR C 318 16.99 -9.89 12.88
N ASN C 319 16.13 -10.38 13.77
CA ASN C 319 16.59 -11.03 14.99
C ASN C 319 16.61 -12.54 14.80
N MET C 320 17.56 -13.18 15.48
CA MET C 320 17.79 -14.61 15.32
C MET C 320 17.35 -15.36 16.57
N THR C 321 16.61 -16.44 16.37
CA THR C 321 16.02 -17.22 17.44
C THR C 321 16.86 -18.46 17.72
N LEU C 322 17.19 -18.70 18.99
CA LEU C 322 18.01 -19.83 19.40
C LEU C 322 17.27 -20.63 20.45
N CYS C 323 17.01 -21.90 20.15
CA CYS C 323 16.35 -22.76 21.13
C CYS C 323 17.14 -24.05 21.27
N ALA C 324 17.35 -24.46 22.51
CA ALA C 324 18.18 -25.60 22.84
C ALA C 324 17.43 -26.56 23.75
N SER C 325 17.82 -27.83 23.68
CA SER C 325 17.23 -28.89 24.48
C SER C 325 18.04 -29.09 25.75
N VAL C 326 17.36 -29.16 26.88
CA VAL C 326 18.01 -29.54 28.13
C VAL C 326 17.79 -31.01 28.46
N THR C 327 16.59 -31.53 28.22
CA THR C 327 16.29 -32.95 28.38
C THR C 327 15.55 -33.43 27.14
N THR C 328 15.11 -34.69 27.19
CA THR C 328 14.32 -35.29 26.13
C THR C 328 13.06 -35.89 26.74
N SER C 329 11.90 -35.47 26.26
CA SER C 329 10.63 -35.98 26.73
C SER C 329 9.83 -36.54 25.57
N SER C 330 8.77 -37.30 25.90
CA SER C 330 7.96 -37.92 24.87
C SER C 330 7.10 -36.89 24.14
N THR C 331 6.47 -35.99 24.89
CA THR C 331 5.65 -34.93 24.32
C THR C 331 6.39 -33.61 24.40
N TYR C 332 5.80 -32.59 23.80
CA TYR C 332 6.39 -31.26 23.82
C TYR C 332 6.06 -30.58 25.13
N THR C 333 7.09 -30.12 25.84
CA THR C 333 6.91 -29.36 27.06
C THR C 333 7.75 -28.08 26.98
N ASN C 334 7.24 -27.03 27.61
CA ASN C 334 7.93 -25.75 27.57
C ASN C 334 9.21 -25.77 28.38
N SER C 335 9.22 -26.50 29.50
CA SER C 335 10.36 -26.49 30.40
C SER C 335 11.56 -27.24 29.85
N ASP C 336 11.41 -28.00 28.78
CA ASP C 336 12.53 -28.72 28.18
C ASP C 336 13.28 -27.91 27.15
N TYR C 337 12.95 -26.63 26.98
CA TYR C 337 13.54 -25.81 25.94
C TYR C 337 14.03 -24.50 26.50
N LYS C 338 15.26 -24.12 26.13
CA LYS C 338 15.85 -22.85 26.53
C LYS C 338 15.94 -21.93 25.33
N GLU C 339 15.64 -20.66 25.55
CA GLU C 339 15.47 -19.70 24.47
C GLU C 339 16.48 -18.56 24.61
N TYR C 340 16.97 -18.10 23.46
CA TYR C 340 18.00 -17.06 23.39
C TYR C 340 17.74 -16.21 22.16
N MET C 341 18.06 -14.93 22.26
CA MET C 341 17.93 -13.98 21.16
C MET C 341 19.32 -13.54 20.75
N ARG C 342 19.73 -13.91 19.53
CA ARG C 342 21.05 -13.57 19.04
C ARG C 342 20.94 -12.91 17.67
N HIS C 343 21.76 -11.89 17.45
CA HIS C 343 21.75 -11.12 16.22
C HIS C 343 23.14 -11.13 15.60
N VAL C 344 23.17 -11.09 14.28
CA VAL C 344 24.41 -11.12 13.51
C VAL C 344 24.47 -9.87 12.65
N GLU C 345 25.69 -9.47 12.30
CA GLU C 345 25.87 -8.22 11.57
C GLU C 345 27.25 -8.25 10.93
N GLU C 346 27.32 -8.08 9.62
CA GLU C 346 28.61 -8.18 8.93
C GLU C 346 28.81 -6.98 8.01
N TYR C 347 30.10 -6.68 7.79
CA TYR C 347 30.51 -5.57 6.94
C TYR C 347 31.75 -5.94 6.17
N ASP C 348 31.92 -5.30 5.01
CA ASP C 348 33.24 -5.16 4.41
C ASP C 348 33.38 -3.75 3.86
N LEU C 349 34.53 -3.12 4.09
CA LEU C 349 34.77 -1.76 3.65
C LEU C 349 35.76 -1.81 2.48
N GLN C 350 35.29 -1.46 1.30
CA GLN C 350 36.14 -1.34 0.12
C GLN C 350 36.53 0.12 -0.06
N PHE C 351 37.82 0.42 0.06
CA PHE C 351 38.30 1.78 0.00
C PHE C 351 39.24 1.96 -1.17
N ILE C 352 39.15 3.10 -1.84
CA ILE C 352 40.19 3.58 -2.74
C ILE C 352 40.49 5.03 -2.41
N PHE C 353 41.77 5.33 -2.26
CA PHE C 353 42.28 6.65 -1.91
C PHE C 353 43.14 7.21 -3.02
N GLN C 354 43.31 8.52 -2.99
CA GLN C 354 44.20 9.23 -3.88
C GLN C 354 45.40 9.73 -3.08
N LEU C 355 46.56 9.77 -3.72
CA LEU C 355 47.77 10.24 -3.08
C LEU C 355 47.96 11.73 -3.37
N CYS C 356 47.92 12.55 -2.32
CA CYS C 356 47.95 13.99 -2.44
C CYS C 356 49.09 14.55 -1.62
N SER C 357 49.64 15.69 -2.05
CA SER C 357 50.79 16.30 -1.41
C SER C 357 50.51 17.75 -1.07
N ILE C 358 51.36 18.30 -0.19
CA ILE C 358 51.21 19.64 0.34
C ILE C 358 52.53 20.39 0.17
N THR C 359 52.48 21.59 -0.36
CA THR C 359 53.61 22.51 -0.35
C THR C 359 53.60 23.30 0.95
N LEU C 360 54.73 23.31 1.65
CA LEU C 360 54.80 23.84 3.01
C LEU C 360 55.42 25.23 2.99
N SER C 361 54.58 26.25 2.88
CA SER C 361 55.00 27.62 3.10
C SER C 361 54.62 28.04 4.51
N ALA C 362 55.18 29.18 4.95
CA ALA C 362 54.92 29.67 6.30
C ALA C 362 53.46 30.01 6.51
N GLU C 363 52.83 30.62 5.50
CA GLU C 363 51.38 30.85 5.56
C GLU C 363 50.62 29.53 5.59
N VAL C 364 51.09 28.55 4.80
CA VAL C 364 50.45 27.24 4.79
C VAL C 364 50.61 26.55 6.15
N VAL C 365 51.82 26.63 6.72
CA VAL C 365 52.07 26.02 8.03
C VAL C 365 51.19 26.66 9.10
N ALA C 366 51.08 27.99 9.09
CA ALA C 366 50.23 28.67 10.06
C ALA C 366 48.76 28.32 9.87
N TYR C 367 48.31 28.24 8.61
CA TYR C 367 46.91 27.91 8.34
C TYR C 367 46.57 26.50 8.81
N ILE C 368 47.44 25.55 8.51
CA ILE C 368 47.18 24.17 8.93
C ILE C 368 47.33 24.03 10.44
N HIS C 369 48.18 24.85 11.05
CA HIS C 369 48.25 24.91 12.51
C HIS C 369 46.93 25.38 13.09
N THR C 370 46.31 26.38 12.45
CA THR C 370 44.98 26.81 12.89
C THR C 370 43.93 25.74 12.60
N MET C 371 44.16 24.90 11.59
CA MET C 371 43.22 23.81 11.32
C MET C 371 43.32 22.74 12.40
N ASN C 372 44.47 22.08 12.49
CA ASN C 372 44.73 21.00 13.43
C ASN C 372 46.21 20.80 13.71
N PRO C 373 46.73 21.32 14.82
CA PRO C 373 48.18 21.29 15.05
C PRO C 373 48.74 19.91 15.32
N SER C 374 47.89 18.96 15.73
CA SER C 374 48.35 17.63 16.09
C SER C 374 49.03 16.94 14.91
N VAL C 375 48.52 17.15 13.70
CA VAL C 375 49.20 16.62 12.53
C VAL C 375 50.52 17.34 12.30
N LEU C 376 50.64 18.60 12.72
CA LEU C 376 51.91 19.32 12.55
C LEU C 376 52.98 18.76 13.46
N GLU C 377 52.64 18.40 14.72
CA GLU C 377 53.64 17.64 15.47
C GLU C 377 53.77 16.21 14.96
N ASP C 378 52.78 15.70 14.22
CA ASP C 378 52.92 14.36 13.67
C ASP C 378 53.97 14.31 12.57
N TRP C 379 54.05 15.33 11.71
CA TRP C 379 55.08 15.27 10.68
C TRP C 379 56.47 15.56 11.23
N ASN C 380 56.56 16.20 12.41
CA ASN C 380 57.81 16.64 13.01
C ASN C 380 58.61 17.53 12.05
N PHE C 381 57.91 18.49 11.44
CA PHE C 381 58.54 19.43 10.52
C PHE C 381 59.41 20.44 11.28
N PRO C 415 47.75 13.40 23.70
CA PRO C 415 46.71 13.92 24.59
C PRO C 415 45.33 13.89 23.95
N ASP C 416 45.09 12.87 23.14
CA ASP C 416 43.83 12.75 22.40
C ASP C 416 42.69 12.38 23.33
N PRO C 417 41.61 13.18 23.38
CA PRO C 417 40.43 12.77 24.14
C PRO C 417 39.64 11.65 23.48
N TYR C 418 40.00 11.27 22.26
CA TYR C 418 39.29 10.24 21.52
C TYR C 418 39.48 8.87 22.15
N LYS C 419 40.53 8.69 22.96
CA LYS C 419 40.81 7.40 23.57
C LYS C 419 39.80 7.04 24.64
N ASN C 420 39.13 8.02 25.23
CA ASN C 420 38.13 7.74 26.25
C ASN C 420 36.91 7.04 25.66
N LEU C 421 36.51 7.41 24.44
CA LEU C 421 35.29 6.88 23.86
C LEU C 421 35.56 5.52 23.21
N SER C 422 34.49 4.85 22.80
CA SER C 422 34.55 3.49 22.26
C SER C 422 34.22 3.51 20.78
N PHE C 423 35.24 3.29 19.95
CA PHE C 423 35.06 3.24 18.51
C PHE C 423 35.38 1.84 18.01
N TRP C 424 34.76 1.46 16.89
CA TRP C 424 35.11 0.19 16.26
C TRP C 424 36.42 0.41 15.52
N GLU C 425 37.53 0.13 16.21
CA GLU C 425 38.85 0.30 15.63
C GLU C 425 39.08 -0.75 14.56
N VAL C 426 39.53 -0.33 13.38
CA VAL C 426 39.84 -1.24 12.29
C VAL C 426 41.14 -0.82 11.62
N ASN C 427 42.00 -1.80 11.36
CA ASN C 427 43.35 -1.59 10.86
C ASN C 427 43.40 -1.90 9.37
N LEU C 428 43.66 -0.87 8.56
CA LEU C 428 43.86 -1.03 7.13
C LEU C 428 45.32 -0.88 6.73
N LYS C 429 46.23 -0.84 7.70
CA LYS C 429 47.64 -0.82 7.37
C LYS C 429 48.07 -2.16 6.77
N GLU C 430 49.16 -2.10 6.01
CA GLU C 430 49.77 -3.23 5.28
C GLU C 430 48.76 -4.06 4.49
N LYS C 431 47.68 -3.43 4.04
CA LYS C 431 46.66 -4.08 3.23
C LYS C 431 46.45 -3.38 1.90
N PHE C 432 47.36 -2.48 1.52
CA PHE C 432 47.17 -1.67 0.34
C PHE C 432 47.50 -2.45 -0.92
N SER C 433 47.22 -1.82 -2.06
CA SER C 433 47.54 -2.41 -3.36
C SER C 433 47.61 -1.30 -4.38
N SER C 434 48.75 -1.19 -5.07
CA SER C 434 48.89 -0.19 -6.12
C SER C 434 47.97 -0.51 -7.29
N GLU C 435 47.87 -1.78 -7.66
CA GLU C 435 46.96 -2.17 -8.73
C GLU C 435 45.52 -2.10 -8.26
N LEU C 436 44.62 -1.89 -9.22
CA LEU C 436 43.19 -1.87 -8.95
C LEU C 436 42.44 -2.92 -9.76
N ASP C 437 43.11 -3.62 -10.66
CA ASP C 437 42.45 -4.59 -11.52
C ASP C 437 42.04 -5.86 -10.79
N GLN C 438 42.54 -6.10 -9.58
CA GLN C 438 42.16 -7.29 -8.85
C GLN C 438 40.96 -7.06 -7.94
N TYR C 439 40.49 -5.82 -7.82
CA TYR C 439 39.39 -5.54 -6.91
C TYR C 439 38.20 -4.98 -7.66
N PRO C 440 36.99 -5.42 -7.32
CA PRO C 440 35.79 -4.94 -8.03
C PRO C 440 35.57 -3.44 -7.92
N LEU C 441 35.91 -2.86 -6.76
CA LEU C 441 35.87 -1.42 -6.62
C LEU C 441 36.84 -0.76 -7.58
N GLY C 442 38.01 -1.38 -7.78
CA GLY C 442 38.96 -0.84 -8.73
C GLY C 442 38.44 -0.85 -10.16
N ARG C 443 37.78 -1.95 -10.55
CA ARG C 443 37.18 -2.02 -11.88
C ARG C 443 36.08 -0.98 -12.06
N LYS C 444 35.20 -0.86 -11.08
CA LYS C 444 34.13 0.13 -11.16
C LYS C 444 34.69 1.55 -11.15
N PHE C 445 35.83 1.75 -10.52
CA PHE C 445 36.48 3.05 -10.56
C PHE C 445 37.08 3.33 -11.93
N LEU C 446 37.78 2.35 -12.51
CA LEU C 446 38.47 2.60 -13.76
C LEU C 446 37.55 2.50 -14.97
N LEU C 447 36.29 2.11 -14.78
CA LEU C 447 35.33 2.17 -15.88
C LEU C 447 35.12 3.62 -16.32
N GLN C 448 35.08 4.55 -15.38
CA GLN C 448 34.90 5.96 -15.68
C GLN C 448 36.18 6.73 -15.37
N SER C 449 36.53 7.64 -16.28
CA SER C 449 37.76 8.45 -16.22
C SER C 449 39.02 7.61 -16.09
N LYS D 1 49.84 -10.84 -11.42
CA LYS D 1 49.37 -12.15 -10.97
C LYS D 1 48.10 -12.55 -11.69
N VAL D 2 47.09 -11.70 -11.61
CA VAL D 2 45.79 -11.95 -12.22
C VAL D 2 45.58 -10.94 -13.33
N VAL D 3 45.21 -11.42 -14.51
CA VAL D 3 44.99 -10.56 -15.67
C VAL D 3 43.56 -10.78 -16.15
N ALA D 4 43.00 -9.76 -16.80
CA ALA D 4 41.66 -9.86 -17.36
C ALA D 4 41.62 -10.90 -18.46
N THR D 5 40.46 -11.54 -18.60
CA THR D 5 40.28 -12.56 -19.62
C THR D 5 40.29 -11.98 -21.03
N ASP D 6 40.00 -10.69 -21.18
CA ASP D 6 39.96 -10.07 -22.49
C ASP D 6 41.34 -9.95 -23.12
N ALA D 7 42.40 -10.07 -22.31
CA ALA D 7 43.75 -9.91 -22.83
C ALA D 7 44.14 -11.05 -23.75
N TYR D 8 43.67 -12.26 -23.48
CA TYR D 8 44.13 -13.43 -24.21
C TYR D 8 43.07 -14.11 -25.07
N VAL D 9 41.80 -14.05 -24.68
CA VAL D 9 40.77 -14.68 -25.51
C VAL D 9 40.53 -13.85 -26.76
N THR D 10 39.95 -14.49 -27.77
CA THR D 10 39.60 -13.83 -29.02
C THR D 10 38.13 -14.08 -29.32
N ARG D 11 37.38 -12.99 -29.52
CA ARG D 11 35.95 -13.08 -29.78
C ARG D 11 35.72 -13.12 -31.28
N THR D 12 34.99 -14.13 -31.74
CA THR D 12 34.64 -14.29 -33.14
C THR D 12 33.14 -14.06 -33.32
N ASN D 13 32.75 -13.65 -34.53
CA ASN D 13 31.36 -13.33 -34.81
C ASN D 13 30.57 -14.55 -35.23
N ILE D 14 30.63 -15.61 -34.43
CA ILE D 14 29.85 -16.82 -34.64
C ILE D 14 28.98 -17.03 -33.41
N PHE D 15 27.67 -17.12 -33.62
CA PHE D 15 26.71 -17.13 -32.53
C PHE D 15 25.76 -18.30 -32.71
N TYR D 16 25.42 -18.94 -31.59
CA TYR D 16 24.57 -20.13 -31.61
C TYR D 16 23.49 -20.05 -30.54
N HIS D 17 22.35 -20.61 -30.87
CA HIS D 17 21.16 -20.57 -30.03
C HIS D 17 20.96 -21.90 -29.32
N ALA D 18 20.43 -21.82 -28.10
CA ALA D 18 20.07 -23.00 -27.33
C ALA D 18 18.73 -22.78 -26.67
N SER D 19 17.91 -23.83 -26.62
CA SER D 19 16.62 -23.76 -25.95
C SER D 19 16.34 -25.10 -25.29
N SER D 20 16.12 -25.08 -23.98
CA SER D 20 15.85 -26.31 -23.26
C SER D 20 14.39 -26.74 -23.35
N SER D 21 13.57 -25.98 -24.08
CA SER D 21 12.15 -26.24 -24.27
C SER D 21 11.39 -26.30 -22.95
N ARG D 22 10.23 -26.95 -22.97
CA ARG D 22 9.30 -26.89 -21.84
C ARG D 22 9.81 -27.71 -20.66
N LEU D 23 10.53 -27.06 -19.75
CA LEU D 23 11.01 -27.71 -18.54
C LEU D 23 9.94 -27.64 -17.46
N LEU D 24 9.62 -28.78 -16.86
CA LEU D 24 8.58 -28.87 -15.85
C LEU D 24 9.15 -29.29 -14.52
N ALA D 25 8.44 -28.92 -13.45
CA ALA D 25 8.78 -29.37 -12.11
C ALA D 25 7.48 -29.35 -11.30
N VAL D 26 6.94 -30.53 -11.04
CA VAL D 26 5.72 -30.68 -10.25
C VAL D 26 6.04 -31.47 -9.00
N GLY D 27 5.53 -31.00 -7.87
CA GLY D 27 5.78 -31.71 -6.63
C GLY D 27 5.12 -31.00 -5.46
N HIS D 28 5.19 -31.66 -4.32
CA HIS D 28 4.54 -31.14 -3.12
C HIS D 28 5.28 -29.91 -2.62
N PRO D 29 4.58 -28.82 -2.31
CA PRO D 29 5.25 -27.55 -2.02
C PRO D 29 5.89 -27.47 -0.64
N TYR D 30 5.59 -28.40 0.26
CA TYR D 30 6.08 -28.25 1.63
C TYR D 30 7.19 -29.22 1.97
N PHE D 31 7.07 -30.49 1.58
CA PHE D 31 8.08 -31.49 1.89
C PHE D 31 7.99 -32.60 0.87
N SER D 32 9.08 -33.37 0.78
CA SER D 32 9.15 -34.47 -0.17
C SER D 32 8.47 -35.69 0.45
N ILE D 33 7.35 -36.11 -0.14
CA ILE D 33 6.65 -37.28 0.37
C ILE D 33 7.43 -38.53 0.02
N LYS D 34 7.37 -39.53 0.91
CA LYS D 34 8.05 -40.79 0.71
C LYS D 34 7.03 -41.92 0.82
N ARG D 35 6.94 -42.74 -0.23
CA ARG D 35 6.12 -43.93 -0.22
C ARG D 35 7.00 -45.09 -0.63
N ALA D 36 7.06 -46.11 0.24
CA ALA D 36 7.93 -47.29 0.08
C ALA D 36 9.38 -46.87 -0.13
N ASN D 37 9.88 -46.05 0.80
CA ASN D 37 11.23 -45.48 0.89
C ASN D 37 11.81 -44.99 -0.44
N LYS D 38 10.96 -44.43 -1.29
CA LYS D 38 11.40 -43.81 -2.52
C LYS D 38 10.57 -42.56 -2.78
N THR D 39 11.19 -41.59 -3.44
CA THR D 39 10.54 -40.30 -3.69
C THR D 39 9.56 -40.48 -4.83
N VAL D 40 8.32 -40.83 -4.48
CA VAL D 40 7.26 -40.90 -5.46
C VAL D 40 6.94 -39.51 -5.99
N VAL D 41 6.76 -38.55 -5.09
CA VAL D 41 6.60 -37.15 -5.46
C VAL D 41 7.64 -36.32 -4.73
N PRO D 42 8.60 -35.72 -5.44
CA PRO D 42 9.62 -34.91 -4.77
C PRO D 42 9.06 -33.56 -4.35
N LYS D 43 9.83 -32.87 -3.52
CA LYS D 43 9.43 -31.56 -3.03
C LYS D 43 9.76 -30.52 -4.09
N VAL D 44 8.73 -29.88 -4.64
CA VAL D 44 8.89 -28.79 -5.59
C VAL D 44 8.11 -27.60 -5.07
N SER D 45 8.80 -26.49 -4.85
CA SER D 45 8.17 -25.27 -4.37
C SER D 45 8.82 -24.07 -5.04
N GLY D 46 8.06 -22.97 -5.08
CA GLY D 46 8.64 -21.72 -5.52
C GLY D 46 9.55 -21.08 -4.51
N TYR D 47 9.54 -21.59 -3.28
CA TYR D 47 10.40 -21.13 -2.20
C TYR D 47 11.75 -21.83 -2.20
N GLN D 48 12.12 -22.47 -3.31
CA GLN D 48 13.25 -23.37 -3.37
C GLN D 48 14.22 -22.88 -4.44
N TYR D 49 15.52 -23.02 -4.17
CA TYR D 49 16.53 -22.63 -5.14
C TYR D 49 16.44 -23.49 -6.39
N ARG D 50 16.55 -22.87 -7.55
CA ARG D 50 16.61 -23.60 -8.81
C ARG D 50 18.02 -23.49 -9.36
N VAL D 51 18.76 -24.59 -9.28
CA VAL D 51 20.15 -24.66 -9.69
C VAL D 51 20.21 -25.45 -11.00
N PHE D 52 20.60 -24.76 -12.07
CA PHE D 52 20.59 -25.31 -13.41
C PHE D 52 22.04 -25.48 -13.85
N LYS D 53 22.50 -26.72 -13.90
CA LYS D 53 23.76 -27.10 -14.51
C LYS D 53 23.44 -27.42 -15.96
N VAL D 54 23.76 -26.51 -16.86
CA VAL D 54 23.53 -26.74 -18.28
C VAL D 54 24.84 -27.19 -18.92
N VAL D 55 24.77 -28.31 -19.64
CA VAL D 55 25.96 -28.91 -20.22
C VAL D 55 25.99 -28.59 -21.70
N LEU D 56 27.21 -28.45 -22.23
CA LEU D 56 27.44 -28.03 -23.60
C LEU D 56 28.36 -29.03 -24.27
N PRO D 57 28.30 -29.16 -25.61
CA PRO D 57 29.16 -30.12 -26.30
C PRO D 57 30.64 -29.74 -26.30
N ASP D 58 31.47 -30.52 -26.96
CA ASP D 58 32.88 -30.17 -27.09
C ASP D 58 33.07 -29.36 -28.37
N PRO D 59 33.47 -28.10 -28.28
CA PRO D 59 33.74 -27.34 -29.50
C PRO D 59 34.90 -27.87 -30.31
N ASN D 60 35.83 -28.59 -29.67
CA ASN D 60 36.98 -29.14 -30.39
C ASN D 60 36.56 -30.18 -31.41
N LYS D 61 35.60 -31.03 -31.05
CA LYS D 61 35.06 -32.01 -31.99
C LYS D 61 33.71 -31.60 -32.55
N PHE D 62 33.27 -30.38 -32.29
CA PHE D 62 32.03 -29.90 -32.88
C PHE D 62 32.21 -29.66 -34.38
N ALA D 63 31.14 -29.94 -35.13
CA ALA D 63 31.16 -29.78 -36.58
C ALA D 63 30.90 -28.32 -36.92
N LEU D 64 31.96 -27.53 -36.86
CA LEU D 64 31.85 -26.10 -37.17
C LEU D 64 31.65 -25.91 -38.66
N PRO D 65 30.85 -24.91 -39.05
CA PRO D 65 30.75 -24.57 -40.49
C PRO D 65 32.05 -24.07 -41.08
N ASP D 66 32.88 -23.41 -40.28
CA ASP D 66 34.16 -22.85 -40.75
C ASP D 66 35.26 -23.31 -39.79
N SER D 67 35.93 -24.41 -40.14
CA SER D 67 37.08 -24.89 -39.41
C SER D 67 38.40 -24.34 -39.93
N SER D 68 38.35 -23.53 -41.00
CA SER D 68 39.57 -22.95 -41.55
C SER D 68 40.18 -21.91 -40.62
N LEU D 69 39.34 -21.16 -39.90
CA LEU D 69 39.86 -20.24 -38.89
C LEU D 69 40.46 -20.99 -37.72
N PHE D 70 39.92 -22.17 -37.40
CA PHE D 70 40.45 -22.95 -36.30
C PHE D 70 41.79 -23.59 -36.67
N ASP D 71 42.67 -23.69 -35.68
CA ASP D 71 43.91 -24.42 -35.79
C ASP D 71 43.97 -25.47 -34.68
N PRO D 72 44.22 -26.74 -35.01
CA PRO D 72 44.32 -27.77 -33.95
C PRO D 72 45.50 -27.56 -33.02
N THR D 73 46.49 -26.77 -33.42
CA THR D 73 47.65 -26.48 -32.58
C THR D 73 47.55 -25.05 -32.05
N THR D 74 47.76 -24.91 -30.74
CA THR D 74 47.79 -23.63 -30.01
C THR D 74 46.49 -22.83 -30.13
N GLN D 75 45.39 -23.48 -30.50
CA GLN D 75 44.09 -22.82 -30.56
C GLN D 75 43.02 -23.81 -30.13
N ARG D 76 42.19 -23.41 -29.17
CA ARG D 76 41.02 -24.17 -28.78
C ARG D 76 39.80 -23.28 -28.88
N LEU D 77 38.64 -23.91 -29.04
CA LEU D 77 37.37 -23.21 -29.11
C LEU D 77 36.59 -23.45 -27.83
N VAL D 78 35.98 -22.38 -27.32
CA VAL D 78 35.09 -22.44 -26.17
C VAL D 78 34.00 -21.38 -26.38
N TRP D 79 32.76 -21.73 -26.03
CA TRP D 79 31.71 -20.74 -26.15
C TRP D 79 31.84 -19.66 -25.09
N ALA D 80 31.24 -18.51 -25.39
CA ALA D 80 31.11 -17.42 -24.45
C ALA D 80 29.63 -17.10 -24.31
N CYS D 81 29.19 -16.91 -23.07
CA CYS D 81 27.79 -16.61 -22.83
C CYS D 81 27.47 -15.20 -23.30
N THR D 82 26.37 -15.05 -24.04
CA THR D 82 26.00 -13.76 -24.62
C THR D 82 24.65 -13.27 -24.14
N GLY D 83 23.64 -14.13 -24.12
CA GLY D 83 22.31 -13.66 -23.76
C GLY D 83 21.48 -14.72 -23.07
N LEU D 84 20.67 -14.26 -22.11
CA LEU D 84 19.90 -15.09 -21.21
C LEU D 84 18.41 -14.83 -21.39
N GLU D 85 17.63 -15.89 -21.20
CA GLU D 85 16.18 -15.75 -21.04
C GLU D 85 15.67 -16.90 -20.18
N VAL D 86 15.13 -16.56 -19.02
CA VAL D 86 14.50 -17.53 -18.13
C VAL D 86 12.98 -17.36 -18.27
N GLY D 87 12.39 -18.24 -19.07
CA GLY D 87 10.98 -18.20 -19.38
C GLY D 87 10.11 -18.90 -18.38
N ARG D 88 9.81 -18.25 -17.26
CA ARG D 88 8.76 -18.74 -16.38
C ARG D 88 7.40 -18.55 -17.04
N GLY D 89 6.52 -19.52 -16.86
CA GLY D 89 5.24 -19.49 -17.55
C GLY D 89 4.02 -19.43 -16.64
N GLN D 90 4.24 -19.34 -15.35
CA GLN D 90 3.16 -19.37 -14.39
C GLN D 90 2.40 -18.06 -14.36
N PRO D 91 1.10 -18.09 -14.03
CA PRO D 91 0.43 -16.87 -13.57
C PRO D 91 1.11 -16.35 -12.32
N LEU D 92 1.11 -15.03 -12.17
CA LEU D 92 1.79 -14.40 -11.05
C LEU D 92 0.97 -14.63 -9.78
N GLY D 93 1.52 -15.41 -8.86
CA GLY D 93 0.80 -15.78 -7.65
C GLY D 93 1.73 -16.05 -6.49
N VAL D 94 1.22 -15.83 -5.28
CA VAL D 94 2.00 -15.94 -4.06
C VAL D 94 1.58 -17.18 -3.29
N GLY D 95 2.56 -17.89 -2.74
CA GLY D 95 2.29 -19.11 -2.01
C GLY D 95 2.15 -18.90 -0.52
N VAL D 96 1.65 -19.93 0.16
CA VAL D 96 1.39 -19.91 1.59
C VAL D 96 2.12 -21.07 2.23
N SER D 97 2.82 -20.80 3.33
CA SER D 97 3.37 -21.82 4.21
C SER D 97 2.72 -21.69 5.59
N GLY D 98 3.21 -22.47 6.53
CA GLY D 98 2.71 -22.37 7.89
C GLY D 98 3.10 -23.58 8.70
N HIS D 99 2.57 -23.62 9.93
CA HIS D 99 2.80 -24.73 10.82
C HIS D 99 1.48 -25.01 11.53
N PRO D 100 1.06 -26.27 11.60
CA PRO D 100 -0.10 -26.60 12.45
C PRO D 100 0.18 -26.45 13.92
N PHE D 101 1.45 -26.47 14.32
CA PHE D 101 1.82 -26.32 15.73
C PHE D 101 3.06 -25.43 15.75
N LEU D 102 2.83 -24.13 15.85
CA LEU D 102 3.91 -23.16 15.91
C LEU D 102 3.87 -22.48 17.26
N ASN D 103 5.02 -22.04 17.76
CA ASN D 103 5.09 -21.39 19.06
C ASN D 103 4.46 -20.00 19.00
N LYS D 104 3.15 -19.95 18.79
CA LYS D 104 2.38 -18.71 18.70
C LYS D 104 1.68 -18.55 20.05
N TYR D 105 2.41 -17.98 21.01
CA TYR D 105 1.89 -17.88 22.37
C TYR D 105 0.74 -16.88 22.44
N ASP D 106 1.01 -15.62 22.13
CA ASP D 106 -0.01 -14.59 22.14
C ASP D 106 0.40 -13.51 21.16
N ASP D 107 -0.58 -12.93 20.46
CA ASP D 107 -0.29 -11.72 19.70
C ASP D 107 -0.06 -10.55 20.66
N VAL D 108 0.92 -9.71 20.33
CA VAL D 108 1.41 -8.71 21.25
C VAL D 108 1.23 -7.31 20.65
N GLU D 109 0.55 -7.24 19.50
CA GLU D 109 0.54 -6.04 18.66
C GLU D 109 -0.14 -4.86 19.35
N ASN D 110 -1.31 -5.08 19.95
CA ASN D 110 -2.02 -4.03 20.64
C ASN D 110 -2.36 -4.38 22.09
N SER D 111 -2.44 -5.66 22.43
CA SER D 111 -2.75 -6.07 23.79
C SER D 111 -2.09 -7.42 24.05
N GLY D 112 -1.87 -7.71 25.33
CA GLY D 112 -1.23 -8.94 25.73
C GLY D 112 -2.05 -9.69 26.77
N SER D 113 -1.95 -11.02 26.73
CA SER D 113 -2.63 -11.89 27.66
C SER D 113 -1.77 -12.09 28.90
N GLY D 114 -2.10 -13.10 29.71
CA GLY D 114 -1.32 -13.37 30.90
C GLY D 114 0.11 -13.78 30.58
N GLY D 115 0.99 -13.57 31.55
CA GLY D 115 2.42 -13.71 31.34
C GLY D 115 2.92 -15.12 31.09
N ASN D 116 2.85 -15.99 32.10
CA ASN D 116 3.48 -17.31 32.01
C ASN D 116 2.60 -18.27 31.23
N PRO D 117 3.15 -18.98 30.23
CA PRO D 117 2.36 -19.96 29.48
C PRO D 117 1.82 -21.12 30.32
N GLY D 118 0.99 -21.96 29.69
CA GLY D 118 0.58 -23.20 30.31
C GLY D 118 1.52 -24.32 29.93
N GLN D 119 0.97 -25.52 29.72
CA GLN D 119 1.79 -26.66 29.33
C GLN D 119 2.19 -26.57 27.87
N ASP D 120 1.20 -26.43 26.98
CA ASP D 120 1.45 -26.41 25.54
C ASP D 120 0.53 -25.38 24.91
N ASN D 121 1.11 -24.26 24.48
CA ASN D 121 0.39 -23.20 23.78
C ASN D 121 1.07 -23.08 22.43
N ARG D 122 0.59 -23.86 21.46
CA ARG D 122 1.29 -24.05 20.20
C ARG D 122 0.25 -24.40 19.15
N VAL D 123 -0.14 -23.41 18.35
CA VAL D 123 -1.41 -23.47 17.64
C VAL D 123 -1.24 -23.48 16.13
N ASN D 124 -2.35 -23.65 15.41
CA ASN D 124 -2.35 -23.56 13.96
C ASN D 124 -2.11 -22.12 13.55
N VAL D 125 -1.08 -21.89 12.72
CA VAL D 125 -0.89 -20.56 12.13
C VAL D 125 -0.10 -20.66 10.84
N GLY D 126 -0.56 -19.94 9.81
CA GLY D 126 0.10 -19.91 8.53
C GLY D 126 0.51 -18.49 8.18
N MET D 127 1.28 -18.38 7.11
CA MET D 127 1.88 -17.10 6.72
C MET D 127 2.40 -17.24 5.30
N ASP D 128 2.95 -16.14 4.79
CA ASP D 128 3.68 -16.13 3.54
C ASP D 128 5.03 -15.47 3.76
N TYR D 129 5.97 -15.77 2.87
CA TYR D 129 7.31 -15.26 3.07
C TYR D 129 7.51 -13.95 2.33
N LYS D 130 8.75 -13.48 2.35
CA LYS D 130 9.09 -12.24 1.68
C LYS D 130 9.12 -12.45 0.17
N GLN D 131 9.00 -11.35 -0.56
CA GLN D 131 8.91 -11.40 -2.01
C GLN D 131 10.31 -11.33 -2.60
N THR D 132 10.71 -12.40 -3.30
CA THR D 132 12.08 -12.59 -3.75
C THR D 132 12.13 -12.76 -5.25
N GLN D 133 13.13 -12.13 -5.88
CA GLN D 133 13.50 -12.42 -7.26
C GLN D 133 15.02 -12.38 -7.34
N LEU D 134 15.61 -13.42 -7.90
CA LEU D 134 17.06 -13.54 -7.92
C LEU D 134 17.54 -14.39 -9.08
N CYS D 135 18.51 -13.86 -9.82
CA CYS D 135 19.22 -14.64 -10.83
C CYS D 135 20.72 -14.44 -10.70
N MET D 136 21.42 -15.57 -10.73
CA MET D 136 22.87 -15.69 -10.69
C MET D 136 23.29 -16.47 -11.93
N VAL D 137 24.35 -16.03 -12.59
CA VAL D 137 24.85 -16.70 -13.79
C VAL D 137 26.38 -16.74 -13.75
N GLY D 138 26.95 -17.86 -14.16
CA GLY D 138 28.39 -17.98 -14.16
C GLY D 138 28.83 -19.34 -14.67
N CYS D 139 30.12 -19.61 -14.50
CA CYS D 139 30.68 -20.89 -14.89
C CYS D 139 31.02 -21.80 -13.71
N ALA D 140 31.00 -21.27 -12.50
CA ALA D 140 31.28 -22.05 -11.31
C ALA D 140 30.18 -21.80 -10.28
N PRO D 141 29.74 -22.82 -9.54
CA PRO D 141 28.50 -22.71 -8.80
C PRO D 141 28.67 -21.85 -7.56
N PRO D 142 27.65 -21.07 -7.19
CA PRO D 142 27.82 -20.10 -6.12
C PRO D 142 27.94 -20.75 -4.75
N LEU D 143 28.68 -20.07 -3.87
CA LEU D 143 28.79 -20.45 -2.47
C LEU D 143 27.98 -19.48 -1.63
N GLY D 144 27.26 -20.03 -0.65
CA GLY D 144 26.40 -19.23 0.20
C GLY D 144 26.49 -19.72 1.63
N GLU D 145 25.98 -18.90 2.53
CA GLU D 145 26.28 -19.07 3.94
C GLU D 145 25.02 -19.15 4.77
N HIS D 146 25.17 -19.74 5.95
CA HIS D 146 24.10 -19.81 6.92
C HIS D 146 24.71 -19.87 8.30
N TRP D 147 23.92 -19.48 9.29
CA TRP D 147 24.40 -19.47 10.67
C TRP D 147 24.13 -20.81 11.31
N GLY D 148 25.18 -21.45 11.82
CA GLY D 148 25.05 -22.80 12.32
C GLY D 148 25.89 -23.03 13.57
N LYS D 149 25.64 -24.19 14.17
CA LYS D 149 26.39 -24.63 15.35
C LYS D 149 27.77 -25.06 14.91
N GLY D 150 28.75 -24.19 15.07
CA GLY D 150 30.10 -24.50 14.68
C GLY D 150 30.81 -25.38 15.69
N LYS D 151 32.08 -25.11 15.94
CA LYS D 151 32.81 -25.85 16.95
C LYS D 151 32.30 -25.49 18.34
N GLN D 152 32.52 -26.39 19.29
CA GLN D 152 32.08 -26.20 20.66
C GLN D 152 32.79 -25.01 21.31
N CYS D 153 32.28 -24.61 22.47
CA CYS D 153 32.71 -23.37 23.11
C CYS D 153 34.17 -23.45 23.56
N THR D 154 34.80 -22.29 23.63
CA THR D 154 36.21 -22.21 24.01
C THR D 154 36.37 -22.57 25.49
N ASN D 155 37.62 -22.87 25.85
CA ASN D 155 38.04 -23.40 27.15
C ASN D 155 37.30 -24.72 27.36
N THR D 156 36.93 -25.04 28.60
CA THR D 156 36.23 -26.28 28.94
C THR D 156 34.98 -26.01 29.77
N PRO D 157 33.95 -25.43 29.16
CA PRO D 157 32.72 -25.16 29.91
C PRO D 157 31.77 -26.34 29.91
N VAL D 158 31.11 -26.54 31.05
CA VAL D 158 30.09 -27.56 31.18
C VAL D 158 28.72 -26.90 31.03
N GLN D 159 27.85 -27.54 30.24
CA GLN D 159 26.61 -26.91 29.84
C GLN D 159 25.48 -27.93 29.85
N ALA D 160 24.25 -27.40 29.89
CA ALA D 160 23.03 -28.20 29.76
C ALA D 160 22.02 -27.32 29.03
N GLY D 161 21.95 -27.48 27.72
CA GLY D 161 21.07 -26.65 26.90
C GLY D 161 21.47 -25.18 26.87
N ASP D 162 22.76 -24.89 26.87
CA ASP D 162 23.21 -23.51 26.81
C ASP D 162 23.22 -23.04 25.36
N CYS D 163 23.60 -21.78 25.17
CA CYS D 163 23.65 -21.20 23.83
C CYS D 163 24.84 -21.74 23.06
N PRO D 164 24.65 -22.38 21.92
CA PRO D 164 25.78 -22.85 21.13
C PRO D 164 26.45 -21.70 20.40
N PRO D 165 27.72 -21.83 20.04
CA PRO D 165 28.39 -20.76 19.29
C PRO D 165 27.83 -20.64 17.88
N LEU D 166 27.94 -19.43 17.35
CA LEU D 166 27.42 -19.11 16.03
C LEU D 166 28.56 -19.13 15.03
N GLU D 167 28.35 -19.80 13.90
CA GLU D 167 29.37 -19.84 12.85
C GLU D 167 28.74 -19.57 11.51
N LEU D 168 29.38 -18.70 10.73
CA LEU D 168 29.00 -18.40 9.35
C LEU D 168 29.55 -19.53 8.48
N ILE D 169 28.74 -20.56 8.29
CA ILE D 169 29.16 -21.74 7.54
C ILE D 169 28.90 -21.52 6.07
N THR D 170 29.91 -21.83 5.25
CA THR D 170 29.89 -21.62 3.81
C THR D 170 29.74 -22.96 3.10
N SER D 171 28.79 -23.04 2.18
CA SER D 171 28.61 -24.25 1.37
C SER D 171 28.07 -23.85 0.01
N VAL D 172 28.32 -24.71 -0.98
CA VAL D 172 27.86 -24.44 -2.33
C VAL D 172 26.35 -24.65 -2.40
N ILE D 173 25.65 -23.72 -3.04
CA ILE D 173 24.21 -23.86 -3.21
C ILE D 173 23.94 -24.96 -4.23
N GLN D 174 23.30 -26.04 -3.79
CA GLN D 174 22.80 -27.06 -4.69
C GLN D 174 21.29 -26.97 -4.77
N ASP D 175 20.72 -27.63 -5.77
CA ASP D 175 19.27 -27.66 -5.90
C ASP D 175 18.69 -28.50 -4.77
N GLY D 176 17.58 -28.02 -4.20
CA GLY D 176 17.01 -28.56 -2.98
C GLY D 176 17.07 -27.59 -1.82
N ASP D 177 18.06 -26.70 -1.82
CA ASP D 177 18.09 -25.62 -0.85
C ASP D 177 16.96 -24.65 -1.12
N MET D 178 16.52 -23.96 -0.07
CA MET D 178 15.35 -23.10 -0.15
C MET D 178 15.68 -21.68 0.29
N VAL D 179 14.89 -20.74 -0.24
CA VAL D 179 15.24 -19.32 -0.21
C VAL D 179 15.08 -18.78 1.21
N ASP D 180 15.85 -17.74 1.52
CA ASP D 180 15.75 -17.09 2.82
C ASP D 180 14.41 -16.38 2.93
N THR D 181 13.75 -16.60 4.06
CA THR D 181 12.50 -15.93 4.38
C THR D 181 12.82 -14.63 5.10
N GLY D 182 11.83 -14.06 5.77
CA GLY D 182 12.12 -12.99 6.69
C GLY D 182 12.61 -13.44 8.04
N PHE D 183 12.94 -14.73 8.20
CA PHE D 183 13.32 -15.27 9.50
C PHE D 183 14.83 -15.25 9.72
N GLY D 184 15.62 -15.58 8.70
CA GLY D 184 17.06 -15.54 8.82
C GLY D 184 17.77 -16.74 8.24
N ALA D 185 18.92 -16.51 7.60
CA ALA D 185 19.65 -17.57 6.91
C ALA D 185 20.43 -18.38 7.93
N MET D 186 20.03 -19.63 8.12
CA MET D 186 20.53 -20.47 9.21
C MET D 186 20.11 -21.91 8.97
N ASN D 187 20.65 -22.80 9.79
CA ASN D 187 20.35 -24.23 9.75
C ASN D 187 19.30 -24.53 10.82
N PHE D 188 18.06 -24.78 10.40
CA PHE D 188 16.99 -25.05 11.35
C PHE D 188 17.12 -26.43 11.98
N ALA D 189 17.70 -27.38 11.26
CA ALA D 189 17.79 -28.74 11.79
C ALA D 189 18.72 -28.82 13.00
N ASP D 190 19.84 -28.12 12.95
CA ASP D 190 20.85 -28.19 14.00
C ASP D 190 20.66 -27.09 15.05
N LEU D 191 20.66 -25.83 14.62
CA LEU D 191 20.68 -24.72 15.56
C LEU D 191 19.35 -24.56 16.28
N GLN D 192 18.28 -25.13 15.74
CA GLN D 192 16.98 -25.13 16.38
C GLN D 192 16.62 -26.56 16.78
N THR D 193 16.26 -26.74 18.05
CA THR D 193 15.87 -28.05 18.56
C THR D 193 14.37 -28.15 18.80
N ASN D 194 13.64 -27.03 18.77
CA ASN D 194 12.21 -27.07 18.99
C ASN D 194 11.48 -27.74 17.84
N LYS D 195 11.91 -27.46 16.60
CA LYS D 195 11.18 -27.80 15.38
C LYS D 195 9.78 -27.20 15.36
N SER D 196 9.60 -26.10 16.10
CA SER D 196 8.30 -25.45 16.21
C SER D 196 8.44 -23.93 16.25
N ASP D 197 9.44 -23.39 15.56
CA ASP D 197 9.67 -21.96 15.53
C ASP D 197 9.68 -21.40 14.11
N VAL D 198 9.22 -22.18 13.14
CA VAL D 198 9.26 -21.81 11.72
C VAL D 198 8.22 -22.69 11.02
N PRO D 199 7.63 -22.26 9.90
CA PRO D 199 6.75 -23.16 9.15
C PRO D 199 7.44 -24.43 8.69
N ILE D 200 6.61 -25.44 8.39
CA ILE D 200 7.09 -26.81 8.26
C ILE D 200 7.97 -27.01 7.03
N ASP D 201 7.92 -26.10 6.05
CA ASP D 201 8.62 -26.35 4.79
C ASP D 201 10.14 -26.29 4.98
N ILE D 202 10.61 -25.38 5.82
CA ILE D 202 12.04 -25.24 6.02
C ILE D 202 12.43 -25.58 7.46
N CYS D 203 11.55 -26.27 8.18
CA CYS D 203 11.82 -26.59 9.58
C CYS D 203 12.95 -27.60 9.70
N GLY D 204 13.07 -28.52 8.75
CA GLY D 204 14.11 -29.52 8.82
C GLY D 204 15.33 -29.19 7.98
N THR D 205 15.26 -28.10 7.24
CA THR D 205 16.29 -27.80 6.24
C THR D 205 17.02 -26.52 6.62
N THR D 206 17.84 -26.04 5.67
CA THR D 206 18.67 -24.87 5.85
C THR D 206 18.41 -23.90 4.70
N CYS D 207 18.27 -22.63 5.02
CA CYS D 207 18.13 -21.58 4.02
C CYS D 207 19.39 -20.71 4.03
N LYS D 208 19.89 -20.39 2.84
CA LYS D 208 21.17 -19.72 2.67
C LYS D 208 21.02 -18.49 1.77
N TYR D 209 22.03 -17.62 1.82
CA TYR D 209 22.09 -16.38 1.06
C TYR D 209 23.32 -16.33 0.19
N PRO D 210 23.24 -15.76 -1.01
CA PRO D 210 24.44 -15.58 -1.82
C PRO D 210 25.38 -14.56 -1.19
N ASP D 211 26.68 -14.86 -1.25
CA ASP D 211 27.71 -13.99 -0.70
C ASP D 211 28.29 -13.14 -1.82
N TYR D 212 27.55 -12.06 -2.13
CA TYR D 212 27.96 -11.13 -3.19
C TYR D 212 29.30 -10.48 -2.89
N LEU D 213 29.71 -10.44 -1.62
CA LEU D 213 31.05 -10.05 -1.27
C LEU D 213 32.07 -11.08 -1.75
N GLN D 214 31.92 -12.33 -1.31
CA GLN D 214 32.89 -13.36 -1.67
C GLN D 214 32.72 -13.84 -3.10
N MET D 215 31.56 -13.63 -3.71
CA MET D 215 31.47 -13.70 -5.17
C MET D 215 32.41 -12.67 -5.80
N ALA D 216 32.36 -11.44 -5.30
CA ALA D 216 33.20 -10.39 -5.84
C ALA D 216 34.65 -10.54 -5.40
N ALA D 217 34.87 -11.08 -4.21
CA ALA D 217 36.23 -11.20 -3.68
C ALA D 217 37.05 -12.27 -4.39
N ASP D 218 36.42 -13.11 -5.22
CA ASP D 218 37.15 -14.16 -5.90
C ASP D 218 38.10 -13.57 -6.93
N PRO D 219 39.28 -14.15 -7.12
CA PRO D 219 40.29 -13.52 -7.98
C PRO D 219 39.95 -13.55 -9.45
N TYR D 220 39.24 -14.57 -9.93
CA TYR D 220 39.03 -14.72 -11.36
C TYR D 220 37.63 -14.36 -11.82
N GLY D 221 36.69 -14.16 -10.90
CA GLY D 221 35.33 -13.84 -11.29
C GLY D 221 34.61 -15.00 -11.95
N ASP D 222 35.00 -16.23 -11.63
CA ASP D 222 34.35 -17.39 -12.21
C ASP D 222 33.02 -17.70 -11.57
N ARG D 223 32.73 -17.13 -10.40
CA ARG D 223 31.50 -17.43 -9.69
C ARG D 223 30.33 -16.54 -10.08
N LEU D 224 30.55 -15.51 -10.89
CA LEU D 224 29.43 -14.75 -11.41
C LEU D 224 29.78 -14.20 -12.78
N PHE D 225 28.74 -13.87 -13.54
CA PHE D 225 28.84 -12.95 -14.65
C PHE D 225 28.09 -11.66 -14.36
N PHE D 226 26.85 -11.78 -13.88
CA PHE D 226 26.10 -10.67 -13.32
C PHE D 226 25.02 -11.26 -12.43
N PHE D 227 24.47 -10.42 -11.56
CA PHE D 227 23.44 -10.88 -10.65
C PHE D 227 22.34 -9.84 -10.54
N LEU D 228 21.09 -10.29 -10.49
CA LEU D 228 19.97 -9.39 -10.27
C LEU D 228 19.13 -9.88 -9.12
N ARG D 229 18.79 -8.97 -8.21
CA ARG D 229 17.93 -9.28 -7.08
C ARG D 229 16.93 -8.16 -6.85
N LYS D 230 15.70 -8.56 -6.52
CA LYS D 230 14.64 -7.65 -6.12
C LYS D 230 13.93 -8.28 -4.93
N GLU D 231 13.97 -7.63 -3.78
CA GLU D 231 13.53 -8.23 -2.54
C GLU D 231 12.67 -7.21 -1.81
N GLN D 232 11.45 -7.59 -1.46
CA GLN D 232 10.66 -6.69 -0.63
C GLN D 232 9.84 -7.45 0.40
N MET D 233 9.64 -6.80 1.54
CA MET D 233 9.04 -7.41 2.72
C MET D 233 8.65 -6.31 3.68
N PHE D 234 7.53 -6.51 4.38
CA PHE D 234 7.16 -5.68 5.51
C PHE D 234 6.57 -6.58 6.60
N ALA D 235 6.71 -6.15 7.84
CA ALA D 235 6.21 -6.91 8.97
C ALA D 235 4.74 -6.60 9.17
N ARG D 236 3.93 -7.65 9.38
CA ARG D 236 2.50 -7.47 9.58
C ARG D 236 2.11 -7.54 11.06
N HIS D 237 2.28 -8.70 11.68
CA HIS D 237 1.90 -8.89 13.07
C HIS D 237 3.05 -9.41 13.91
N PHE D 238 3.05 -9.00 15.17
CA PHE D 238 4.12 -9.30 16.11
C PHE D 238 3.59 -10.24 17.19
N PHE D 239 4.42 -11.18 17.61
CA PHE D 239 4.02 -12.08 18.67
C PHE D 239 5.23 -12.59 19.42
N ASN D 240 4.96 -13.25 20.54
CA ASN D 240 5.97 -13.81 21.42
C ASN D 240 5.93 -15.33 21.42
N ARG D 241 7.02 -15.93 21.91
CA ARG D 241 7.18 -17.37 21.93
C ARG D 241 7.19 -17.88 23.35
N ALA D 242 6.65 -19.07 23.55
CA ALA D 242 6.59 -19.67 24.87
C ALA D 242 7.95 -20.22 25.28
N GLY D 243 8.03 -20.73 26.49
CA GLY D 243 9.31 -21.17 27.03
C GLY D 243 10.03 -20.05 27.76
N GLU D 244 10.84 -20.45 28.75
CA GLU D 244 11.56 -19.50 29.54
C GLU D 244 12.71 -18.89 28.73
N VAL D 245 13.23 -17.78 29.24
CA VAL D 245 14.27 -17.02 28.55
C VAL D 245 15.61 -17.32 29.21
N GLY D 246 16.60 -17.70 28.40
CA GLY D 246 17.92 -18.00 28.92
C GLY D 246 18.67 -16.80 29.44
N GLU D 247 18.31 -15.60 28.98
CA GLU D 247 18.91 -14.36 29.45
C GLU D 247 17.80 -13.47 30.01
N PRO D 248 17.51 -13.57 31.31
CA PRO D 248 16.52 -12.67 31.89
C PRO D 248 17.00 -11.23 31.88
N VAL D 249 16.04 -10.31 31.81
CA VAL D 249 16.35 -8.89 31.83
C VAL D 249 16.88 -8.54 33.21
N PRO D 250 17.81 -7.60 33.31
CA PRO D 250 18.34 -7.22 34.62
C PRO D 250 17.29 -6.52 35.47
N ASP D 251 17.42 -6.70 36.78
CA ASP D 251 16.56 -5.96 37.71
C ASP D 251 16.86 -4.46 37.69
N THR D 252 18.04 -4.08 37.18
CA THR D 252 18.39 -2.68 37.01
C THR D 252 17.61 -2.02 35.87
N LEU D 253 16.88 -2.79 35.07
CA LEU D 253 16.12 -2.23 33.96
C LEU D 253 14.61 -2.38 34.11
N ILE D 254 14.15 -3.16 35.08
CA ILE D 254 12.72 -3.43 35.23
C ILE D 254 12.37 -3.47 36.71
N ILE D 255 11.17 -3.02 37.04
CA ILE D 255 10.67 -2.99 38.41
C ILE D 255 9.52 -3.98 38.52
N LYS D 256 9.62 -4.90 39.46
CA LYS D 256 8.60 -5.90 39.71
C LYS D 256 7.96 -5.63 41.08
N GLY D 257 6.84 -6.30 41.33
CA GLY D 257 6.09 -6.07 42.56
C GLY D 257 4.66 -6.59 42.51
N SER D 258 4.21 -7.16 43.64
CA SER D 258 2.81 -7.52 43.88
C SER D 258 2.28 -8.58 42.91
N GLY D 259 0.96 -8.84 42.97
CA GLY D 259 0.35 -9.87 42.16
C GLY D 259 0.18 -9.49 40.71
N ASN D 260 -0.23 -10.48 39.92
CA ASN D 260 -0.39 -10.42 38.46
C ASN D 260 0.89 -10.07 37.72
N ARG D 261 2.02 -10.09 38.41
CA ARG D 261 3.29 -9.55 37.98
C ARG D 261 4.30 -10.13 38.97
N THR D 262 5.55 -9.63 38.96
CA THR D 262 6.72 -10.30 39.58
C THR D 262 6.88 -11.67 38.93
N SER D 263 6.59 -11.72 37.63
CA SER D 263 6.79 -12.90 36.81
C SER D 263 6.98 -12.38 35.40
N VAL D 264 8.21 -12.43 34.90
CA VAL D 264 8.58 -11.70 33.70
C VAL D 264 7.88 -12.29 32.48
N GLY D 265 7.38 -11.42 31.61
CA GLY D 265 6.73 -11.85 30.40
C GLY D 265 7.73 -12.33 29.37
N SER D 266 7.19 -12.81 28.26
CA SER D 266 8.03 -13.34 27.19
C SER D 266 8.77 -12.19 26.50
N SER D 267 10.10 -12.22 26.58
CA SER D 267 10.93 -11.21 25.95
C SER D 267 11.17 -11.50 24.48
N ILE D 268 10.67 -12.61 23.97
CA ILE D 268 10.90 -13.00 22.60
C ILE D 268 9.97 -12.19 21.70
N TYR D 269 10.53 -11.58 20.66
CA TYR D 269 9.75 -10.77 19.73
C TYR D 269 10.09 -11.19 18.31
N VAL D 270 9.16 -11.86 17.65
CA VAL D 270 9.34 -12.31 16.28
C VAL D 270 8.13 -11.89 15.48
N ASN D 271 8.34 -11.62 14.20
CA ASN D 271 7.37 -10.98 13.33
C ASN D 271 6.70 -11.97 12.40
N THR D 272 5.73 -11.46 11.65
CA THR D 272 5.17 -12.16 10.51
C THR D 272 5.53 -11.37 9.26
N PRO D 273 6.58 -11.76 8.55
CA PRO D 273 6.94 -11.04 7.32
C PRO D 273 5.91 -11.26 6.22
N SER D 274 5.86 -10.32 5.29
CA SER D 274 4.94 -10.40 4.17
C SER D 274 5.58 -9.79 2.95
N GLY D 275 5.25 -10.34 1.79
CA GLY D 275 5.79 -9.89 0.52
C GLY D 275 5.12 -8.70 -0.11
N SER D 276 4.08 -8.16 0.54
CA SER D 276 3.29 -7.00 0.08
C SER D 276 2.72 -7.34 -1.29
N LEU D 277 2.72 -6.41 -2.24
CA LEU D 277 2.12 -6.65 -3.54
C LEU D 277 3.16 -7.10 -4.54
N VAL D 278 2.67 -7.66 -5.65
CA VAL D 278 3.50 -8.05 -6.79
C VAL D 278 2.94 -7.39 -8.03
N SER D 279 3.82 -6.97 -8.92
CA SER D 279 3.42 -6.31 -10.14
C SER D 279 4.24 -6.83 -11.31
N SER D 280 3.67 -6.73 -12.51
CA SER D 280 4.40 -7.12 -13.71
C SER D 280 5.58 -6.21 -13.97
N GLU D 281 5.47 -4.94 -13.57
CA GLU D 281 6.56 -4.00 -13.81
C GLU D 281 7.75 -4.27 -12.91
N ALA D 282 7.54 -4.83 -11.72
CA ALA D 282 8.63 -5.18 -10.83
C ALA D 282 9.19 -6.57 -11.10
N GLN D 283 8.64 -7.28 -12.08
CA GLN D 283 9.15 -8.59 -12.45
C GLN D 283 10.46 -8.46 -13.22
N LEU D 284 11.46 -9.24 -12.84
CA LEU D 284 12.80 -9.15 -13.42
C LEU D 284 13.18 -10.38 -14.22
N PHE D 285 12.22 -11.15 -14.69
CA PHE D 285 12.47 -12.26 -15.59
C PHE D 285 11.84 -11.94 -16.95
N ASN D 286 11.87 -12.94 -17.84
CA ASN D 286 11.11 -12.94 -19.08
C ASN D 286 11.46 -11.78 -20.00
N LYS D 287 12.70 -11.28 -19.91
CA LYS D 287 13.13 -10.17 -20.72
C LYS D 287 14.56 -10.42 -21.17
N PRO D 288 14.92 -9.97 -22.38
CA PRO D 288 16.27 -10.24 -22.91
C PRO D 288 17.34 -9.54 -22.10
N TYR D 289 18.46 -10.23 -21.94
CA TYR D 289 19.63 -9.69 -21.25
C TYR D 289 20.84 -9.80 -22.16
N TRP D 290 21.79 -8.89 -21.96
CA TRP D 290 23.00 -8.85 -22.76
C TRP D 290 24.20 -8.70 -21.83
N LEU D 291 25.20 -9.54 -22.02
CA LEU D 291 26.42 -9.47 -21.21
C LEU D 291 27.37 -8.47 -21.84
N GLN D 292 27.35 -7.24 -21.34
CA GLN D 292 28.29 -6.22 -21.85
C GLN D 292 29.64 -6.38 -21.18
N LYS D 293 29.69 -6.17 -19.87
CA LYS D 293 30.94 -6.12 -19.12
C LYS D 293 30.74 -6.85 -17.80
N ALA D 294 31.45 -7.96 -17.63
CA ALA D 294 31.49 -8.62 -16.34
C ALA D 294 32.29 -7.80 -15.35
N GLN D 295 31.85 -7.81 -14.09
CA GLN D 295 32.60 -7.13 -13.04
C GLN D 295 33.93 -7.82 -12.80
N GLY D 296 33.93 -9.15 -12.74
CA GLY D 296 35.15 -9.90 -12.61
C GLY D 296 35.85 -10.09 -13.94
N HIS D 297 36.92 -10.86 -13.91
CA HIS D 297 37.72 -11.10 -15.12
C HIS D 297 37.26 -12.37 -15.84
N ASN D 298 35.97 -12.48 -16.10
CA ASN D 298 35.43 -13.62 -16.86
C ASN D 298 34.22 -13.09 -17.62
N ASN D 299 34.46 -12.64 -18.85
CA ASN D 299 33.41 -12.00 -19.65
C ASN D 299 32.60 -13.08 -20.37
N GLY D 300 31.90 -13.88 -19.59
CA GLY D 300 31.00 -14.89 -20.12
C GLY D 300 31.65 -16.16 -20.60
N ILE D 301 32.96 -16.32 -20.42
CA ILE D 301 33.65 -17.49 -20.92
C ILE D 301 33.30 -18.68 -20.03
N CYS D 302 32.75 -19.72 -20.63
CA CYS D 302 32.30 -20.91 -19.89
C CYS D 302 33.46 -21.90 -19.76
N TRP D 303 34.28 -21.68 -18.74
CA TRP D 303 35.31 -22.64 -18.42
C TRP D 303 34.69 -23.93 -17.92
N GLY D 304 35.32 -25.06 -18.26
CA GLY D 304 34.75 -26.35 -17.98
C GLY D 304 33.71 -26.80 -18.97
N ASN D 305 33.45 -26.00 -20.01
CA ASN D 305 32.49 -26.32 -21.09
C ASN D 305 31.09 -26.60 -20.53
N GLN D 306 30.70 -25.80 -19.55
CA GLN D 306 29.41 -25.94 -18.89
C GLN D 306 29.03 -24.58 -18.35
N LEU D 307 27.80 -24.47 -17.84
CA LEU D 307 27.37 -23.20 -17.28
C LEU D 307 26.43 -23.45 -16.11
N PHE D 308 26.54 -22.60 -15.09
CA PHE D 308 25.72 -22.66 -13.89
C PHE D 308 24.84 -21.42 -13.83
N VAL D 309 23.54 -21.63 -13.82
CA VAL D 309 22.60 -20.53 -13.62
C VAL D 309 21.61 -20.91 -12.53
N THR D 310 21.46 -20.04 -11.54
CA THR D 310 20.58 -20.31 -10.42
C THR D 310 19.59 -19.18 -10.27
N VAL D 311 18.31 -19.53 -10.21
CA VAL D 311 17.24 -18.54 -10.06
C VAL D 311 16.37 -18.94 -8.89
N VAL D 312 15.88 -17.93 -8.17
CA VAL D 312 14.74 -18.10 -7.27
C VAL D 312 13.74 -17.02 -7.62
N ASP D 313 12.47 -17.34 -7.45
CA ASP D 313 11.42 -16.36 -7.67
C ASP D 313 10.23 -16.84 -6.85
N THR D 314 9.56 -15.89 -6.20
CA THR D 314 8.34 -16.19 -5.46
C THR D 314 7.11 -15.50 -6.03
N THR D 315 7.27 -14.62 -7.01
CA THR D 315 6.12 -13.95 -7.61
C THR D 315 5.23 -14.91 -8.38
N ARG D 316 5.77 -16.04 -8.82
CA ARG D 316 5.03 -16.98 -9.63
C ARG D 316 4.99 -18.32 -8.92
N SER D 317 4.65 -18.31 -7.63
CA SER D 317 4.80 -19.47 -6.76
C SER D 317 3.52 -19.75 -5.99
N THR D 318 2.39 -19.73 -6.68
CA THR D 318 1.12 -20.02 -6.01
C THR D 318 1.03 -21.49 -5.62
N ASN D 319 0.26 -21.75 -4.57
CA ASN D 319 0.05 -23.13 -4.13
C ASN D 319 -1.15 -23.72 -4.85
N MET D 320 -1.20 -25.05 -4.91
CA MET D 320 -2.26 -25.72 -5.66
C MET D 320 -2.99 -26.74 -4.78
N THR D 321 -4.32 -26.64 -4.80
CA THR D 321 -5.19 -27.43 -3.95
C THR D 321 -5.83 -28.55 -4.77
N LEU D 322 -5.71 -29.80 -4.31
CA LEU D 322 -6.14 -30.96 -5.08
C LEU D 322 -7.04 -31.82 -4.21
N CYS D 323 -8.30 -31.96 -4.60
CA CYS D 323 -9.20 -32.82 -3.83
C CYS D 323 -9.76 -33.94 -4.68
N ALA D 324 -9.88 -35.12 -4.07
CA ALA D 324 -10.54 -36.26 -4.66
C ALA D 324 -11.55 -36.81 -3.66
N SER D 325 -12.31 -37.81 -4.08
CA SER D 325 -13.34 -38.39 -3.22
C SER D 325 -13.05 -39.88 -3.02
N VAL D 326 -12.75 -40.24 -1.78
CA VAL D 326 -12.58 -41.66 -1.47
C VAL D 326 -13.92 -42.39 -1.51
N THR D 327 -14.99 -41.74 -1.05
CA THR D 327 -16.34 -42.28 -1.07
C THR D 327 -17.28 -41.14 -1.42
N THR D 328 -18.58 -41.36 -1.20
CA THR D 328 -19.59 -40.34 -1.40
C THR D 328 -20.79 -40.66 -0.51
N SER D 329 -21.63 -39.65 -0.31
CA SER D 329 -22.85 -39.82 0.48
C SER D 329 -23.90 -38.86 -0.04
N SER D 330 -25.13 -39.03 0.47
CA SER D 330 -26.23 -38.16 0.07
C SER D 330 -26.00 -36.72 0.52
N THR D 331 -25.46 -36.54 1.71
CA THR D 331 -25.13 -35.22 2.22
C THR D 331 -23.63 -34.97 2.09
N TYR D 332 -23.19 -33.83 2.60
CA TYR D 332 -21.81 -33.39 2.47
C TYR D 332 -21.02 -33.75 3.72
N THR D 333 -20.03 -34.63 3.58
CA THR D 333 -19.07 -34.91 4.62
C THR D 333 -17.67 -34.93 4.02
N ASN D 334 -16.72 -34.36 4.76
CA ASN D 334 -15.32 -34.39 4.35
C ASN D 334 -14.68 -35.75 4.57
N SER D 335 -15.38 -36.66 5.25
CA SER D 335 -14.93 -38.05 5.30
C SER D 335 -14.92 -38.67 3.92
N ASP D 336 -15.76 -38.19 3.02
CA ASP D 336 -15.77 -38.61 1.63
C ASP D 336 -14.83 -37.80 0.76
N TYR D 337 -13.99 -36.96 1.36
CA TYR D 337 -13.17 -36.01 0.63
C TYR D 337 -11.73 -36.05 1.13
N LYS D 338 -10.78 -36.23 0.22
CA LYS D 338 -9.38 -36.30 0.58
C LYS D 338 -8.60 -35.18 -0.13
N GLU D 339 -7.65 -34.60 0.58
CA GLU D 339 -7.06 -33.33 0.22
C GLU D 339 -5.56 -33.47 0.02
N TYR D 340 -5.00 -32.67 -0.89
CA TYR D 340 -3.58 -32.68 -1.20
C TYR D 340 -3.14 -31.29 -1.62
N MET D 341 -1.85 -31.01 -1.44
CA MET D 341 -1.18 -29.94 -2.14
C MET D 341 -0.29 -30.43 -3.26
N ARG D 342 -0.26 -29.64 -4.32
CA ARG D 342 0.73 -29.78 -5.37
C ARG D 342 1.16 -28.39 -5.81
N HIS D 343 2.32 -28.34 -6.45
CA HIS D 343 2.84 -27.11 -7.01
C HIS D 343 3.56 -27.42 -8.31
N VAL D 344 3.34 -26.56 -9.30
CA VAL D 344 3.99 -26.68 -10.60
C VAL D 344 4.89 -25.48 -10.81
N GLU D 345 5.93 -25.68 -11.61
CA GLU D 345 6.88 -24.62 -11.92
C GLU D 345 7.57 -24.97 -13.23
N GLU D 346 7.51 -24.06 -14.19
CA GLU D 346 7.98 -24.34 -15.54
C GLU D 346 9.02 -23.31 -15.97
N TYR D 347 9.95 -23.76 -16.82
CA TYR D 347 11.07 -22.95 -17.25
C TYR D 347 11.38 -23.19 -18.73
N ASP D 348 11.69 -22.10 -19.42
CA ASP D 348 12.44 -22.14 -20.67
C ASP D 348 13.83 -21.54 -20.43
N LEU D 349 14.82 -22.12 -21.07
CA LEU D 349 16.20 -21.64 -20.98
C LEU D 349 16.63 -21.21 -22.37
N GLN D 350 16.31 -19.98 -22.74
CA GLN D 350 16.64 -19.49 -24.07
C GLN D 350 17.99 -18.78 -23.99
N PHE D 351 19.01 -19.37 -24.59
CA PHE D 351 20.38 -18.91 -24.46
C PHE D 351 20.92 -18.55 -25.83
N ILE D 352 21.75 -17.51 -25.89
CA ILE D 352 22.54 -17.25 -27.08
C ILE D 352 24.01 -17.17 -26.66
N PHE D 353 24.88 -17.78 -27.46
CA PHE D 353 26.28 -17.95 -27.16
C PHE D 353 27.14 -17.43 -28.30
N GLN D 354 28.35 -17.01 -27.96
CA GLN D 354 29.35 -16.55 -28.91
C GLN D 354 30.50 -17.53 -28.94
N LEU D 355 30.99 -17.83 -30.15
CA LEU D 355 32.14 -18.72 -30.30
C LEU D 355 33.43 -17.91 -30.18
N CYS D 356 34.38 -18.45 -29.42
CA CYS D 356 35.61 -17.75 -29.12
C CYS D 356 36.78 -18.71 -29.22
N SER D 357 37.96 -18.14 -29.45
CA SER D 357 39.19 -18.92 -29.56
C SER D 357 40.23 -18.39 -28.59
N ILE D 358 41.36 -19.09 -28.55
CA ILE D 358 42.45 -18.76 -27.64
C ILE D 358 43.77 -18.96 -28.39
N THR D 359 44.73 -18.08 -28.12
CA THR D 359 46.08 -18.21 -28.66
C THR D 359 46.95 -18.80 -27.56
N LEU D 360 47.20 -20.09 -27.63
CA LEU D 360 47.83 -20.81 -26.53
C LEU D 360 49.33 -20.60 -26.58
N SER D 361 49.83 -19.75 -25.70
CA SER D 361 51.25 -19.48 -25.54
C SER D 361 51.74 -20.05 -24.22
N ALA D 362 53.06 -19.98 -24.01
CA ALA D 362 53.68 -20.58 -22.83
C ALA D 362 53.22 -19.89 -21.54
N GLU D 363 53.26 -18.56 -21.53
CA GLU D 363 52.70 -17.81 -20.40
C GLU D 363 51.19 -18.03 -20.31
N VAL D 364 50.53 -18.14 -21.46
CA VAL D 364 49.11 -18.46 -21.48
C VAL D 364 48.87 -19.84 -20.88
N VAL D 365 49.72 -20.81 -21.23
CA VAL D 365 49.64 -22.15 -20.63
C VAL D 365 49.80 -22.08 -19.12
N ALA D 366 50.78 -21.30 -18.64
CA ALA D 366 51.00 -21.19 -17.21
C ALA D 366 49.81 -20.56 -16.50
N TYR D 367 49.24 -19.49 -17.08
CA TYR D 367 48.12 -18.81 -16.43
C TYR D 367 46.88 -19.69 -16.42
N ILE D 368 46.58 -20.34 -17.55
CA ILE D 368 45.39 -21.17 -17.64
C ILE D 368 45.56 -22.42 -16.76
N HIS D 369 46.81 -22.86 -16.55
CA HIS D 369 47.04 -23.99 -15.66
C HIS D 369 46.89 -23.58 -14.20
N THR D 370 47.32 -22.37 -13.87
CA THR D 370 47.21 -21.91 -12.48
C THR D 370 45.76 -21.67 -12.08
N MET D 371 44.94 -21.11 -12.99
CA MET D 371 43.57 -20.82 -12.55
C MET D 371 42.74 -22.09 -12.44
N ASN D 372 42.85 -22.99 -13.43
CA ASN D 372 42.24 -24.32 -13.37
C ASN D 372 42.96 -25.28 -14.31
N PRO D 373 43.63 -26.30 -13.77
CA PRO D 373 44.27 -27.29 -14.65
C PRO D 373 43.31 -28.36 -15.17
N SER D 374 42.10 -28.45 -14.62
CA SER D 374 41.16 -29.47 -15.04
C SER D 374 40.81 -29.32 -16.51
N VAL D 375 40.62 -28.08 -16.97
CA VAL D 375 40.40 -27.85 -18.39
C VAL D 375 41.65 -28.20 -19.20
N LEU D 376 42.85 -28.10 -18.59
CA LEU D 376 44.07 -28.45 -19.30
C LEU D 376 44.11 -29.94 -19.60
N GLU D 377 43.67 -30.78 -18.65
CA GLU D 377 43.47 -32.18 -19.08
C GLU D 377 42.25 -32.33 -19.97
N ASP D 378 41.29 -31.40 -19.91
CA ASP D 378 40.08 -31.56 -20.73
C ASP D 378 40.36 -31.41 -22.21
N TRP D 379 41.20 -30.45 -22.62
CA TRP D 379 41.43 -30.33 -24.06
C TRP D 379 42.32 -31.43 -24.61
N ASN D 380 43.08 -32.12 -23.76
CA ASN D 380 44.03 -33.17 -24.18
C ASN D 380 45.01 -32.63 -25.22
N PHE D 381 45.52 -31.43 -24.96
CA PHE D 381 46.43 -30.76 -25.88
C PHE D 381 47.80 -31.45 -25.89
N PRO D 415 37.28 -36.84 -11.25
CA PRO D 415 37.37 -36.65 -9.80
C PRO D 415 36.62 -35.42 -9.31
N ASP D 416 35.42 -35.21 -9.84
CA ASP D 416 34.63 -34.03 -9.50
C ASP D 416 33.96 -34.23 -8.14
N PRO D 417 34.23 -33.37 -7.16
CA PRO D 417 33.44 -33.42 -5.92
C PRO D 417 32.02 -32.95 -6.12
N TYR D 418 31.74 -32.21 -7.19
CA TYR D 418 30.42 -31.68 -7.46
C TYR D 418 29.45 -32.75 -7.92
N LYS D 419 29.95 -33.92 -8.32
CA LYS D 419 29.09 -35.06 -8.60
C LYS D 419 28.38 -35.54 -7.35
N ASN D 420 29.01 -35.36 -6.18
CA ASN D 420 28.35 -35.63 -4.91
C ASN D 420 27.18 -34.69 -4.70
N LEU D 421 27.33 -33.42 -5.08
CA LEU D 421 26.26 -32.46 -4.96
C LEU D 421 25.14 -32.76 -5.95
N SER D 422 23.91 -32.45 -5.54
CA SER D 422 22.72 -32.73 -6.34
C SER D 422 22.28 -31.45 -7.02
N PHE D 423 22.36 -31.42 -8.34
CA PHE D 423 22.02 -30.25 -9.12
C PHE D 423 20.78 -30.54 -9.97
N TRP D 424 20.39 -29.57 -10.77
CA TRP D 424 19.39 -29.78 -11.82
C TRP D 424 20.17 -29.80 -13.13
N GLU D 425 20.53 -31.00 -13.58
CA GLU D 425 21.23 -31.15 -14.84
C GLU D 425 20.27 -30.96 -16.00
N VAL D 426 20.71 -30.24 -17.01
CA VAL D 426 19.97 -30.09 -18.25
C VAL D 426 20.96 -30.17 -19.41
N ASN D 427 20.55 -30.88 -20.47
CA ASN D 427 21.38 -31.21 -21.60
C ASN D 427 20.97 -30.37 -22.79
N LEU D 428 21.88 -29.52 -23.27
CA LEU D 428 21.70 -28.77 -24.51
C LEU D 428 22.68 -29.18 -25.58
N LYS D 429 23.30 -30.36 -25.45
CA LYS D 429 24.06 -30.92 -26.56
C LYS D 429 23.11 -31.28 -27.69
N GLU D 430 23.65 -31.25 -28.92
CA GLU D 430 22.96 -31.51 -30.19
C GLU D 430 21.65 -30.71 -30.33
N LYS D 431 21.55 -29.57 -29.65
CA LYS D 431 20.41 -28.69 -29.77
C LYS D 431 20.79 -27.29 -30.22
N PHE D 432 22.06 -27.03 -30.48
CA PHE D 432 22.48 -25.75 -31.00
C PHE D 432 22.04 -25.56 -32.44
N SER D 433 21.92 -24.31 -32.84
CA SER D 433 21.57 -23.97 -34.21
C SER D 433 22.24 -22.65 -34.58
N SER D 434 22.70 -22.57 -35.83
CA SER D 434 23.25 -21.31 -36.33
C SER D 434 22.20 -20.43 -36.98
N GLU D 435 21.07 -21.01 -37.40
CA GLU D 435 19.99 -20.23 -38.01
C GLU D 435 19.19 -19.59 -36.89
N LEU D 436 19.71 -18.47 -36.40
CA LEU D 436 19.15 -17.81 -35.23
C LEU D 436 17.85 -17.08 -35.51
N ASP D 437 17.49 -16.88 -36.77
CA ASP D 437 16.28 -16.14 -37.08
C ASP D 437 15.01 -16.94 -36.84
N GLN D 438 15.12 -18.24 -36.62
CA GLN D 438 13.97 -19.08 -36.32
C GLN D 438 13.59 -19.06 -34.84
N TYR D 439 14.25 -18.24 -34.04
CA TYR D 439 14.02 -18.27 -32.61
C TYR D 439 13.73 -16.86 -32.09
N PRO D 440 12.86 -16.75 -31.08
CA PRO D 440 12.45 -15.42 -30.59
C PRO D 440 13.59 -14.57 -30.05
N LEU D 441 14.57 -15.18 -29.40
CA LEU D 441 15.67 -14.39 -28.85
C LEU D 441 16.58 -13.86 -29.95
N GLY D 442 16.70 -14.59 -31.06
CA GLY D 442 17.56 -14.15 -32.14
C GLY D 442 17.08 -12.86 -32.79
N ARG D 443 15.76 -12.66 -32.85
CA ARG D 443 15.23 -11.42 -33.39
C ARG D 443 15.62 -10.23 -32.53
N LYS D 444 15.54 -10.37 -31.20
CA LYS D 444 16.03 -9.30 -30.34
C LYS D 444 17.54 -9.16 -30.44
N PHE D 445 18.25 -10.27 -30.69
CA PHE D 445 19.69 -10.21 -30.81
C PHE D 445 20.10 -9.41 -32.03
N LEU D 446 19.38 -9.57 -33.14
CA LEU D 446 19.67 -8.75 -34.31
C LEU D 446 19.04 -7.37 -34.21
N LEU D 447 18.10 -7.17 -33.28
CA LEU D 447 17.53 -5.85 -33.08
C LEU D 447 18.55 -4.88 -32.53
N GLN D 448 19.41 -5.34 -31.63
CA GLN D 448 20.45 -4.52 -31.04
C GLN D 448 21.80 -4.88 -31.64
N SER D 449 22.53 -3.86 -32.08
CA SER D 449 23.86 -3.98 -32.70
C SER D 449 23.90 -4.95 -33.88
N LYS E 1 -0.89 50.26 -15.42
CA LYS E 1 -1.11 50.72 -14.06
C LYS E 1 0.00 50.23 -13.14
N VAL E 2 0.20 48.92 -13.11
CA VAL E 2 1.20 48.29 -12.25
C VAL E 2 2.23 47.63 -13.16
N VAL E 3 3.50 47.98 -12.98
CA VAL E 3 4.57 47.47 -13.81
C VAL E 3 5.47 46.59 -12.94
N ALA E 4 6.12 45.62 -13.58
CA ALA E 4 7.03 44.74 -12.87
C ALA E 4 8.28 45.51 -12.43
N THR E 5 9.02 44.88 -11.51
CA THR E 5 10.19 45.53 -10.93
C THR E 5 11.28 45.76 -11.96
N ASP E 6 11.46 44.81 -12.89
CA ASP E 6 12.57 44.83 -13.82
C ASP E 6 12.56 46.03 -14.75
N ALA E 7 11.42 46.72 -14.88
CA ALA E 7 11.37 47.94 -15.67
C ALA E 7 12.18 49.05 -15.01
N TYR E 8 12.18 49.12 -13.68
CA TYR E 8 12.79 50.25 -12.99
C TYR E 8 13.88 49.87 -12.01
N VAL E 9 13.87 48.67 -11.44
CA VAL E 9 14.93 48.30 -10.51
C VAL E 9 16.20 47.97 -11.30
N THR E 10 17.34 48.11 -10.62
CA THR E 10 18.66 47.78 -11.19
C THR E 10 19.37 46.92 -10.17
N ARG E 11 19.34 45.61 -10.37
CA ARG E 11 20.05 44.72 -9.45
C ARG E 11 21.55 44.84 -9.68
N THR E 12 22.30 44.79 -8.59
CA THR E 12 23.74 44.93 -8.64
C THR E 12 24.40 43.56 -8.49
N ASN E 13 25.70 43.53 -8.76
CA ASN E 13 26.48 42.32 -8.59
C ASN E 13 27.11 42.24 -7.20
N ILE E 14 26.27 42.42 -6.18
CA ILE E 14 26.68 42.34 -4.78
C ILE E 14 25.76 41.34 -4.09
N PHE E 15 26.36 40.35 -3.43
CA PHE E 15 25.61 39.30 -2.75
C PHE E 15 26.08 39.19 -1.32
N TYR E 16 25.12 39.02 -0.41
CA TYR E 16 25.41 38.91 1.01
C TYR E 16 24.66 37.73 1.61
N HIS E 17 25.03 37.37 2.83
CA HIS E 17 24.51 36.19 3.50
C HIS E 17 23.94 36.55 4.86
N ALA E 18 22.83 35.92 5.22
CA ALA E 18 22.25 36.00 6.55
C ALA E 18 22.04 34.59 7.10
N SER E 19 22.42 34.38 8.35
CA SER E 19 22.24 33.11 9.04
C SER E 19 21.52 33.34 10.36
N SER E 20 20.37 32.70 10.52
CA SER E 20 19.60 32.84 11.76
C SER E 20 20.20 32.07 12.91
N SER E 21 21.15 31.18 12.66
CA SER E 21 21.76 30.24 13.61
C SER E 21 20.64 29.35 14.17
N ARG E 22 20.77 28.91 15.42
CA ARG E 22 19.88 27.90 15.98
C ARG E 22 18.64 28.56 16.57
N LEU E 23 17.47 28.05 16.17
CA LEU E 23 16.18 28.50 16.69
C LEU E 23 15.49 27.32 17.33
N LEU E 24 15.45 27.31 18.66
CA LEU E 24 14.87 26.21 19.42
C LEU E 24 13.52 26.62 19.99
N ALA E 25 12.57 25.70 19.97
CA ALA E 25 11.29 25.92 20.62
C ALA E 25 10.91 24.68 21.39
N VAL E 26 10.57 24.85 22.67
CA VAL E 26 10.09 23.77 23.52
C VAL E 26 8.79 24.23 24.16
N GLY E 27 7.80 23.36 24.14
CA GLY E 27 6.51 23.70 24.73
C GLY E 27 5.51 22.58 24.62
N HIS E 28 4.53 22.63 25.51
CA HIS E 28 3.42 21.71 25.48
C HIS E 28 2.59 21.94 24.21
N PRO E 29 2.15 20.88 23.54
CA PRO E 29 1.55 21.06 22.21
C PRO E 29 0.07 21.43 22.21
N TYR E 30 -0.68 21.15 23.28
CA TYR E 30 -2.13 21.31 23.20
C TYR E 30 -2.64 22.57 23.88
N PHE E 31 -1.93 23.08 24.87
CA PHE E 31 -2.28 24.34 25.51
C PHE E 31 -1.05 24.88 26.23
N SER E 32 -1.12 26.13 26.64
CA SER E 32 -0.08 26.78 27.41
C SER E 32 -0.48 26.78 28.88
N ILE E 33 0.37 26.22 29.73
CA ILE E 33 0.05 26.12 31.16
C ILE E 33 0.26 27.47 31.82
N LYS E 34 -0.68 27.84 32.69
CA LYS E 34 -0.70 29.15 33.33
C LYS E 34 -0.49 28.97 34.83
N ARG E 35 0.53 29.64 35.37
CA ARG E 35 0.74 29.73 36.81
C ARG E 35 0.90 31.21 37.16
N ALA E 36 -0.03 31.72 37.97
CA ALA E 36 -0.14 33.15 38.27
C ALA E 36 -0.19 33.98 37.00
N ASN E 37 -1.15 33.63 36.13
CA ASN E 37 -1.50 34.26 34.85
C ASN E 37 -0.28 34.73 34.04
N LYS E 38 0.71 33.85 33.94
CA LYS E 38 1.91 34.14 33.17
C LYS E 38 2.20 32.98 32.24
N THR E 39 3.02 33.26 31.22
CA THR E 39 3.40 32.26 30.23
C THR E 39 4.54 31.42 30.80
N VAL E 40 4.18 30.39 31.56
CA VAL E 40 5.18 29.48 32.10
C VAL E 40 5.77 28.64 30.99
N VAL E 41 4.91 27.92 30.26
CA VAL E 41 5.32 27.15 29.10
C VAL E 41 4.34 27.49 27.98
N PRO E 42 4.80 28.05 26.86
CA PRO E 42 3.88 28.41 25.79
C PRO E 42 3.40 27.20 25.03
N LYS E 43 2.24 27.35 24.40
CA LYS E 43 1.68 26.26 23.60
C LYS E 43 2.48 26.14 22.30
N VAL E 44 3.46 25.25 22.29
CA VAL E 44 4.34 25.06 21.13
C VAL E 44 4.11 23.65 20.62
N SER E 45 3.73 23.55 19.35
CA SER E 45 3.49 22.27 18.71
C SER E 45 4.15 22.25 17.35
N GLY E 46 4.36 21.02 16.83
CA GLY E 46 4.73 20.88 15.43
C GLY E 46 3.60 21.24 14.49
N TYR E 47 2.38 21.34 15.00
CA TYR E 47 1.19 21.72 14.23
C TYR E 47 0.91 23.20 14.38
N GLN E 48 1.96 24.00 14.45
CA GLN E 48 1.87 25.44 14.60
C GLN E 48 2.42 26.13 13.35
N TYR E 49 1.73 27.19 12.91
CA TYR E 49 2.24 28.04 11.85
C TYR E 49 3.49 28.77 12.35
N ARG E 50 4.57 28.69 11.59
CA ARG E 50 5.79 29.41 11.94
C ARG E 50 5.90 30.66 11.08
N VAL E 51 5.73 31.82 11.72
CA VAL E 51 5.68 33.11 11.05
C VAL E 51 6.87 33.92 11.54
N PHE E 52 7.89 34.06 10.69
CA PHE E 52 9.09 34.81 11.03
C PHE E 52 9.09 36.17 10.35
N LYS E 53 9.17 37.22 11.17
CA LYS E 53 9.48 38.56 10.72
C LYS E 53 10.99 38.71 10.87
N VAL E 54 11.69 38.74 9.75
CA VAL E 54 13.14 38.92 9.73
C VAL E 54 13.43 40.38 9.42
N VAL E 55 14.29 40.98 10.23
CA VAL E 55 14.59 42.40 10.15
C VAL E 55 15.75 42.61 9.20
N LEU E 56 15.55 43.47 8.21
CA LEU E 56 16.70 43.69 7.36
C LEU E 56 17.38 45.00 7.72
N PRO E 57 18.70 45.04 7.73
CA PRO E 57 19.41 46.29 7.97
C PRO E 57 19.17 47.27 6.84
N ASP E 58 19.28 48.55 7.18
CA ASP E 58 19.15 49.60 6.17
C ASP E 58 20.34 49.54 5.23
N PRO E 59 20.14 49.30 3.94
CA PRO E 59 21.28 49.33 3.01
C PRO E 59 21.84 50.72 2.84
N ASN E 60 21.00 51.75 2.91
CA ASN E 60 21.48 53.12 2.81
C ASN E 60 22.37 53.48 4.00
N LYS E 61 21.98 53.06 5.20
CA LYS E 61 22.80 53.31 6.38
C LYS E 61 23.97 52.34 6.46
N PHE E 62 23.89 51.21 5.76
CA PHE E 62 24.93 50.18 5.84
C PHE E 62 26.26 50.67 5.29
N ALA E 63 27.35 50.23 5.91
CA ALA E 63 28.70 50.55 5.46
C ALA E 63 29.06 49.60 4.32
N LEU E 64 28.85 50.06 3.09
CA LEU E 64 29.12 49.24 1.93
C LEU E 64 30.63 49.10 1.71
N PRO E 65 31.09 47.94 1.24
CA PRO E 65 32.51 47.84 0.83
C PRO E 65 32.86 48.73 -0.35
N ASP E 66 31.90 48.99 -1.24
CA ASP E 66 32.10 49.88 -2.38
C ASP E 66 30.90 50.83 -2.44
N SER E 67 31.10 52.06 -1.97
CA SER E 67 30.08 53.08 -2.01
C SER E 67 30.08 53.88 -3.29
N SER E 68 30.97 53.54 -4.23
CA SER E 68 31.00 54.23 -5.52
C SER E 68 29.74 53.98 -6.33
N LEU E 69 29.18 52.77 -6.23
CA LEU E 69 27.91 52.49 -6.88
C LEU E 69 26.77 53.25 -6.22
N PHE E 70 26.89 53.54 -4.93
CA PHE E 70 25.86 54.27 -4.21
C PHE E 70 25.82 55.73 -4.65
N ASP E 71 24.62 56.25 -4.84
CA ASP E 71 24.41 57.64 -5.23
C ASP E 71 23.41 58.26 -4.26
N PRO E 72 23.80 59.29 -3.50
CA PRO E 72 22.87 59.88 -2.52
C PRO E 72 21.63 60.51 -3.13
N THR E 73 21.72 61.00 -4.36
CA THR E 73 20.58 61.58 -5.04
C THR E 73 19.97 60.56 -5.98
N THR E 74 18.63 60.58 -6.09
CA THR E 74 17.79 59.82 -7.03
C THR E 74 18.10 58.30 -7.05
N GLN E 75 18.78 57.79 -6.03
CA GLN E 75 19.09 56.36 -5.94
C GLN E 75 18.96 55.91 -4.51
N ARG E 76 18.09 54.94 -4.26
CA ARG E 76 17.95 54.30 -2.96
C ARG E 76 18.34 52.84 -3.09
N LEU E 77 18.96 52.31 -2.05
CA LEU E 77 19.48 50.95 -2.09
C LEU E 77 18.53 50.03 -1.33
N VAL E 78 18.17 48.92 -1.97
CA VAL E 78 17.18 48.00 -1.41
C VAL E 78 17.69 46.57 -1.58
N TRP E 79 17.49 45.75 -0.56
CA TRP E 79 17.83 44.34 -0.63
C TRP E 79 16.82 43.58 -1.50
N ALA E 80 17.30 42.53 -2.12
CA ALA E 80 16.46 41.65 -2.93
C ALA E 80 16.72 40.21 -2.52
N CYS E 81 15.64 39.42 -2.45
CA CYS E 81 15.76 38.01 -2.10
C CYS E 81 16.27 37.23 -3.29
N THR E 82 17.34 36.47 -3.08
CA THR E 82 17.92 35.63 -4.12
C THR E 82 17.77 34.15 -3.83
N GLY E 83 18.20 33.70 -2.67
CA GLY E 83 18.07 32.29 -2.31
C GLY E 83 17.77 32.11 -0.85
N LEU E 84 17.00 31.07 -0.56
CA LEU E 84 16.55 30.80 0.80
C LEU E 84 16.68 29.30 1.08
N GLU E 85 16.94 28.97 2.34
CA GLU E 85 17.09 27.58 2.76
C GLU E 85 16.60 27.45 4.19
N VAL E 86 15.88 26.35 4.44
CA VAL E 86 15.32 26.04 5.76
C VAL E 86 16.00 24.77 6.24
N GLY E 87 16.92 24.92 7.18
CA GLY E 87 17.67 23.84 7.79
C GLY E 87 16.96 23.16 8.96
N ARG E 88 16.13 22.16 8.66
CA ARG E 88 15.53 21.37 9.73
C ARG E 88 16.57 20.44 10.34
N GLY E 89 16.37 20.08 11.60
CA GLY E 89 17.29 19.17 12.26
C GLY E 89 16.67 17.98 12.97
N GLN E 90 15.37 18.03 13.23
CA GLN E 90 14.74 16.97 14.02
C GLN E 90 14.58 15.69 13.19
N PRO E 91 14.68 14.52 13.83
CA PRO E 91 14.19 13.30 13.20
C PRO E 91 12.69 13.37 12.96
N LEU E 92 12.24 12.63 11.95
CA LEU E 92 10.84 12.65 11.58
C LEU E 92 9.98 12.00 12.65
N GLY E 93 8.81 12.58 12.91
CA GLY E 93 7.90 12.05 13.92
C GLY E 93 6.50 12.61 13.81
N VAL E 94 5.51 11.74 14.01
CA VAL E 94 4.11 12.10 13.79
C VAL E 94 3.55 12.77 15.04
N GLY E 95 2.96 13.94 14.87
CA GLY E 95 2.27 14.62 15.96
C GLY E 95 0.93 14.01 16.26
N VAL E 96 0.75 13.54 17.49
CA VAL E 96 -0.44 12.79 17.89
C VAL E 96 -1.19 13.60 18.95
N SER E 97 -2.47 13.83 18.70
CA SER E 97 -3.31 14.51 19.67
C SER E 97 -4.42 13.56 20.11
N GLY E 98 -5.35 14.07 20.88
CA GLY E 98 -6.45 13.23 21.33
C GLY E 98 -7.41 14.04 22.17
N HIS E 99 -8.29 13.32 22.85
CA HIS E 99 -9.25 13.97 23.73
C HIS E 99 -9.73 12.96 24.76
N PRO E 100 -9.59 13.27 26.07
CA PRO E 100 -10.11 12.37 27.09
C PRO E 100 -11.62 12.27 27.08
N PHE E 101 -12.30 13.27 26.52
CA PHE E 101 -13.75 13.30 26.43
C PHE E 101 -14.12 13.85 25.05
N LEU E 102 -14.32 12.96 24.08
CA LEU E 102 -14.67 13.36 22.72
C LEU E 102 -15.95 12.64 22.28
N ASN E 103 -16.72 13.31 21.41
CA ASN E 103 -17.98 12.77 20.90
C ASN E 103 -17.72 11.64 19.91
N LYS E 104 -17.27 10.50 20.42
CA LYS E 104 -17.06 9.29 19.63
C LYS E 104 -18.22 8.36 19.97
N TYR E 105 -19.33 8.49 19.23
CA TYR E 105 -20.53 7.75 19.62
C TYR E 105 -20.44 6.29 19.18
N ASP E 106 -20.44 6.05 17.87
CA ASP E 106 -20.40 4.70 17.33
C ASP E 106 -19.51 4.68 16.10
N ASP E 107 -18.53 3.78 16.08
CA ASP E 107 -17.83 3.51 14.84
C ASP E 107 -18.76 2.83 13.84
N VAL E 108 -18.72 3.30 12.60
CA VAL E 108 -19.65 2.86 11.57
C VAL E 108 -18.93 2.25 10.39
N GLU E 109 -17.69 1.81 10.59
CA GLU E 109 -16.87 1.34 9.48
C GLU E 109 -17.38 0.01 8.94
N ASN E 110 -17.87 -0.87 9.83
CA ASN E 110 -18.40 -2.15 9.39
C ASN E 110 -19.74 -2.50 10.03
N SER E 111 -20.18 -1.79 11.06
CA SER E 111 -21.42 -2.13 11.73
C SER E 111 -21.97 -0.89 12.40
N GLY E 112 -23.19 -1.02 12.91
CA GLY E 112 -23.83 0.06 13.65
C GLY E 112 -24.55 -0.43 14.88
N SER E 113 -24.47 0.33 15.96
CA SER E 113 -25.13 -0.01 17.21
C SER E 113 -26.53 0.62 17.21
N GLY E 114 -27.18 0.63 18.37
CA GLY E 114 -28.47 1.30 18.47
C GLY E 114 -28.33 2.80 18.24
N GLY E 115 -29.29 3.35 17.49
CA GLY E 115 -29.24 4.73 17.06
C GLY E 115 -29.62 5.77 18.09
N ASN E 116 -30.03 5.36 19.28
CA ASN E 116 -30.40 6.31 20.33
C ASN E 116 -29.30 6.44 21.37
N PRO E 117 -28.63 7.59 21.46
CA PRO E 117 -27.54 7.74 22.43
C PRO E 117 -28.03 7.85 23.87
N GLY E 118 -27.09 8.03 24.79
CA GLY E 118 -27.39 8.26 26.18
C GLY E 118 -27.36 9.72 26.56
N GLN E 119 -27.17 9.97 27.86
CA GLN E 119 -27.09 11.34 28.34
C GLN E 119 -25.81 12.01 27.89
N ASP E 120 -24.70 11.29 27.94
CA ASP E 120 -23.42 11.83 27.49
C ASP E 120 -22.56 10.65 27.04
N ASN E 121 -22.52 10.40 25.73
CA ASN E 121 -21.70 9.34 25.15
C ASN E 121 -20.44 9.98 24.58
N ARG E 122 -19.49 10.24 25.47
CA ARG E 122 -18.32 11.08 25.20
C ARG E 122 -17.09 10.30 25.62
N VAL E 123 -16.23 9.98 24.66
CA VAL E 123 -15.25 8.90 24.81
C VAL E 123 -13.84 9.41 24.59
N ASN E 124 -12.93 9.00 25.47
CA ASN E 124 -11.50 9.17 25.25
C ASN E 124 -11.05 8.48 23.97
N VAL E 125 -10.34 9.22 23.13
CA VAL E 125 -9.89 8.71 21.84
C VAL E 125 -8.77 9.60 21.32
N GLY E 126 -7.75 8.97 20.72
CA GLY E 126 -6.64 9.67 20.13
C GLY E 126 -6.85 9.93 18.65
N MET E 127 -5.86 10.57 18.04
CA MET E 127 -6.09 11.17 16.73
C MET E 127 -4.75 11.63 16.17
N ASP E 128 -4.62 11.59 14.85
CA ASP E 128 -3.55 12.26 14.12
C ASP E 128 -4.15 13.10 13.00
N TYR E 129 -3.38 14.04 12.48
CA TYR E 129 -3.88 14.89 11.42
C TYR E 129 -3.13 14.59 10.12
N LYS E 130 -3.40 15.40 9.10
CA LYS E 130 -2.74 15.21 7.82
C LYS E 130 -1.28 15.60 7.92
N GLN E 131 -0.48 15.06 7.01
CA GLN E 131 0.91 15.46 6.93
C GLN E 131 1.11 16.53 5.86
N THR E 132 1.85 17.57 6.24
CA THR E 132 1.88 18.85 5.55
C THR E 132 3.27 19.45 5.66
N GLN E 133 3.84 19.79 4.51
CA GLN E 133 5.10 20.53 4.42
C GLN E 133 4.81 21.77 3.58
N LEU E 134 5.09 22.94 4.11
CA LEU E 134 4.86 24.14 3.30
C LEU E 134 5.86 25.21 3.66
N CYS E 135 6.37 25.87 2.63
CA CYS E 135 7.19 27.06 2.78
C CYS E 135 6.61 28.17 1.92
N MET E 136 6.60 29.38 2.48
CA MET E 136 6.07 30.59 1.89
C MET E 136 7.00 31.73 2.24
N VAL E 137 7.28 32.59 1.26
CA VAL E 137 8.19 33.71 1.46
C VAL E 137 7.59 34.95 0.82
N GLY E 138 7.73 36.09 1.49
CA GLY E 138 7.22 37.34 0.93
C GLY E 138 7.78 38.52 1.68
N CYS E 139 7.57 39.70 1.11
CA CYS E 139 7.90 40.92 1.84
C CYS E 139 6.77 41.35 2.76
N ALA E 140 5.60 40.74 2.63
CA ALA E 140 4.44 41.07 3.43
C ALA E 140 3.83 39.80 4.03
N PRO E 141 3.23 39.90 5.21
CA PRO E 141 2.73 38.70 5.91
C PRO E 141 1.53 38.11 5.20
N PRO E 142 1.52 36.79 4.98
CA PRO E 142 0.50 36.18 4.13
C PRO E 142 -0.87 36.13 4.81
N LEU E 143 -1.89 35.89 3.99
CA LEU E 143 -3.27 35.84 4.45
C LEU E 143 -3.71 34.42 4.71
N GLY E 144 -4.52 34.25 5.74
CA GLY E 144 -5.22 33.00 5.99
C GLY E 144 -6.71 33.25 6.12
N GLU E 145 -7.50 32.41 5.50
CA GLU E 145 -8.95 32.45 5.66
C GLU E 145 -9.40 31.29 6.54
N HIS E 146 -10.61 31.44 7.05
CA HIS E 146 -11.20 30.43 7.91
C HIS E 146 -12.71 30.55 7.84
N TRP E 147 -13.38 29.41 7.89
CA TRP E 147 -14.83 29.42 7.95
C TRP E 147 -15.28 29.81 9.35
N GLY E 148 -16.31 30.65 9.42
CA GLY E 148 -16.75 31.13 10.71
C GLY E 148 -18.15 31.68 10.65
N LYS E 149 -18.63 32.12 11.81
CA LYS E 149 -19.95 32.74 11.88
C LYS E 149 -19.92 34.12 11.26
N GLY E 150 -20.87 34.39 10.37
CA GLY E 150 -20.96 35.71 9.78
C GLY E 150 -21.70 36.68 10.69
N LYS E 151 -22.51 37.55 10.10
CA LYS E 151 -23.32 38.47 10.87
C LYS E 151 -24.63 37.78 11.26
N GLN E 152 -25.59 38.56 11.73
CA GLN E 152 -26.88 38.01 12.10
C GLN E 152 -27.63 37.52 10.87
N CYS E 153 -28.61 36.64 11.10
CA CYS E 153 -29.34 36.01 10.03
C CYS E 153 -30.19 37.03 9.27
N THR E 154 -30.57 36.66 8.05
CA THR E 154 -31.33 37.54 7.19
C THR E 154 -32.73 37.78 7.75
N ASN E 155 -33.28 38.94 7.42
CA ASN E 155 -34.58 39.44 7.91
C ASN E 155 -34.49 39.55 9.43
N THR E 156 -35.57 39.28 10.16
CA THR E 156 -35.55 39.25 11.62
C THR E 156 -36.19 37.94 12.08
N PRO E 157 -35.44 36.84 12.07
CA PRO E 157 -36.00 35.56 12.50
C PRO E 157 -35.84 35.36 14.01
N VAL E 158 -36.54 34.34 14.51
CA VAL E 158 -36.44 33.93 15.90
C VAL E 158 -35.81 32.54 15.91
N GLN E 159 -34.68 32.41 16.59
CA GLN E 159 -33.93 31.15 16.57
C GLN E 159 -33.21 30.98 17.89
N ALA E 160 -32.94 29.72 18.22
CA ALA E 160 -32.22 29.39 19.45
C ALA E 160 -31.41 28.13 19.17
N GLY E 161 -30.09 28.30 19.05
CA GLY E 161 -29.24 27.19 18.69
C GLY E 161 -29.46 26.67 17.29
N ASP E 162 -29.75 27.55 16.34
CA ASP E 162 -29.93 27.17 14.95
C ASP E 162 -28.60 27.31 14.21
N CYS E 163 -28.64 27.21 12.89
CA CYS E 163 -27.42 27.30 12.09
C CYS E 163 -27.06 28.76 11.84
N PRO E 164 -25.90 29.23 12.28
CA PRO E 164 -25.47 30.58 11.92
C PRO E 164 -25.05 30.65 10.47
N PRO E 165 -25.12 31.84 9.85
CA PRO E 165 -24.64 31.98 8.47
C PRO E 165 -23.13 31.86 8.41
N LEU E 166 -22.65 30.93 7.59
CA LEU E 166 -21.22 30.72 7.46
C LEU E 166 -20.61 31.79 6.56
N GLU E 167 -19.33 32.08 6.80
CA GLU E 167 -18.62 33.04 5.99
C GLU E 167 -17.14 32.71 5.98
N LEU E 168 -16.49 32.99 4.86
CA LEU E 168 -15.05 32.83 4.69
C LEU E 168 -14.40 34.12 5.16
N ILE E 169 -14.01 34.16 6.43
CA ILE E 169 -13.39 35.34 7.00
C ILE E 169 -11.89 35.23 6.77
N THR E 170 -11.32 36.27 6.15
CA THR E 170 -9.91 36.28 5.80
C THR E 170 -9.18 37.31 6.65
N SER E 171 -8.13 36.88 7.34
CA SER E 171 -7.28 37.75 8.12
C SER E 171 -5.84 37.47 7.75
N VAL E 172 -4.92 38.09 8.47
CA VAL E 172 -3.50 37.87 8.24
C VAL E 172 -3.06 36.64 9.03
N ILE E 173 -2.18 35.84 8.44
CA ILE E 173 -1.54 34.75 9.17
C ILE E 173 -0.56 35.36 10.18
N GLN E 174 -0.79 35.08 11.45
CA GLN E 174 0.14 35.50 12.49
C GLN E 174 0.66 34.28 13.22
N ASP E 175 1.80 34.45 13.89
CA ASP E 175 2.36 33.37 14.67
C ASP E 175 1.45 33.04 15.85
N GLY E 176 1.24 31.76 16.10
CA GLY E 176 0.25 31.33 17.05
C GLY E 176 -1.03 30.81 16.45
N ASP E 177 -1.05 30.55 15.14
CA ASP E 177 -2.22 30.01 14.47
C ASP E 177 -2.03 28.53 14.21
N MET E 178 -3.06 27.73 14.51
CA MET E 178 -3.02 26.30 14.23
C MET E 178 -2.94 26.03 12.74
N VAL E 179 -2.25 24.96 12.39
CA VAL E 179 -2.16 24.53 11.00
C VAL E 179 -3.45 23.82 10.64
N ASP E 180 -3.65 23.58 9.36
CA ASP E 180 -4.84 22.91 8.90
C ASP E 180 -4.79 21.42 9.21
N THR E 181 -5.96 20.84 9.36
CA THR E 181 -6.14 19.41 9.50
C THR E 181 -7.14 18.93 8.45
N GLY E 182 -7.48 17.64 8.51
CA GLY E 182 -8.47 17.11 7.60
C GLY E 182 -9.87 17.61 7.86
N PHE E 183 -10.10 18.21 9.03
CA PHE E 183 -11.43 18.72 9.36
C PHE E 183 -11.73 20.01 8.60
N GLY E 184 -10.73 20.88 8.46
CA GLY E 184 -10.86 22.14 7.76
C GLY E 184 -10.25 23.27 8.56
N ALA E 185 -10.55 24.50 8.14
CA ALA E 185 -10.02 25.72 8.75
C ALA E 185 -11.19 26.52 9.29
N MET E 186 -11.50 26.33 10.57
CA MET E 186 -12.71 26.89 11.16
C MET E 186 -12.39 27.66 12.43
N ASN E 187 -13.25 28.62 12.74
CA ASN E 187 -13.19 29.35 14.00
C ASN E 187 -13.90 28.50 15.04
N PHE E 188 -13.15 27.56 15.64
CA PHE E 188 -13.76 26.56 16.50
C PHE E 188 -14.25 27.12 17.82
N ALA E 189 -13.71 28.26 18.26
CA ALA E 189 -14.18 28.86 19.51
C ALA E 189 -15.62 29.31 19.39
N ASP E 190 -16.02 29.83 18.23
CA ASP E 190 -17.37 30.30 18.00
C ASP E 190 -18.25 29.23 17.37
N LEU E 191 -17.75 28.51 16.37
CA LEU E 191 -18.58 27.57 15.63
C LEU E 191 -18.93 26.34 16.44
N GLN E 192 -18.12 25.99 17.42
CA GLN E 192 -18.28 24.73 18.15
C GLN E 192 -18.46 25.06 19.63
N THR E 193 -19.71 25.10 20.08
CA THR E 193 -20.01 25.44 21.46
C THR E 193 -19.81 24.23 22.39
N ASN E 194 -19.74 23.02 21.84
CA ASN E 194 -19.36 21.85 22.61
C ASN E 194 -17.99 21.99 23.24
N LYS E 195 -17.06 22.62 22.50
CA LYS E 195 -15.65 22.77 22.80
C LYS E 195 -14.94 21.41 22.83
N SER E 196 -15.64 20.34 22.51
CA SER E 196 -15.13 18.98 22.60
C SER E 196 -15.60 18.13 21.43
N ASP E 197 -15.52 18.66 20.21
CA ASP E 197 -15.85 17.87 19.04
C ASP E 197 -14.64 17.61 18.14
N VAL E 198 -13.48 18.15 18.48
CA VAL E 198 -12.20 17.87 17.84
C VAL E 198 -11.18 17.70 18.96
N PRO E 199 -9.97 17.19 18.71
CA PRO E 199 -8.97 17.11 19.78
C PRO E 199 -8.60 18.47 20.34
N ILE E 200 -8.08 18.46 21.57
CA ILE E 200 -7.98 19.66 22.38
C ILE E 200 -7.00 20.68 21.84
N ASP E 201 -6.07 20.27 20.97
CA ASP E 201 -5.10 21.24 20.46
C ASP E 201 -5.73 22.26 19.51
N ILE E 202 -6.89 21.94 18.93
CA ILE E 202 -7.57 22.85 18.02
C ILE E 202 -9.00 23.14 18.47
N CYS E 203 -9.37 22.75 19.68
CA CYS E 203 -10.76 22.90 20.11
C CYS E 203 -11.11 24.36 20.36
N GLY E 204 -10.24 25.08 21.07
CA GLY E 204 -10.48 26.47 21.41
C GLY E 204 -9.81 27.47 20.51
N THR E 205 -9.31 27.05 19.34
CA THR E 205 -8.52 27.92 18.47
C THR E 205 -9.12 27.96 17.07
N THR E 206 -8.35 28.49 16.12
CA THR E 206 -8.81 28.63 14.75
C THR E 206 -7.72 28.17 13.79
N CYS E 207 -8.09 27.30 12.86
CA CYS E 207 -7.20 26.89 11.78
C CYS E 207 -7.42 27.80 10.58
N LYS E 208 -6.34 28.04 9.82
CA LYS E 208 -6.41 28.90 8.65
C LYS E 208 -5.60 28.29 7.51
N TYR E 209 -6.03 28.58 6.28
CA TYR E 209 -5.46 28.05 5.04
C TYR E 209 -5.01 29.22 4.18
N PRO E 210 -3.99 29.05 3.35
CA PRO E 210 -3.57 30.15 2.48
C PRO E 210 -4.48 30.30 1.26
N ASP E 211 -5.01 31.51 1.08
CA ASP E 211 -5.87 31.80 -0.08
C ASP E 211 -4.98 32.07 -1.27
N TYR E 212 -4.62 31.00 -1.98
CA TYR E 212 -3.83 31.12 -3.21
C TYR E 212 -4.58 31.92 -4.26
N LEU E 213 -5.91 31.85 -4.23
CA LEU E 213 -6.72 32.66 -5.14
C LEU E 213 -6.53 34.14 -4.86
N GLN E 214 -6.51 34.52 -3.58
CA GLN E 214 -6.25 35.92 -3.24
C GLN E 214 -4.78 36.28 -3.39
N MET E 215 -3.87 35.31 -3.22
CA MET E 215 -2.45 35.59 -3.45
C MET E 215 -2.20 35.97 -4.90
N ALA E 216 -2.80 35.22 -5.83
CA ALA E 216 -2.64 35.53 -7.25
C ALA E 216 -3.39 36.80 -7.62
N ALA E 217 -4.50 37.09 -6.95
CA ALA E 217 -5.29 38.27 -7.23
C ALA E 217 -4.67 39.55 -6.68
N ASP E 218 -3.58 39.45 -5.94
CA ASP E 218 -2.92 40.63 -5.40
C ASP E 218 -2.32 41.46 -6.53
N PRO E 219 -2.47 42.79 -6.48
CA PRO E 219 -2.12 43.61 -7.65
C PRO E 219 -0.63 43.71 -7.90
N TYR E 220 0.20 43.60 -6.87
CA TYR E 220 1.63 43.78 -7.03
C TYR E 220 2.42 42.49 -6.93
N GLY E 221 1.85 41.45 -6.34
CA GLY E 221 2.64 40.27 -6.04
C GLY E 221 3.58 40.45 -4.88
N ASP E 222 3.36 41.48 -4.06
CA ASP E 222 4.19 41.69 -2.87
C ASP E 222 3.98 40.58 -1.86
N ARG E 223 2.80 39.97 -1.85
CA ARG E 223 2.43 39.10 -0.75
C ARG E 223 2.95 37.68 -0.92
N LEU E 224 3.21 37.26 -2.15
CA LEU E 224 3.77 35.93 -2.41
C LEU E 224 4.97 36.08 -3.32
N PHE E 225 6.05 35.37 -2.99
CA PHE E 225 7.17 35.24 -3.91
C PHE E 225 7.16 33.88 -4.61
N PHE E 226 7.27 32.81 -3.82
CA PHE E 226 7.04 31.46 -4.32
C PHE E 226 6.75 30.57 -3.12
N PHE E 227 6.12 29.43 -3.39
CA PHE E 227 5.65 28.55 -2.35
C PHE E 227 5.94 27.11 -2.72
N LEU E 228 6.17 26.28 -1.71
CA LEU E 228 6.15 24.83 -1.90
C LEU E 228 5.17 24.23 -0.91
N ARG E 229 4.34 23.31 -1.39
CA ARG E 229 3.34 22.66 -0.57
C ARG E 229 3.32 21.17 -0.86
N LYS E 230 3.19 20.37 0.19
CA LYS E 230 3.20 18.92 0.05
C LYS E 230 2.30 18.37 1.15
N GLU E 231 1.09 17.96 0.79
CA GLU E 231 0.07 17.58 1.76
C GLU E 231 -0.53 16.24 1.35
N GLN E 232 -0.60 15.32 2.30
CA GLN E 232 -1.30 14.07 2.07
C GLN E 232 -1.87 13.51 3.35
N MET E 233 -2.94 12.72 3.19
CA MET E 233 -3.78 12.18 4.24
C MET E 233 -4.70 11.12 3.65
N PHE E 234 -5.18 10.22 4.50
CA PHE E 234 -6.23 9.29 4.11
C PHE E 234 -7.04 8.97 5.35
N ALA E 235 -8.25 8.46 5.12
CA ALA E 235 -9.20 8.20 6.19
C ALA E 235 -9.13 6.74 6.59
N ARG E 236 -9.08 6.48 7.91
CA ARG E 236 -8.99 5.12 8.39
C ARG E 236 -10.15 4.66 9.25
N HIS E 237 -10.85 5.56 9.94
CA HIS E 237 -11.97 5.16 10.78
C HIS E 237 -13.13 6.12 10.59
N PHE E 238 -14.32 5.57 10.41
CA PHE E 238 -15.54 6.35 10.19
C PHE E 238 -16.42 6.22 11.42
N PHE E 239 -16.98 7.34 11.87
CA PHE E 239 -17.85 7.28 13.03
C PHE E 239 -18.84 8.43 13.01
N ASN E 240 -19.91 8.26 13.79
CA ASN E 240 -20.93 9.29 13.90
C ASN E 240 -20.73 10.12 15.16
N ARG E 241 -21.33 11.31 15.15
CA ARG E 241 -21.23 12.25 16.25
C ARG E 241 -22.59 12.38 16.91
N ALA E 242 -22.65 12.14 18.22
CA ALA E 242 -23.92 12.07 18.91
C ALA E 242 -24.53 13.46 19.07
N GLY E 243 -25.78 13.48 19.54
CA GLY E 243 -26.57 14.69 19.64
C GLY E 243 -27.72 14.69 18.66
N GLU E 244 -28.66 15.59 18.91
CA GLU E 244 -29.85 15.67 18.08
C GLU E 244 -29.51 16.22 16.70
N VAL E 245 -30.30 15.82 15.72
CA VAL E 245 -30.10 16.20 14.33
C VAL E 245 -30.94 17.44 14.07
N GLY E 246 -30.28 18.54 13.69
CA GLY E 246 -31.00 19.76 13.37
C GLY E 246 -31.71 19.72 12.04
N GLU E 247 -31.32 18.80 11.16
CA GLU E 247 -31.89 18.69 9.82
C GLU E 247 -32.29 17.23 9.60
N PRO E 248 -33.48 16.83 10.04
CA PRO E 248 -33.90 15.44 9.88
C PRO E 248 -34.06 15.05 8.41
N VAL E 249 -33.75 13.79 8.12
CA VAL E 249 -33.85 13.26 6.77
C VAL E 249 -35.33 13.14 6.41
N PRO E 250 -35.71 13.35 5.14
CA PRO E 250 -37.11 13.23 4.78
C PRO E 250 -37.55 11.79 4.63
N ASP E 251 -38.86 11.58 4.76
CA ASP E 251 -39.42 10.25 4.55
C ASP E 251 -39.41 9.85 3.08
N THR E 252 -39.20 10.82 2.18
CA THR E 252 -39.17 10.54 0.75
C THR E 252 -37.91 9.81 0.31
N LEU E 253 -36.91 9.69 1.18
CA LEU E 253 -35.64 9.08 0.81
C LEU E 253 -35.33 7.81 1.59
N ILE E 254 -36.06 7.52 2.66
CA ILE E 254 -35.83 6.32 3.46
C ILE E 254 -37.16 5.62 3.65
N ILE E 255 -37.09 4.35 4.06
CA ILE E 255 -38.25 3.56 4.42
C ILE E 255 -38.11 3.15 5.87
N LYS E 256 -39.12 3.45 6.68
CA LYS E 256 -39.05 3.27 8.12
C LYS E 256 -40.13 2.30 8.58
N GLY E 257 -39.76 1.38 9.47
CA GLY E 257 -40.73 0.44 10.01
C GLY E 257 -40.14 -0.35 11.16
N SER E 258 -41.06 -1.00 11.89
CA SER E 258 -40.78 -1.97 12.96
C SER E 258 -40.06 -1.38 14.17
N GLY E 259 -39.90 -2.21 15.21
CA GLY E 259 -39.34 -1.76 16.47
C GLY E 259 -37.83 -1.62 16.43
N ASN E 260 -37.30 -0.96 17.47
CA ASN E 260 -35.91 -0.51 17.58
C ASN E 260 -35.52 0.46 16.47
N ARG E 261 -36.52 1.08 15.84
CA ARG E 261 -36.32 2.05 14.76
C ARG E 261 -37.29 3.19 15.03
N THR E 262 -37.54 3.99 13.99
CA THR E 262 -38.37 5.22 13.95
C THR E 262 -37.74 6.38 14.71
N SER E 263 -36.60 6.17 15.36
CA SER E 263 -35.75 7.25 15.84
C SER E 263 -34.45 7.14 15.06
N VAL E 264 -34.27 8.02 14.08
CA VAL E 264 -33.11 7.95 13.20
C VAL E 264 -31.86 8.28 14.01
N GLY E 265 -30.79 7.54 13.75
CA GLY E 265 -29.57 7.70 14.50
C GLY E 265 -28.83 8.97 14.13
N SER E 266 -27.61 9.07 14.65
CA SER E 266 -26.75 10.22 14.41
C SER E 266 -26.31 10.19 12.95
N SER E 267 -27.00 10.96 12.10
CA SER E 267 -26.68 10.99 10.68
C SER E 267 -25.41 11.76 10.38
N ILE E 268 -24.89 12.54 11.33
CA ILE E 268 -23.66 13.27 11.12
C ILE E 268 -22.49 12.28 11.13
N TYR E 269 -21.79 12.19 10.00
CA TYR E 269 -20.74 11.20 9.82
C TYR E 269 -19.42 11.92 9.58
N VAL E 270 -18.38 11.49 10.28
CA VAL E 270 -17.04 12.06 10.14
C VAL E 270 -16.02 10.93 10.03
N ASN E 271 -14.81 11.32 9.63
CA ASN E 271 -13.71 10.42 9.39
C ASN E 271 -12.54 10.76 10.29
N THR E 272 -11.58 9.86 10.32
CA THR E 272 -10.32 10.09 11.02
C THR E 272 -9.20 10.16 10.00
N PRO E 273 -8.81 11.34 9.56
CA PRO E 273 -7.69 11.44 8.63
C PRO E 273 -6.38 11.02 9.27
N SER E 274 -5.51 10.45 8.45
CA SER E 274 -4.20 10.00 8.90
C SER E 274 -3.20 10.21 7.77
N GLY E 275 -1.98 10.60 8.13
CA GLY E 275 -1.03 11.06 7.14
C GLY E 275 -0.31 9.97 6.36
N SER E 276 -0.45 8.72 6.77
CA SER E 276 0.22 7.55 6.15
C SER E 276 1.74 7.76 6.27
N LEU E 277 2.51 7.33 5.27
CA LEU E 277 3.95 7.21 5.40
C LEU E 277 4.65 8.57 5.35
N VAL E 278 5.79 8.65 6.02
CA VAL E 278 6.63 9.84 6.03
C VAL E 278 7.99 9.44 5.48
N SER E 279 8.42 10.10 4.40
CA SER E 279 9.58 9.65 3.67
C SER E 279 10.61 10.77 3.54
N SER E 280 11.85 10.36 3.30
CA SER E 280 12.95 11.32 3.21
C SER E 280 12.87 12.14 1.94
N GLU E 281 12.60 11.50 0.80
CA GLU E 281 12.55 12.24 -0.46
C GLU E 281 11.28 13.05 -0.61
N ALA E 282 10.27 12.80 0.21
CA ALA E 282 9.09 13.65 0.23
C ALA E 282 9.34 14.96 0.96
N GLN E 283 10.47 15.09 1.65
CA GLN E 283 10.80 16.33 2.33
C GLN E 283 11.19 17.40 1.32
N LEU E 284 10.72 18.62 1.56
CA LEU E 284 11.06 19.78 0.75
C LEU E 284 12.05 20.70 1.44
N PHE E 285 12.62 20.28 2.56
CA PHE E 285 13.48 21.15 3.36
C PHE E 285 14.92 20.67 3.32
N ASN E 286 15.79 21.48 3.94
CA ASN E 286 17.24 21.31 3.92
C ASN E 286 17.79 21.27 2.50
N LYS E 287 17.14 21.97 1.59
CA LYS E 287 17.57 22.10 0.21
C LYS E 287 17.47 23.56 -0.20
N PRO E 288 18.47 24.08 -0.90
CA PRO E 288 18.42 25.48 -1.32
C PRO E 288 17.41 25.69 -2.44
N TYR E 289 16.69 26.80 -2.36
CA TYR E 289 15.73 27.20 -3.38
C TYR E 289 16.21 28.50 -4.02
N TRP E 290 16.18 28.55 -5.35
CA TRP E 290 16.69 29.69 -6.09
C TRP E 290 15.54 30.46 -6.71
N LEU E 291 15.56 31.77 -6.52
CA LEU E 291 14.52 32.65 -7.07
C LEU E 291 14.86 32.94 -8.52
N GLN E 292 14.34 32.10 -9.42
CA GLN E 292 14.53 32.37 -10.83
C GLN E 292 13.53 33.40 -11.33
N LYS E 293 12.26 33.20 -11.02
CA LYS E 293 11.23 34.16 -11.42
C LYS E 293 10.07 34.01 -10.44
N ALA E 294 9.87 35.02 -9.60
CA ALA E 294 8.69 35.05 -8.76
C ALA E 294 7.45 35.29 -9.61
N GLN E 295 6.36 34.62 -9.28
CA GLN E 295 5.16 34.70 -10.10
C GLN E 295 4.49 36.06 -9.97
N GLY E 296 4.71 36.75 -8.86
CA GLY E 296 4.25 38.13 -8.76
C GLY E 296 5.19 39.09 -9.45
N HIS E 297 4.81 40.37 -9.43
CA HIS E 297 5.67 41.41 -9.96
C HIS E 297 6.55 42.01 -8.86
N ASN E 298 7.23 41.13 -8.15
CA ASN E 298 8.13 41.54 -7.07
C ASN E 298 9.21 40.47 -6.98
N ASN E 299 10.34 40.71 -7.66
CA ASN E 299 11.39 39.71 -7.77
C ASN E 299 12.24 39.72 -6.50
N GLY E 300 11.60 39.33 -5.40
CA GLY E 300 12.27 39.21 -4.13
C GLY E 300 12.70 40.51 -3.50
N ILE E 301 12.19 41.64 -3.98
CA ILE E 301 12.66 42.94 -3.49
C ILE E 301 12.10 43.17 -2.09
N CYS E 302 13.00 43.41 -1.13
CA CYS E 302 12.62 43.55 0.27
C CYS E 302 12.16 44.98 0.53
N TRP E 303 10.89 45.22 0.23
CA TRP E 303 10.30 46.51 0.55
C TRP E 303 10.11 46.64 2.05
N GLY E 304 10.37 47.83 2.57
CA GLY E 304 10.24 48.09 3.98
C GLY E 304 11.39 47.60 4.84
N ASN E 305 12.46 47.08 4.23
CA ASN E 305 13.64 46.58 4.94
C ASN E 305 13.28 45.51 5.96
N GLN E 306 12.33 44.65 5.60
CA GLN E 306 11.85 43.58 6.47
C GLN E 306 11.15 42.55 5.60
N LEU E 307 11.17 41.30 6.05
CA LEU E 307 10.66 40.22 5.22
C LEU E 307 9.97 39.20 6.11
N PHE E 308 9.04 38.45 5.52
CA PHE E 308 8.32 37.41 6.24
C PHE E 308 8.55 36.06 5.57
N VAL E 309 8.79 35.04 6.39
CA VAL E 309 8.75 33.66 5.93
C VAL E 309 7.80 32.87 6.83
N THR E 310 6.92 32.11 6.22
CA THR E 310 6.00 31.25 6.97
C THR E 310 6.21 29.82 6.53
N VAL E 311 6.52 28.96 7.48
CA VAL E 311 6.79 27.56 7.21
C VAL E 311 5.99 26.71 8.19
N VAL E 312 5.54 25.56 7.70
CA VAL E 312 4.94 24.52 8.54
C VAL E 312 5.56 23.18 8.13
N ASP E 313 5.78 22.33 9.13
CA ASP E 313 6.46 21.05 8.93
C ASP E 313 5.91 20.07 9.95
N THR E 314 4.95 19.27 9.53
CA THR E 314 4.35 18.28 10.42
C THR E 314 5.16 16.99 10.49
N THR E 315 6.14 16.81 9.61
CA THR E 315 6.85 15.54 9.55
C THR E 315 7.78 15.35 10.74
N ARG E 316 8.37 16.42 11.25
CA ARG E 316 9.29 16.33 12.37
C ARG E 316 8.62 16.73 13.68
N SER E 317 7.34 16.41 13.82
CA SER E 317 6.52 16.90 14.92
C SER E 317 6.35 15.83 15.99
N THR E 318 7.41 15.10 16.32
CA THR E 318 7.32 14.02 17.29
C THR E 318 6.92 14.53 18.67
N ASN E 319 6.36 13.65 19.46
CA ASN E 319 5.71 14.00 20.72
C ASN E 319 6.54 13.50 21.88
N MET E 320 6.72 14.34 22.89
CA MET E 320 7.57 14.02 24.02
C MET E 320 6.74 13.71 25.26
N THR E 321 6.93 12.51 25.79
CA THR E 321 6.37 12.10 27.08
C THR E 321 7.51 11.96 28.09
N LEU E 322 7.30 12.50 29.29
CA LEU E 322 8.35 12.67 30.27
C LEU E 322 7.84 12.20 31.62
N CYS E 323 8.72 11.60 32.41
CA CYS E 323 8.37 11.09 33.72
C CYS E 323 9.26 11.70 34.80
N ALA E 324 8.66 12.03 35.93
CA ALA E 324 9.39 12.58 37.06
C ALA E 324 8.98 11.86 38.33
N SER E 325 9.88 11.88 39.31
CA SER E 325 9.71 11.13 40.54
C SER E 325 9.13 12.04 41.61
N VAL E 326 7.89 11.77 42.00
CA VAL E 326 7.34 12.39 43.20
C VAL E 326 7.75 11.60 44.44
N THR E 327 7.33 10.35 44.52
CA THR E 327 7.75 9.42 45.55
C THR E 327 8.34 8.19 44.87
N THR E 328 9.05 7.38 45.67
CA THR E 328 9.66 6.15 45.17
C THR E 328 9.33 5.03 46.15
N SER E 329 8.55 4.06 45.69
CA SER E 329 8.20 2.89 46.48
C SER E 329 9.08 1.71 46.10
N SER E 330 8.98 0.65 46.89
CA SER E 330 9.71 -0.57 46.59
C SER E 330 9.17 -1.25 45.34
N THR E 331 7.85 -1.42 45.27
CA THR E 331 7.18 -1.95 44.10
C THR E 331 6.75 -0.78 43.22
N TYR E 332 5.92 -1.05 42.22
CA TYR E 332 5.40 0.00 41.36
C TYR E 332 3.97 0.34 41.76
N THR E 333 3.69 1.63 41.86
CA THR E 333 2.34 2.16 41.82
C THR E 333 2.29 3.27 40.78
N ASN E 334 1.09 3.57 40.30
CA ASN E 334 0.92 4.68 39.38
C ASN E 334 1.17 6.01 40.08
N SER E 335 0.78 6.13 41.35
CA SER E 335 0.76 7.41 42.03
C SER E 335 2.14 7.93 42.38
N ASP E 336 3.18 7.09 42.31
CA ASP E 336 4.50 7.53 42.70
C ASP E 336 5.12 8.52 41.74
N TYR E 337 4.76 8.47 40.45
CA TYR E 337 5.46 9.22 39.43
C TYR E 337 4.48 10.11 38.67
N LYS E 338 4.97 11.25 38.23
CA LYS E 338 4.18 12.24 37.50
C LYS E 338 4.58 12.28 36.03
N GLU E 339 3.60 12.55 35.18
CA GLU E 339 3.77 12.50 33.74
C GLU E 339 3.59 13.88 33.15
N TYR E 340 4.50 14.25 32.25
CA TYR E 340 4.51 15.54 31.58
C TYR E 340 4.61 15.32 30.09
N MET E 341 4.21 16.31 29.31
CA MET E 341 4.30 16.23 27.86
C MET E 341 4.89 17.51 27.30
N ARG E 342 5.94 17.36 26.50
CA ARG E 342 6.61 18.49 25.88
C ARG E 342 6.83 18.20 24.40
N HIS E 343 7.16 19.25 23.66
CA HIS E 343 7.53 19.15 22.27
C HIS E 343 8.70 20.08 21.99
N VAL E 344 9.74 19.56 21.35
CA VAL E 344 10.91 20.33 20.98
C VAL E 344 10.98 20.38 19.46
N GLU E 345 11.51 21.47 18.93
CA GLU E 345 11.40 21.71 17.50
C GLU E 345 12.43 22.77 17.10
N GLU E 346 13.26 22.48 16.11
CA GLU E 346 14.40 23.33 15.78
C GLU E 346 14.41 23.77 14.32
N TYR E 347 14.93 24.99 14.12
CA TYR E 347 15.18 25.61 12.83
C TYR E 347 16.58 26.19 12.70
N ASP E 348 17.04 26.24 11.45
CA ASP E 348 18.05 27.15 10.98
C ASP E 348 17.54 27.80 9.71
N LEU E 349 17.86 29.08 9.50
CA LEU E 349 17.39 29.81 8.32
C LEU E 349 18.58 30.46 7.63
N GLN E 350 18.75 30.16 6.35
CA GLN E 350 19.87 30.68 5.55
C GLN E 350 19.35 31.49 4.38
N PHE E 351 19.89 32.68 4.19
CA PHE E 351 19.49 33.52 3.08
C PHE E 351 20.71 34.07 2.36
N ILE E 352 20.63 34.13 1.04
CA ILE E 352 21.57 34.89 0.23
C ILE E 352 20.77 35.96 -0.52
N PHE E 353 21.26 37.19 -0.45
CA PHE E 353 20.53 38.37 -0.90
C PHE E 353 21.37 39.16 -1.89
N GLN E 354 20.68 39.87 -2.77
CA GLN E 354 21.29 40.76 -3.75
C GLN E 354 20.89 42.20 -3.44
N LEU E 355 21.85 43.11 -3.49
CA LEU E 355 21.58 44.52 -3.31
C LEU E 355 21.14 45.14 -4.62
N CYS E 356 20.19 46.07 -4.55
CA CYS E 356 19.56 46.64 -5.72
C CYS E 356 19.43 48.16 -5.57
N SER E 357 19.46 48.85 -6.70
CA SER E 357 19.28 50.29 -6.74
C SER E 357 18.05 50.64 -7.57
N ILE E 358 17.63 51.90 -7.48
CA ILE E 358 16.51 52.40 -8.26
C ILE E 358 16.87 53.78 -8.79
N THR E 359 16.48 54.05 -10.03
CA THR E 359 16.62 55.38 -10.61
C THR E 359 15.34 56.16 -10.28
N LEU E 360 15.42 57.02 -9.27
CA LEU E 360 14.23 57.65 -8.71
C LEU E 360 13.81 58.80 -9.60
N SER E 361 12.82 58.56 -10.45
CA SER E 361 12.20 59.61 -11.25
C SER E 361 10.86 59.99 -10.65
N ALA E 362 10.25 61.04 -11.21
CA ALA E 362 9.00 61.57 -10.66
C ALA E 362 7.87 60.55 -10.81
N GLU E 363 7.73 59.94 -11.98
CA GLU E 363 6.74 58.89 -12.14
C GLU E 363 7.10 57.65 -11.34
N VAL E 364 8.39 57.44 -11.10
CA VAL E 364 8.82 56.36 -10.20
C VAL E 364 8.35 56.65 -8.79
N VAL E 365 8.48 57.91 -8.34
CA VAL E 365 7.98 58.32 -7.03
C VAL E 365 6.48 58.10 -6.94
N ALA E 366 5.75 58.47 -8.00
CA ALA E 366 4.29 58.27 -8.00
C ALA E 366 3.94 56.79 -7.95
N TYR E 367 4.67 55.95 -8.69
CA TYR E 367 4.40 54.52 -8.73
C TYR E 367 4.63 53.88 -7.37
N ILE E 368 5.78 54.15 -6.75
CA ILE E 368 6.08 53.52 -5.48
C ILE E 368 5.30 54.16 -4.33
N HIS E 369 4.81 55.38 -4.50
CA HIS E 369 3.92 55.97 -3.51
C HIS E 369 2.53 55.34 -3.59
N THR E 370 2.07 55.07 -4.81
CA THR E 370 0.79 54.37 -4.97
C THR E 370 0.90 52.92 -4.53
N MET E 371 2.10 52.33 -4.59
CA MET E 371 2.22 50.93 -4.22
C MET E 371 2.39 50.79 -2.70
N ASN E 372 3.27 51.59 -2.11
CA ASN E 372 3.43 51.61 -0.66
C ASN E 372 3.96 52.97 -0.19
N PRO E 373 3.16 53.77 0.50
CA PRO E 373 3.64 55.10 0.91
C PRO E 373 4.48 55.08 2.18
N SER E 374 4.22 54.11 3.06
CA SER E 374 4.88 54.07 4.36
C SER E 374 6.39 53.93 4.21
N VAL E 375 6.82 53.12 3.24
CA VAL E 375 8.25 53.04 2.95
C VAL E 375 8.78 54.36 2.40
N LEU E 376 7.93 55.15 1.72
CA LEU E 376 8.37 56.44 1.21
C LEU E 376 8.63 57.41 2.34
N GLU E 377 7.81 57.38 3.40
CA GLU E 377 8.26 58.12 4.58
C GLU E 377 9.43 57.44 5.28
N ASP E 378 9.64 56.14 5.05
CA ASP E 378 10.77 55.48 5.71
C ASP E 378 12.11 55.90 5.12
N TRP E 379 12.21 56.16 3.81
CA TRP E 379 13.49 56.65 3.32
C TRP E 379 13.75 58.08 3.76
N ASN E 380 12.69 58.87 3.98
CA ASN E 380 12.77 60.30 4.30
C ASN E 380 13.57 61.06 3.24
N PHE E 381 13.11 60.93 2.00
CA PHE E 381 13.77 61.57 0.86
C PHE E 381 13.53 63.07 0.86
N PRO E 415 2.81 54.00 13.15
CA PRO E 415 1.45 53.62 12.78
C PRO E 415 1.38 52.25 12.10
N ASP E 416 2.21 51.32 12.54
CA ASP E 416 2.21 49.98 11.98
C ASP E 416 0.96 49.23 12.41
N PRO E 417 0.13 48.76 11.48
CA PRO E 417 -0.98 47.86 11.87
C PRO E 417 -0.50 46.52 12.37
N TYR E 418 0.72 46.13 12.01
CA TYR E 418 1.27 44.82 12.31
C TYR E 418 1.89 44.76 13.70
N LYS E 419 2.01 45.91 14.37
CA LYS E 419 2.53 45.95 15.73
C LYS E 419 1.60 45.24 16.70
N ASN E 420 0.29 45.30 16.45
CA ASN E 420 -0.66 44.57 17.28
C ASN E 420 -0.51 43.06 17.08
N LEU E 421 -0.21 42.64 15.86
CA LEU E 421 -0.21 41.22 15.52
C LEU E 421 1.02 40.53 16.10
N SER E 422 0.93 39.22 16.25
CA SER E 422 1.96 38.42 16.91
C SER E 422 2.80 37.70 15.86
N PHE E 423 4.09 38.02 15.83
CA PHE E 423 5.03 37.37 14.92
C PHE E 423 6.23 36.86 15.71
N TRP E 424 6.90 35.87 15.15
CA TRP E 424 8.17 35.41 15.67
C TRP E 424 9.24 36.35 15.11
N GLU E 425 9.81 37.17 15.99
CA GLU E 425 10.73 38.21 15.57
C GLU E 425 12.16 37.67 15.54
N VAL E 426 12.84 37.84 14.40
CA VAL E 426 14.25 37.52 14.26
C VAL E 426 14.96 38.69 13.61
N ASN E 427 16.10 39.06 14.18
CA ASN E 427 16.87 40.22 13.75
C ASN E 427 18.17 39.75 13.15
N LEU E 428 18.32 39.93 11.84
CA LEU E 428 19.54 39.58 11.14
C LEU E 428 20.44 40.78 10.88
N LYS E 429 20.24 41.86 11.61
CA LYS E 429 21.18 42.97 11.55
C LYS E 429 22.51 42.56 12.19
N GLU E 430 23.55 43.32 11.84
CA GLU E 430 24.96 43.10 12.17
C GLU E 430 25.40 41.65 12.06
N LYS E 431 24.87 40.93 11.05
CA LYS E 431 25.25 39.55 10.81
C LYS E 431 25.56 39.29 9.34
N PHE E 432 25.58 40.34 8.52
CA PHE E 432 25.81 40.18 7.09
C PHE E 432 27.28 39.91 6.81
N SER E 433 27.53 39.23 5.69
CA SER E 433 28.88 38.91 5.27
C SER E 433 28.93 38.76 3.77
N SER E 434 29.91 39.39 3.14
CA SER E 434 30.15 39.19 1.73
C SER E 434 31.09 38.04 1.44
N GLU E 435 31.67 37.43 2.47
CA GLU E 435 32.55 36.28 2.29
C GLU E 435 31.69 35.03 2.31
N LEU E 436 31.20 34.65 1.14
CA LEU E 436 30.27 33.54 1.02
C LEU E 436 30.96 32.18 1.08
N ASP E 437 32.29 32.15 1.05
CA ASP E 437 33.00 30.89 1.08
C ASP E 437 32.94 30.23 2.45
N GLN E 438 32.54 30.95 3.48
CA GLN E 438 32.46 30.42 4.83
C GLN E 438 31.10 29.82 5.15
N TYR E 439 30.19 29.77 4.18
CA TYR E 439 28.84 29.30 4.40
C TYR E 439 28.47 28.29 3.33
N PRO E 440 27.59 27.32 3.67
CA PRO E 440 27.26 26.26 2.69
C PRO E 440 26.50 26.78 1.49
N LEU E 441 25.41 27.52 1.73
CA LEU E 441 24.58 27.99 0.64
C LEU E 441 25.32 28.96 -0.28
N GLY E 442 26.33 29.67 0.24
CA GLY E 442 27.18 30.46 -0.62
C GLY E 442 27.97 29.60 -1.59
N ARG E 443 28.48 28.47 -1.11
CA ARG E 443 29.16 27.53 -1.99
C ARG E 443 28.21 26.94 -3.01
N LYS E 444 26.99 26.59 -2.58
CA LYS E 444 26.00 26.09 -3.53
C LYS E 444 25.63 27.14 -4.57
N PHE E 445 25.61 28.42 -4.16
CA PHE E 445 25.28 29.48 -5.09
C PHE E 445 26.40 29.70 -6.11
N LEU E 446 27.65 29.69 -5.64
CA LEU E 446 28.75 29.86 -6.57
C LEU E 446 29.00 28.61 -7.41
N LEU E 447 28.39 27.48 -7.05
CA LEU E 447 28.41 26.33 -7.96
C LEU E 447 27.69 26.65 -9.25
N GLN E 448 26.56 27.35 -9.18
CA GLN E 448 25.82 27.80 -10.36
C GLN E 448 25.82 29.33 -10.37
N SER E 449 26.88 29.90 -10.94
CA SER E 449 27.07 31.35 -11.10
C SER E 449 26.96 32.11 -9.78
N LYS F 1 14.66 -22.15 -43.57
CA LYS F 1 13.41 -22.85 -43.80
C LYS F 1 12.22 -21.90 -43.70
N VAL F 2 12.20 -21.09 -42.66
CA VAL F 2 11.13 -20.14 -42.39
C VAL F 2 11.72 -18.74 -42.43
N VAL F 3 11.14 -17.87 -43.24
CA VAL F 3 11.65 -16.52 -43.44
C VAL F 3 10.57 -15.53 -42.99
N ALA F 4 11.02 -14.31 -42.69
CA ALA F 4 10.11 -13.26 -42.27
C ALA F 4 9.17 -12.87 -43.40
N THR F 5 7.99 -12.38 -43.01
CA THR F 5 6.95 -12.09 -44.01
C THR F 5 7.28 -10.88 -44.87
N ASP F 6 8.04 -9.93 -44.32
CA ASP F 6 8.28 -8.69 -45.04
C ASP F 6 9.29 -8.84 -46.16
N ALA F 7 9.94 -10.01 -46.27
CA ALA F 7 10.83 -10.25 -47.39
C ALA F 7 10.08 -10.39 -48.70
N TYR F 8 8.81 -10.80 -48.66
CA TYR F 8 8.04 -11.00 -49.88
C TYR F 8 6.80 -10.15 -50.00
N VAL F 9 6.15 -9.79 -48.89
CA VAL F 9 4.97 -8.94 -48.98
C VAL F 9 5.39 -7.50 -49.27
N THR F 10 4.42 -6.70 -49.71
CA THR F 10 4.65 -5.31 -50.06
C THR F 10 3.61 -4.44 -49.39
N ARG F 11 4.06 -3.36 -48.75
CA ARG F 11 3.17 -2.43 -48.06
C ARG F 11 2.89 -1.24 -48.97
N THR F 12 1.62 -0.91 -49.13
CA THR F 12 1.20 0.19 -49.98
C THR F 12 0.89 1.42 -49.13
N ASN F 13 0.70 2.54 -49.81
CA ASN F 13 0.34 3.79 -49.14
C ASN F 13 -1.19 3.97 -49.09
N ILE F 14 -1.88 2.93 -48.63
CA ILE F 14 -3.33 2.91 -48.57
C ILE F 14 -3.73 2.55 -47.15
N PHE F 15 -4.62 3.35 -46.56
CA PHE F 15 -4.99 3.16 -45.16
C PHE F 15 -6.49 3.28 -45.01
N TYR F 16 -7.10 2.28 -44.38
CA TYR F 16 -8.54 2.26 -44.10
C TYR F 16 -8.79 2.22 -42.60
N HIS F 17 -9.98 2.67 -42.22
CA HIS F 17 -10.43 2.70 -40.83
C HIS F 17 -11.67 1.84 -40.65
N ALA F 18 -11.76 1.16 -39.51
CA ALA F 18 -12.94 0.38 -39.16
C ALA F 18 -13.31 0.68 -37.71
N SER F 19 -14.62 0.62 -37.42
CA SER F 19 -15.12 0.86 -36.08
C SER F 19 -16.22 -0.15 -35.75
N SER F 20 -16.14 -0.74 -34.56
CA SER F 20 -17.14 -1.68 -34.11
C SER F 20 -18.34 -1.01 -33.47
N SER F 21 -18.31 0.32 -33.35
CA SER F 21 -19.37 1.15 -32.73
C SER F 21 -19.55 0.70 -31.28
N ARG F 22 -20.77 0.80 -30.77
CA ARG F 22 -21.05 0.44 -29.39
C ARG F 22 -21.23 -1.07 -29.27
N LEU F 23 -20.42 -1.69 -28.41
CA LEU F 23 -20.58 -3.10 -28.09
C LEU F 23 -20.94 -3.23 -26.62
N LEU F 24 -22.01 -3.98 -26.33
CA LEU F 24 -22.50 -4.13 -24.97
C LEU F 24 -22.63 -5.60 -24.63
N ALA F 25 -22.30 -5.94 -23.39
CA ALA F 25 -22.52 -7.28 -22.85
C ALA F 25 -23.15 -7.13 -21.47
N VAL F 26 -24.38 -7.60 -21.33
CA VAL F 26 -25.13 -7.48 -20.08
C VAL F 26 -25.56 -8.87 -19.65
N GLY F 27 -25.29 -9.22 -18.40
CA GLY F 27 -25.74 -10.50 -17.89
C GLY F 27 -25.27 -10.73 -16.47
N HIS F 28 -25.70 -11.86 -15.93
CA HIS F 28 -25.43 -12.21 -14.55
C HIS F 28 -23.94 -12.48 -14.34
N PRO F 29 -23.35 -12.00 -13.23
CA PRO F 29 -21.90 -12.12 -13.05
C PRO F 29 -21.43 -13.49 -12.60
N TYR F 30 -22.32 -14.41 -12.25
CA TYR F 30 -21.86 -15.67 -11.71
C TYR F 30 -22.29 -16.90 -12.49
N PHE F 31 -23.56 -16.98 -12.87
CA PHE F 31 -24.05 -18.16 -13.55
C PHE F 31 -25.12 -17.76 -14.55
N SER F 32 -25.23 -18.55 -15.61
CA SER F 32 -26.19 -18.29 -16.68
C SER F 32 -27.50 -18.98 -16.33
N ILE F 33 -28.54 -18.19 -16.08
CA ILE F 33 -29.85 -18.72 -15.74
C ILE F 33 -30.57 -19.12 -17.03
N LYS F 34 -31.30 -20.23 -16.96
CA LYS F 34 -32.08 -20.70 -18.10
C LYS F 34 -33.34 -21.38 -17.61
N ARG F 35 -34.46 -21.04 -18.23
CA ARG F 35 -35.74 -21.67 -17.95
C ARG F 35 -36.13 -22.50 -19.15
N ALA F 36 -36.29 -23.81 -18.95
CA ALA F 36 -36.54 -24.79 -20.01
C ALA F 36 -35.47 -24.68 -21.10
N ASN F 37 -34.24 -25.02 -20.69
CA ASN F 37 -32.97 -25.03 -21.44
C ASN F 37 -32.82 -23.88 -22.44
N LYS F 38 -33.25 -22.69 -22.03
CA LYS F 38 -33.20 -21.49 -22.87
C LYS F 38 -32.49 -20.40 -22.08
N THR F 39 -31.22 -20.19 -22.37
CA THR F 39 -30.41 -19.23 -21.63
C THR F 39 -30.81 -17.80 -22.00
N VAL F 40 -31.70 -17.22 -21.19
CA VAL F 40 -32.11 -15.84 -21.41
C VAL F 40 -30.99 -14.88 -21.00
N VAL F 41 -30.37 -15.14 -19.86
CA VAL F 41 -29.31 -14.29 -19.33
C VAL F 41 -28.04 -15.13 -19.22
N PRO F 42 -27.10 -14.96 -20.14
CA PRO F 42 -25.88 -15.78 -20.13
C PRO F 42 -24.84 -15.23 -19.16
N LYS F 43 -23.69 -15.90 -19.15
CA LYS F 43 -22.56 -15.51 -18.31
C LYS F 43 -21.93 -14.24 -18.85
N VAL F 44 -22.00 -13.16 -18.08
CA VAL F 44 -21.31 -11.92 -18.41
C VAL F 44 -20.57 -11.46 -17.17
N SER F 45 -19.25 -11.28 -17.29
CA SER F 45 -18.45 -10.88 -16.14
C SER F 45 -17.25 -10.07 -16.61
N GLY F 46 -16.68 -9.32 -15.69
CA GLY F 46 -15.42 -8.67 -15.91
C GLY F 46 -14.24 -9.57 -15.72
N TYR F 47 -14.51 -10.83 -15.36
CA TYR F 47 -13.47 -11.82 -15.15
C TYR F 47 -13.47 -12.85 -16.28
N GLN F 48 -13.84 -12.42 -17.47
CA GLN F 48 -14.11 -13.33 -18.58
C GLN F 48 -13.17 -13.01 -19.74
N TYR F 49 -12.65 -14.05 -20.37
CA TYR F 49 -11.84 -13.86 -21.57
C TYR F 49 -12.73 -13.32 -22.68
N ARG F 50 -12.40 -12.14 -23.19
CA ARG F 50 -13.15 -11.54 -24.28
C ARG F 50 -12.38 -11.77 -25.57
N VAL F 51 -12.83 -12.78 -26.32
CA VAL F 51 -12.20 -13.19 -27.57
C VAL F 51 -13.10 -12.73 -28.71
N PHE F 52 -12.60 -11.81 -29.52
CA PHE F 52 -13.35 -11.26 -30.65
C PHE F 52 -12.73 -11.76 -31.93
N LYS F 53 -13.56 -12.45 -32.71
CA LYS F 53 -13.24 -12.87 -34.07
C LYS F 53 -13.75 -11.80 -35.01
N VAL F 54 -12.84 -11.09 -35.66
CA VAL F 54 -13.17 -10.02 -36.57
C VAL F 54 -13.12 -10.59 -37.98
N VAL F 55 -14.21 -10.45 -38.72
CA VAL F 55 -14.19 -10.88 -40.12
C VAL F 55 -13.94 -9.63 -40.97
N LEU F 56 -13.19 -9.81 -42.05
CA LEU F 56 -12.67 -8.70 -42.82
C LEU F 56 -13.19 -8.76 -44.25
N PRO F 57 -13.34 -7.61 -44.91
CA PRO F 57 -13.67 -7.62 -46.33
C PRO F 57 -12.54 -8.23 -47.17
N ASP F 58 -12.93 -8.88 -48.25
CA ASP F 58 -11.95 -9.38 -49.19
C ASP F 58 -11.36 -8.19 -49.94
N PRO F 59 -10.05 -7.95 -49.84
CA PRO F 59 -9.47 -6.83 -50.59
C PRO F 59 -9.47 -7.05 -52.09
N ASN F 60 -9.51 -8.31 -52.54
CA ASN F 60 -9.47 -8.59 -53.97
C ASN F 60 -10.76 -8.16 -54.65
N LYS F 61 -11.91 -8.50 -54.07
CA LYS F 61 -13.19 -8.12 -54.63
C LYS F 61 -13.70 -6.80 -54.09
N PHE F 62 -12.93 -6.12 -53.25
CA PHE F 62 -13.33 -4.81 -52.78
C PHE F 62 -13.20 -3.78 -53.88
N ALA F 63 -14.01 -2.72 -53.79
CA ALA F 63 -13.96 -1.61 -54.74
C ALA F 63 -12.69 -0.80 -54.45
N LEU F 64 -11.59 -1.27 -55.01
CA LEU F 64 -10.30 -0.61 -54.84
C LEU F 64 -10.29 0.71 -55.62
N PRO F 65 -9.93 1.83 -54.99
CA PRO F 65 -9.86 3.10 -55.74
C PRO F 65 -8.83 3.11 -56.85
N ASP F 66 -7.71 2.41 -56.69
CA ASP F 66 -6.66 2.36 -57.71
C ASP F 66 -6.44 0.90 -58.08
N SER F 67 -7.22 0.42 -59.05
CA SER F 67 -7.09 -0.95 -59.52
C SER F 67 -5.95 -1.13 -60.52
N SER F 68 -5.32 -0.02 -60.95
CA SER F 68 -4.19 -0.13 -61.87
C SER F 68 -2.99 -0.79 -61.21
N LEU F 69 -2.78 -0.55 -59.91
CA LEU F 69 -1.70 -1.23 -59.20
C LEU F 69 -1.98 -2.72 -59.07
N PHE F 70 -3.24 -3.09 -58.89
CA PHE F 70 -3.60 -4.49 -58.73
C PHE F 70 -3.54 -5.21 -60.08
N ASP F 71 -3.03 -6.44 -60.05
CA ASP F 71 -3.03 -7.32 -61.21
C ASP F 71 -3.67 -8.63 -60.80
N PRO F 72 -4.68 -9.10 -61.54
CA PRO F 72 -5.29 -10.41 -61.22
C PRO F 72 -4.30 -11.57 -61.29
N THR F 73 -3.34 -11.51 -62.20
CA THR F 73 -2.30 -12.52 -62.25
C THR F 73 -1.19 -12.19 -61.26
N THR F 74 -0.66 -13.23 -60.61
CA THR F 74 0.52 -13.27 -59.74
C THR F 74 0.53 -12.20 -58.64
N GLN F 75 -0.60 -11.56 -58.38
CA GLN F 75 -0.69 -10.51 -57.37
C GLN F 75 -2.02 -10.61 -56.66
N ARG F 76 -1.98 -10.74 -55.34
CA ARG F 76 -3.16 -10.77 -54.50
C ARG F 76 -3.07 -9.70 -53.43
N LEU F 77 -4.21 -9.36 -52.85
CA LEU F 77 -4.30 -8.29 -51.86
C LEU F 77 -4.80 -8.84 -50.54
N VAL F 78 -4.11 -8.46 -49.46
CA VAL F 78 -4.49 -8.82 -48.10
C VAL F 78 -4.47 -7.58 -47.23
N TRP F 79 -5.23 -7.63 -46.14
CA TRP F 79 -5.22 -6.55 -45.18
C TRP F 79 -4.08 -6.73 -44.18
N ALA F 80 -3.47 -5.62 -43.77
CA ALA F 80 -2.42 -5.63 -42.77
C ALA F 80 -2.81 -4.67 -41.65
N CYS F 81 -2.79 -5.16 -40.42
CA CYS F 81 -3.18 -4.36 -39.27
C CYS F 81 -2.07 -3.38 -38.90
N THR F 82 -2.45 -2.12 -38.68
CA THR F 82 -1.50 -1.08 -38.33
C THR F 82 -1.71 -0.55 -36.92
N GLY F 83 -2.93 -0.16 -36.59
CA GLY F 83 -3.20 0.41 -35.27
C GLY F 83 -4.52 -0.09 -34.72
N LEU F 84 -4.57 -0.17 -33.39
CA LEU F 84 -5.71 -0.74 -32.68
C LEU F 84 -6.14 0.18 -31.57
N GLU F 85 -7.41 0.04 -31.18
CA GLU F 85 -8.01 0.88 -30.14
C GLU F 85 -9.09 0.10 -29.45
N VAL F 86 -8.95 -0.07 -28.14
CA VAL F 86 -9.93 -0.74 -27.29
C VAL F 86 -10.59 0.31 -26.41
N GLY F 87 -11.81 0.68 -26.79
CA GLY F 87 -12.61 1.70 -26.15
C GLY F 87 -13.42 1.25 -24.96
N ARG F 88 -12.81 1.18 -23.78
CA ARG F 88 -13.60 1.02 -22.56
C ARG F 88 -14.38 2.29 -22.28
N GLY F 89 -15.61 2.13 -21.78
CA GLY F 89 -16.42 3.29 -21.45
C GLY F 89 -17.05 3.22 -20.08
N GLN F 90 -17.06 2.04 -19.46
CA GLN F 90 -17.56 1.91 -18.12
C GLN F 90 -16.60 2.56 -17.12
N PRO F 91 -17.10 2.98 -15.97
CA PRO F 91 -16.22 3.59 -14.96
C PRO F 91 -15.34 2.54 -14.30
N LEU F 92 -14.46 3.02 -13.42
CA LEU F 92 -13.64 2.11 -12.64
C LEU F 92 -14.49 1.36 -11.63
N GLY F 93 -14.11 0.11 -11.37
CA GLY F 93 -14.84 -0.71 -10.42
C GLY F 93 -14.24 -2.09 -10.25
N VAL F 94 -14.11 -2.54 -9.00
CA VAL F 94 -13.51 -3.84 -8.70
C VAL F 94 -14.63 -4.87 -8.53
N GLY F 95 -14.48 -6.00 -9.21
CA GLY F 95 -15.46 -7.06 -9.10
C GLY F 95 -15.46 -7.71 -7.74
N VAL F 96 -16.60 -8.28 -7.37
CA VAL F 96 -16.79 -8.92 -6.09
C VAL F 96 -17.24 -10.35 -6.34
N SER F 97 -16.59 -11.30 -5.69
CA SER F 97 -16.93 -12.70 -5.85
C SER F 97 -17.10 -13.34 -4.48
N GLY F 98 -17.55 -14.58 -4.50
CA GLY F 98 -17.73 -15.31 -3.27
C GLY F 98 -18.53 -16.56 -3.50
N HIS F 99 -18.84 -17.24 -2.39
CA HIS F 99 -19.62 -18.45 -2.51
C HIS F 99 -20.24 -18.71 -1.15
N PRO F 100 -21.51 -19.12 -1.09
CA PRO F 100 -22.16 -19.30 0.21
C PRO F 100 -21.74 -20.57 0.92
N PHE F 101 -21.18 -21.53 0.22
CA PHE F 101 -20.80 -22.82 0.79
C PHE F 101 -19.32 -23.06 0.49
N LEU F 102 -18.44 -22.56 1.35
CA LEU F 102 -17.01 -22.74 1.13
C LEU F 102 -16.35 -23.21 2.42
N ASN F 103 -15.22 -23.91 2.26
CA ASN F 103 -14.49 -24.50 3.36
C ASN F 103 -13.63 -23.49 4.12
N LYS F 104 -14.27 -22.49 4.71
CA LYS F 104 -13.60 -21.46 5.50
C LYS F 104 -13.82 -21.73 6.98
N TYR F 105 -12.99 -22.59 7.57
CA TYR F 105 -13.19 -22.98 8.96
C TYR F 105 -12.15 -22.57 9.97
N ASP F 106 -10.90 -22.35 9.61
CA ASP F 106 -10.01 -21.81 10.62
C ASP F 106 -9.28 -20.60 10.10
N ASP F 107 -9.25 -19.56 10.92
CA ASP F 107 -8.51 -18.34 10.64
C ASP F 107 -7.18 -18.48 11.36
N VAL F 108 -6.12 -18.70 10.59
CA VAL F 108 -4.83 -18.99 11.20
C VAL F 108 -4.24 -17.74 11.85
N GLU F 109 -4.62 -16.56 11.35
CA GLU F 109 -3.99 -15.33 11.82
C GLU F 109 -4.39 -14.99 13.27
N ASN F 110 -5.40 -15.68 13.81
CA ASN F 110 -5.95 -15.65 15.18
C ASN F 110 -6.53 -14.30 15.59
N SER F 111 -6.64 -13.36 14.64
CA SER F 111 -7.43 -12.18 14.91
C SER F 111 -8.92 -12.54 14.94
N GLY F 112 -9.34 -13.44 14.05
CA GLY F 112 -10.68 -13.99 14.08
C GLY F 112 -10.74 -15.31 14.82
N SER F 113 -9.85 -16.23 14.45
CA SER F 113 -9.72 -17.57 15.05
C SER F 113 -11.07 -18.32 14.98
N GLY F 114 -11.44 -18.66 13.74
CA GLY F 114 -12.72 -19.31 13.51
C GLY F 114 -12.86 -20.63 14.22
N GLY F 115 -11.78 -21.39 14.32
CA GLY F 115 -11.76 -22.54 15.19
C GLY F 115 -12.49 -23.76 14.69
N ASN F 116 -12.81 -23.83 13.39
CA ASN F 116 -13.34 -25.01 12.72
C ASN F 116 -14.65 -25.50 13.32
N PRO F 117 -15.78 -24.82 13.06
CA PRO F 117 -17.08 -25.24 13.59
C PRO F 117 -17.39 -26.72 13.36
N GLY F 118 -18.23 -27.26 14.26
CA GLY F 118 -18.37 -28.70 14.35
C GLY F 118 -19.05 -29.31 13.14
N GLN F 119 -18.59 -30.52 12.79
CA GLN F 119 -19.06 -31.39 11.72
C GLN F 119 -18.79 -30.82 10.34
N ASP F 120 -18.57 -31.71 9.37
CA ASP F 120 -18.23 -31.34 8.02
C ASP F 120 -19.35 -30.57 7.35
N ASN F 121 -19.15 -29.26 7.20
CA ASN F 121 -20.11 -28.40 6.52
C ASN F 121 -19.31 -27.28 5.85
N ARG F 122 -19.98 -26.16 5.59
CA ARG F 122 -19.36 -25.05 4.86
C ARG F 122 -19.77 -23.76 5.56
N VAL F 123 -19.46 -22.63 4.92
CA VAL F 123 -19.81 -21.31 5.41
C VAL F 123 -19.70 -20.34 4.25
N ASN F 124 -20.47 -19.24 4.31
CA ASN F 124 -20.41 -18.20 3.29
C ASN F 124 -19.13 -17.39 3.44
N VAL F 125 -18.46 -17.12 2.31
CA VAL F 125 -17.29 -16.24 2.34
C VAL F 125 -17.10 -15.65 0.96
N GLY F 126 -16.63 -14.40 0.91
CA GLY F 126 -16.40 -13.73 -0.35
C GLY F 126 -15.12 -12.92 -0.32
N MET F 127 -14.65 -12.58 -1.53
CA MET F 127 -13.43 -11.80 -1.73
C MET F 127 -13.39 -11.35 -3.18
N ASP F 128 -12.34 -10.60 -3.52
CA ASP F 128 -12.11 -10.17 -4.89
C ASP F 128 -10.91 -10.90 -5.47
N TYR F 129 -10.84 -10.94 -6.79
CA TYR F 129 -9.68 -11.57 -7.41
C TYR F 129 -8.63 -10.51 -7.71
N LYS F 130 -7.56 -10.91 -8.39
CA LYS F 130 -6.46 -10.00 -8.66
C LYS F 130 -6.81 -9.03 -9.77
N GLN F 131 -6.01 -7.96 -9.87
CA GLN F 131 -6.12 -7.04 -10.99
C GLN F 131 -5.37 -7.65 -12.17
N THR F 132 -6.10 -8.01 -13.21
CA THR F 132 -5.54 -8.60 -14.42
C THR F 132 -5.87 -7.69 -15.58
N GLN F 133 -4.86 -7.33 -16.36
CA GLN F 133 -5.05 -6.36 -17.43
C GLN F 133 -4.24 -6.85 -18.63
N LEU F 134 -4.90 -7.57 -19.53
CA LEU F 134 -4.20 -8.25 -20.61
C LEU F 134 -4.87 -7.97 -21.95
N CYS F 135 -4.05 -7.71 -22.96
CA CYS F 135 -4.57 -7.58 -24.31
C CYS F 135 -3.63 -8.24 -25.32
N MET F 136 -4.26 -8.90 -26.30
CA MET F 136 -3.64 -9.69 -27.35
C MET F 136 -4.30 -9.41 -28.69
N VAL F 137 -3.48 -9.33 -29.73
CA VAL F 137 -3.94 -9.23 -31.10
C VAL F 137 -3.15 -10.23 -31.95
N GLY F 138 -3.82 -10.85 -32.91
CA GLY F 138 -3.15 -11.83 -33.75
C GLY F 138 -4.00 -12.23 -34.94
N CYS F 139 -3.36 -12.93 -35.86
CA CYS F 139 -4.06 -13.54 -36.98
C CYS F 139 -4.46 -14.97 -36.70
N ALA F 140 -4.07 -15.51 -35.55
CA ALA F 140 -4.42 -16.85 -35.11
C ALA F 140 -4.94 -16.76 -33.68
N PRO F 141 -5.88 -17.63 -33.30
CA PRO F 141 -6.42 -17.54 -31.95
C PRO F 141 -5.40 -17.96 -30.92
N PRO F 142 -5.43 -17.37 -29.72
CA PRO F 142 -4.40 -17.66 -28.73
C PRO F 142 -4.54 -19.05 -28.13
N LEU F 143 -3.41 -19.57 -27.67
CA LEU F 143 -3.33 -20.89 -27.05
C LEU F 143 -2.83 -20.72 -25.62
N GLY F 144 -3.58 -21.25 -24.66
CA GLY F 144 -3.23 -21.11 -23.27
C GLY F 144 -3.24 -22.45 -22.55
N GLU F 145 -2.51 -22.49 -21.45
CA GLU F 145 -2.32 -23.72 -20.69
C GLU F 145 -3.20 -23.76 -19.46
N HIS F 146 -3.41 -24.98 -18.97
CA HIS F 146 -3.96 -25.22 -17.64
C HIS F 146 -3.61 -26.65 -17.25
N TRP F 147 -3.34 -26.88 -15.97
CA TRP F 147 -3.14 -28.25 -15.53
C TRP F 147 -4.47 -28.89 -15.19
N GLY F 148 -4.52 -30.20 -15.37
CA GLY F 148 -5.75 -30.94 -15.16
C GLY F 148 -5.47 -32.42 -15.00
N LYS F 149 -6.55 -33.16 -14.84
CA LYS F 149 -6.51 -34.61 -14.70
C LYS F 149 -6.55 -35.21 -16.10
N GLY F 150 -5.39 -35.55 -16.63
CA GLY F 150 -5.32 -36.12 -17.96
C GLY F 150 -5.33 -37.63 -17.95
N LYS F 151 -4.27 -38.23 -18.44
CA LYS F 151 -4.17 -39.69 -18.45
C LYS F 151 -3.92 -40.19 -17.02
N GLN F 152 -4.27 -41.45 -16.79
CA GLN F 152 -4.17 -42.05 -15.47
C GLN F 152 -2.71 -42.19 -15.03
N CYS F 153 -2.52 -42.74 -13.84
CA CYS F 153 -1.19 -42.91 -13.28
C CYS F 153 -0.39 -43.95 -14.06
N THR F 154 0.87 -44.09 -13.70
CA THR F 154 1.71 -45.17 -14.19
C THR F 154 1.19 -46.51 -13.68
N ASN F 155 1.67 -47.59 -14.32
CA ASN F 155 1.39 -49.02 -14.11
C ASN F 155 -0.10 -49.26 -13.85
N THR F 156 -0.44 -50.18 -12.95
CA THR F 156 -1.82 -50.50 -12.63
C THR F 156 -2.05 -50.27 -11.13
N PRO F 157 -2.35 -49.04 -10.73
CA PRO F 157 -2.64 -48.78 -9.32
C PRO F 157 -4.08 -49.12 -8.98
N VAL F 158 -4.27 -49.53 -7.73
CA VAL F 158 -5.60 -49.82 -7.19
C VAL F 158 -5.85 -48.82 -6.07
N GLN F 159 -6.82 -47.93 -6.28
CA GLN F 159 -7.03 -46.80 -5.37
C GLN F 159 -8.46 -46.34 -5.49
N ALA F 160 -8.89 -45.54 -4.51
CA ALA F 160 -10.23 -44.96 -4.47
C ALA F 160 -10.09 -43.49 -4.08
N GLY F 161 -10.07 -42.61 -5.07
CA GLY F 161 -10.00 -41.18 -4.82
C GLY F 161 -8.70 -40.69 -4.23
N ASP F 162 -7.59 -41.05 -4.85
CA ASP F 162 -6.28 -40.55 -4.45
C ASP F 162 -5.89 -39.38 -5.36
N CYS F 163 -4.67 -38.89 -5.20
CA CYS F 163 -4.22 -37.73 -5.97
C CYS F 163 -4.01 -38.12 -7.43
N PRO F 164 -4.70 -37.47 -8.36
CA PRO F 164 -4.53 -37.81 -9.78
C PRO F 164 -3.26 -37.20 -10.34
N PRO F 165 -2.78 -37.70 -11.47
CA PRO F 165 -1.63 -37.05 -12.13
C PRO F 165 -2.02 -35.68 -12.67
N LEU F 166 -1.01 -34.82 -12.80
CA LEU F 166 -1.20 -33.48 -13.33
C LEU F 166 -0.65 -33.42 -14.75
N GLU F 167 -1.47 -32.93 -15.67
CA GLU F 167 -1.06 -32.80 -17.06
C GLU F 167 -1.29 -31.37 -17.52
N LEU F 168 -0.41 -30.89 -18.38
CA LEU F 168 -0.47 -29.51 -18.87
C LEU F 168 -1.27 -29.54 -20.18
N ILE F 169 -2.58 -29.36 -20.05
CA ILE F 169 -3.44 -29.31 -21.22
C ILE F 169 -3.34 -27.92 -21.83
N THR F 170 -2.97 -27.85 -23.10
CA THR F 170 -2.92 -26.60 -23.84
C THR F 170 -4.12 -26.55 -24.77
N SER F 171 -4.96 -25.53 -24.61
CA SER F 171 -6.19 -25.41 -25.37
C SER F 171 -6.32 -24.02 -25.94
N VAL F 172 -7.07 -23.92 -27.03
CA VAL F 172 -7.33 -22.63 -27.66
C VAL F 172 -8.22 -21.80 -26.75
N ILE F 173 -7.87 -20.54 -26.58
CA ILE F 173 -8.57 -19.65 -25.66
C ILE F 173 -9.76 -19.06 -26.41
N GLN F 174 -10.95 -19.63 -26.20
CA GLN F 174 -12.15 -19.15 -26.85
C GLN F 174 -12.97 -18.31 -25.88
N ASP F 175 -13.99 -17.64 -26.44
CA ASP F 175 -14.94 -16.93 -25.60
C ASP F 175 -15.73 -17.94 -24.78
N GLY F 176 -15.92 -17.62 -23.51
CA GLY F 176 -16.46 -18.58 -22.57
C GLY F 176 -15.41 -19.23 -21.69
N ASP F 177 -14.13 -18.92 -21.91
CA ASP F 177 -13.07 -19.45 -21.07
C ASP F 177 -12.80 -18.51 -19.92
N MET F 178 -12.48 -19.09 -18.77
CA MET F 178 -12.44 -18.37 -17.51
C MET F 178 -11.02 -17.92 -17.24
N VAL F 179 -10.88 -16.71 -16.67
CA VAL F 179 -9.58 -16.04 -16.57
C VAL F 179 -8.74 -16.74 -15.52
N ASP F 180 -7.44 -16.45 -15.50
CA ASP F 180 -6.58 -16.92 -14.43
C ASP F 180 -7.03 -16.36 -13.07
N THR F 181 -6.62 -17.05 -12.02
CA THR F 181 -7.00 -16.69 -10.68
C THR F 181 -5.82 -16.87 -9.74
N GLY F 182 -5.95 -16.28 -8.55
CA GLY F 182 -4.96 -16.49 -7.53
C GLY F 182 -5.04 -17.85 -6.87
N PHE F 183 -6.06 -18.63 -7.21
CA PHE F 183 -6.23 -19.97 -6.68
C PHE F 183 -5.66 -21.03 -7.60
N GLY F 184 -5.08 -20.64 -8.73
CA GLY F 184 -4.53 -21.57 -9.69
C GLY F 184 -5.48 -21.86 -10.82
N ALA F 185 -4.97 -21.98 -12.04
CA ALA F 185 -5.81 -22.08 -13.23
C ALA F 185 -6.02 -23.55 -13.57
N MET F 186 -6.97 -24.19 -12.89
CA MET F 186 -7.22 -25.61 -13.03
C MET F 186 -8.56 -25.83 -13.74
N ASN F 187 -8.94 -27.10 -13.87
CA ASN F 187 -10.26 -27.48 -14.37
C ASN F 187 -11.09 -27.89 -13.16
N PHE F 188 -11.66 -26.89 -12.49
CA PHE F 188 -12.26 -27.12 -11.18
C PHE F 188 -13.58 -27.88 -11.27
N ALA F 189 -14.20 -27.90 -12.44
CA ALA F 189 -15.42 -28.69 -12.59
C ALA F 189 -15.13 -30.19 -12.47
N ASP F 190 -13.97 -30.62 -12.98
CA ASP F 190 -13.58 -32.03 -12.97
C ASP F 190 -12.52 -32.34 -11.93
N LEU F 191 -11.45 -31.54 -11.88
CA LEU F 191 -10.34 -31.83 -10.98
C LEU F 191 -10.76 -31.65 -9.53
N GLN F 192 -11.55 -30.63 -9.25
CA GLN F 192 -12.09 -30.41 -7.92
C GLN F 192 -13.46 -31.07 -7.84
N THR F 193 -13.71 -31.79 -6.74
CA THR F 193 -14.94 -32.54 -6.59
C THR F 193 -15.92 -31.90 -5.60
N ASN F 194 -15.41 -31.13 -4.63
CA ASN F 194 -16.28 -30.45 -3.67
C ASN F 194 -17.20 -29.46 -4.36
N LYS F 195 -16.69 -28.78 -5.39
CA LYS F 195 -17.27 -27.55 -5.93
C LYS F 195 -17.47 -26.53 -4.82
N SER F 196 -16.55 -26.51 -3.86
CA SER F 196 -16.68 -25.67 -2.69
C SER F 196 -15.36 -25.06 -2.24
N ASP F 197 -14.26 -25.30 -2.95
CA ASP F 197 -12.99 -24.73 -2.56
C ASP F 197 -12.75 -23.35 -3.15
N VAL F 198 -13.61 -22.91 -4.06
CA VAL F 198 -13.46 -21.63 -4.76
C VAL F 198 -14.82 -20.98 -4.89
N PRO F 199 -14.86 -19.67 -5.15
CA PRO F 199 -16.14 -19.00 -5.39
C PRO F 199 -16.89 -19.56 -6.60
N ILE F 200 -18.15 -19.14 -6.70
CA ILE F 200 -19.12 -19.81 -7.56
C ILE F 200 -18.78 -19.64 -9.04
N ASP F 201 -18.09 -18.56 -9.40
CA ASP F 201 -17.83 -18.27 -10.80
C ASP F 201 -16.86 -19.28 -11.40
N ILE F 202 -15.94 -19.81 -10.61
CA ILE F 202 -14.88 -20.65 -11.14
C ILE F 202 -14.98 -22.10 -10.68
N CYS F 203 -16.01 -22.46 -9.91
CA CYS F 203 -16.09 -23.81 -9.39
C CYS F 203 -16.47 -24.80 -10.49
N GLY F 204 -17.35 -24.40 -11.40
CA GLY F 204 -17.81 -25.27 -12.46
C GLY F 204 -17.19 -25.03 -13.81
N THR F 205 -16.09 -24.28 -13.90
CA THR F 205 -15.49 -23.99 -15.18
C THR F 205 -14.03 -24.41 -15.19
N THR F 206 -13.29 -24.00 -16.22
CA THR F 206 -11.88 -24.33 -16.35
C THR F 206 -11.09 -23.05 -16.53
N CYS F 207 -10.39 -22.62 -15.49
CA CYS F 207 -9.51 -21.47 -15.58
C CYS F 207 -8.26 -21.85 -16.34
N LYS F 208 -7.75 -20.91 -17.15
CA LYS F 208 -6.54 -21.16 -17.92
C LYS F 208 -5.84 -19.86 -18.22
N TYR F 209 -4.52 -19.95 -18.37
CA TYR F 209 -3.57 -18.87 -18.51
C TYR F 209 -2.85 -18.98 -19.85
N PRO F 210 -2.57 -17.86 -20.51
CA PRO F 210 -1.84 -17.92 -21.79
C PRO F 210 -0.38 -18.35 -21.60
N ASP F 211 -0.06 -19.55 -22.07
CA ASP F 211 1.30 -20.08 -21.99
C ASP F 211 2.16 -19.34 -23.01
N TYR F 212 2.91 -18.35 -22.54
CA TYR F 212 3.73 -17.52 -23.42
C TYR F 212 4.89 -18.28 -24.03
N LEU F 213 5.29 -19.38 -23.40
CA LEU F 213 6.43 -20.16 -23.87
C LEU F 213 6.15 -20.79 -25.24
N GLN F 214 5.12 -21.63 -25.31
CA GLN F 214 4.69 -22.17 -26.59
C GLN F 214 4.10 -21.09 -27.48
N MET F 215 3.62 -20.00 -26.89
CA MET F 215 3.00 -18.94 -27.67
C MET F 215 4.04 -18.29 -28.57
N ALA F 216 5.20 -17.96 -28.00
CA ALA F 216 6.32 -17.41 -28.77
C ALA F 216 7.10 -18.48 -29.49
N ALA F 217 7.04 -19.73 -29.03
CA ALA F 217 7.84 -20.80 -29.62
C ALA F 217 7.30 -21.29 -30.96
N ASP F 218 6.21 -20.72 -31.46
CA ASP F 218 5.71 -21.08 -32.77
C ASP F 218 6.69 -20.63 -33.85
N PRO F 219 6.96 -21.49 -34.84
CA PRO F 219 7.91 -21.11 -35.90
C PRO F 219 7.48 -19.92 -36.73
N TYR F 220 6.19 -19.76 -36.97
CA TYR F 220 5.71 -18.68 -37.83
C TYR F 220 5.26 -17.45 -37.06
N GLY F 221 4.95 -17.59 -35.78
CA GLY F 221 4.51 -16.44 -35.01
C GLY F 221 3.15 -15.93 -35.40
N ASP F 222 2.30 -16.78 -35.98
CA ASP F 222 0.97 -16.36 -36.38
C ASP F 222 0.08 -16.11 -35.17
N ARG F 223 0.37 -16.76 -34.05
CA ARG F 223 -0.50 -16.71 -32.89
C ARG F 223 -0.31 -15.47 -32.02
N LEU F 224 0.69 -14.63 -32.29
CA LEU F 224 0.85 -13.39 -31.55
C LEU F 224 1.25 -12.28 -32.49
N PHE F 225 0.91 -11.06 -32.11
CA PHE F 225 1.57 -9.87 -32.64
C PHE F 225 2.34 -9.16 -31.53
N PHE F 226 1.67 -8.79 -30.44
CA PHE F 226 2.31 -8.20 -29.28
C PHE F 226 1.34 -8.27 -28.11
N PHE F 227 1.90 -8.46 -26.92
CA PHE F 227 1.13 -8.67 -25.71
C PHE F 227 1.31 -7.50 -24.77
N LEU F 228 0.24 -7.07 -24.11
CA LEU F 228 0.38 -6.15 -22.99
C LEU F 228 -0.22 -6.76 -21.74
N ARG F 229 0.56 -6.70 -20.65
CA ARG F 229 0.25 -7.30 -19.36
C ARG F 229 0.47 -6.29 -18.25
N LYS F 230 -0.51 -6.19 -17.35
CA LYS F 230 -0.26 -5.66 -16.00
C LYS F 230 -1.07 -6.49 -15.00
N GLU F 231 -0.39 -7.00 -13.99
CA GLU F 231 -1.00 -7.82 -12.96
C GLU F 231 -0.68 -7.24 -11.59
N GLN F 232 -1.64 -7.34 -10.68
CA GLN F 232 -1.43 -6.90 -9.32
C GLN F 232 -2.21 -7.80 -8.37
N MET F 233 -1.53 -8.30 -7.34
CA MET F 233 -2.20 -9.03 -6.27
C MET F 233 -1.34 -9.00 -5.03
N PHE F 234 -1.99 -9.17 -3.89
CA PHE F 234 -1.32 -9.34 -2.61
C PHE F 234 -2.25 -10.09 -1.68
N ALA F 235 -1.68 -11.00 -0.90
CA ALA F 235 -2.49 -11.84 -0.04
C ALA F 235 -2.94 -11.05 1.19
N ARG F 236 -4.24 -11.02 1.43
CA ARG F 236 -4.76 -10.22 2.52
C ARG F 236 -5.19 -11.01 3.74
N HIS F 237 -5.58 -12.27 3.58
CA HIS F 237 -5.84 -13.15 4.71
C HIS F 237 -5.41 -14.57 4.42
N PHE F 238 -5.04 -15.27 5.48
CA PHE F 238 -4.51 -16.62 5.41
C PHE F 238 -5.46 -17.56 6.12
N PHE F 239 -5.70 -18.72 5.54
CA PHE F 239 -6.63 -19.68 6.12
C PHE F 239 -6.32 -21.08 5.61
N ASN F 240 -7.03 -22.06 6.16
CA ASN F 240 -6.86 -23.46 5.84
C ASN F 240 -8.18 -24.06 5.39
N ARG F 241 -8.08 -25.25 4.81
CA ARG F 241 -9.28 -26.01 4.45
C ARG F 241 -9.46 -27.18 5.39
N ALA F 242 -10.70 -27.62 5.53
CA ALA F 242 -11.01 -28.78 6.35
C ALA F 242 -10.75 -30.05 5.54
N GLY F 243 -11.21 -31.18 6.05
CA GLY F 243 -10.94 -32.46 5.43
C GLY F 243 -9.65 -33.06 5.92
N GLU F 244 -9.44 -34.33 5.56
CA GLU F 244 -8.28 -35.07 6.00
C GLU F 244 -7.13 -34.89 5.02
N VAL F 245 -5.93 -35.19 5.50
CA VAL F 245 -4.71 -35.04 4.73
C VAL F 245 -4.32 -36.42 4.20
N GLY F 246 -4.40 -36.59 2.88
CA GLY F 246 -4.01 -37.84 2.28
C GLY F 246 -2.52 -38.02 2.12
N GLU F 247 -1.74 -36.98 2.40
CA GLU F 247 -0.29 -37.01 2.35
C GLU F 247 0.22 -36.47 3.68
N PRO F 248 0.18 -37.28 4.74
CA PRO F 248 0.41 -36.77 6.09
C PRO F 248 1.85 -36.30 6.29
N VAL F 249 1.99 -35.32 7.18
CA VAL F 249 3.30 -34.76 7.53
C VAL F 249 4.07 -35.82 8.30
N PRO F 250 5.39 -35.86 8.18
CA PRO F 250 6.17 -36.85 8.94
C PRO F 250 6.27 -36.45 10.41
N ASP F 251 6.39 -37.47 11.25
CA ASP F 251 6.54 -37.24 12.68
C ASP F 251 7.93 -36.70 13.00
N THR F 252 8.89 -36.91 12.10
CA THR F 252 10.26 -36.48 12.30
C THR F 252 10.41 -34.97 12.35
N LEU F 253 9.40 -34.21 11.95
CA LEU F 253 9.45 -32.75 12.01
C LEU F 253 8.56 -32.16 13.09
N ILE F 254 7.53 -32.86 13.53
CA ILE F 254 6.54 -32.32 14.45
C ILE F 254 6.46 -33.23 15.66
N ILE F 255 6.55 -32.64 16.85
CA ILE F 255 6.45 -33.37 18.10
C ILE F 255 5.00 -33.28 18.58
N LYS F 256 4.37 -34.44 18.74
CA LYS F 256 2.98 -34.52 19.18
C LYS F 256 2.92 -35.05 20.61
N GLY F 257 1.72 -35.01 21.17
CA GLY F 257 1.48 -35.56 22.48
C GLY F 257 0.59 -34.72 23.38
N SER F 258 0.19 -35.29 24.51
CA SER F 258 -0.55 -34.63 25.61
C SER F 258 -1.95 -34.18 25.22
N GLY F 259 -2.69 -33.66 26.20
CA GLY F 259 -4.06 -33.26 25.97
C GLY F 259 -4.16 -32.00 25.13
N ASN F 260 -5.38 -31.77 24.62
CA ASN F 260 -5.72 -30.71 23.65
C ASN F 260 -4.90 -30.81 22.38
N ARG F 261 -4.33 -31.97 22.12
CA ARG F 261 -3.41 -32.21 21.01
C ARG F 261 -3.59 -33.65 20.59
N THR F 262 -2.58 -34.21 19.91
CA THR F 262 -2.50 -35.54 19.32
C THR F 262 -3.41 -35.67 18.11
N SER F 263 -4.09 -34.61 17.69
CA SER F 263 -4.79 -34.55 16.42
C SER F 263 -4.18 -33.39 15.65
N VAL F 264 -3.49 -33.69 14.55
CA VAL F 264 -2.80 -32.66 13.80
C VAL F 264 -3.82 -31.79 13.07
N GLY F 265 -3.47 -30.52 12.91
CA GLY F 265 -4.27 -29.65 12.07
C GLY F 265 -4.04 -29.92 10.61
N SER F 266 -4.82 -29.24 9.78
CA SER F 266 -4.69 -29.39 8.34
C SER F 266 -3.37 -28.78 7.87
N SER F 267 -2.67 -29.51 7.01
CA SER F 267 -1.44 -29.01 6.41
C SER F 267 -1.71 -28.24 5.13
N ILE F 268 -2.96 -27.87 4.88
CA ILE F 268 -3.38 -27.26 3.63
C ILE F 268 -3.66 -25.80 3.93
N TYR F 269 -2.81 -24.91 3.40
CA TYR F 269 -2.92 -23.48 3.64
C TYR F 269 -2.99 -22.76 2.31
N VAL F 270 -4.01 -21.91 2.14
CA VAL F 270 -4.15 -21.06 0.97
C VAL F 270 -4.51 -19.66 1.45
N ASN F 271 -4.70 -18.75 0.49
CA ASN F 271 -4.85 -17.34 0.80
C ASN F 271 -5.99 -16.73 0.02
N THR F 272 -6.35 -15.51 0.41
CA THR F 272 -7.29 -14.69 -0.33
C THR F 272 -6.55 -13.51 -0.93
N PRO F 273 -6.33 -13.49 -2.24
CA PRO F 273 -5.63 -12.36 -2.86
C PRO F 273 -6.54 -11.15 -3.01
N SER F 274 -5.91 -10.00 -3.20
CA SER F 274 -6.62 -8.75 -3.46
C SER F 274 -5.80 -7.90 -4.41
N GLY F 275 -6.50 -7.04 -5.15
CA GLY F 275 -5.85 -6.26 -6.18
C GLY F 275 -5.30 -4.93 -5.70
N SER F 276 -5.79 -4.48 -4.54
CA SER F 276 -5.47 -3.17 -3.94
C SER F 276 -5.93 -2.09 -4.91
N LEU F 277 -5.13 -1.08 -5.21
CA LEU F 277 -5.62 0.12 -5.87
C LEU F 277 -5.60 -0.01 -7.39
N VAL F 278 -6.68 0.48 -8.01
CA VAL F 278 -6.71 0.69 -9.44
C VAL F 278 -6.51 2.18 -9.70
N SER F 279 -6.08 2.51 -10.90
CA SER F 279 -5.88 3.91 -11.26
C SER F 279 -6.06 4.09 -12.76
N SER F 280 -6.44 5.30 -13.14
CA SER F 280 -6.54 5.61 -14.56
C SER F 280 -5.17 5.71 -15.20
N GLU F 281 -4.14 6.06 -14.42
CA GLU F 281 -2.79 6.14 -14.97
C GLU F 281 -2.24 4.77 -15.33
N ALA F 282 -2.65 3.74 -14.59
CA ALA F 282 -2.21 2.39 -14.88
C ALA F 282 -3.03 1.73 -15.97
N GLN F 283 -4.00 2.44 -16.55
CA GLN F 283 -4.82 1.86 -17.60
C GLN F 283 -4.06 1.80 -18.90
N LEU F 284 -4.25 0.72 -19.64
CA LEU F 284 -3.61 0.47 -20.92
C LEU F 284 -4.56 0.61 -22.09
N PHE F 285 -5.76 1.09 -21.85
CA PHE F 285 -6.77 1.19 -22.90
C PHE F 285 -7.17 2.65 -23.06
N ASN F 286 -8.08 2.87 -24.01
CA ASN F 286 -8.49 4.21 -24.45
C ASN F 286 -7.29 5.05 -24.87
N LYS F 287 -6.36 4.42 -25.59
CA LYS F 287 -5.15 5.09 -26.06
C LYS F 287 -4.67 4.37 -27.32
N PRO F 288 -4.14 5.09 -28.31
CA PRO F 288 -3.74 4.44 -29.56
C PRO F 288 -2.50 3.57 -29.38
N TYR F 289 -2.48 2.45 -30.10
CA TYR F 289 -1.36 1.53 -30.09
C TYR F 289 -0.85 1.36 -31.51
N TRP F 290 0.47 1.30 -31.67
CA TRP F 290 1.12 1.27 -32.97
C TRP F 290 1.99 0.03 -33.07
N LEU F 291 1.86 -0.70 -34.18
CA LEU F 291 2.56 -1.95 -34.39
C LEU F 291 3.81 -1.65 -35.22
N GLN F 292 4.92 -1.36 -34.53
CA GLN F 292 6.15 -1.05 -35.23
C GLN F 292 6.78 -2.32 -35.81
N LYS F 293 7.00 -3.32 -34.96
CA LYS F 293 7.59 -4.57 -35.40
C LYS F 293 7.15 -5.66 -34.45
N ALA F 294 6.48 -6.68 -34.98
CA ALA F 294 6.10 -7.82 -34.16
C ALA F 294 7.33 -8.64 -33.79
N GLN F 295 7.21 -9.36 -32.68
CA GLN F 295 8.30 -10.23 -32.24
C GLN F 295 8.51 -11.38 -33.21
N GLY F 296 7.41 -11.96 -33.70
CA GLY F 296 7.49 -13.05 -34.65
C GLY F 296 7.66 -12.58 -36.08
N HIS F 297 7.62 -13.53 -37.00
CA HIS F 297 7.73 -13.21 -38.43
C HIS F 297 6.36 -12.94 -39.05
N ASN F 298 5.58 -12.05 -38.43
CA ASN F 298 4.25 -11.72 -38.96
C ASN F 298 3.96 -10.26 -38.59
N ASN F 299 4.28 -9.37 -39.52
CA ASN F 299 4.14 -7.93 -39.27
C ASN F 299 2.70 -7.51 -39.57
N GLY F 300 1.81 -7.92 -38.67
CA GLY F 300 0.43 -7.48 -38.74
C GLY F 300 -0.38 -8.07 -39.88
N ILE F 301 0.10 -9.16 -40.47
CA ILE F 301 -0.58 -9.73 -41.64
C ILE F 301 -1.74 -10.58 -41.17
N CYS F 302 -2.93 -10.27 -41.69
CA CYS F 302 -4.15 -10.99 -41.34
C CYS F 302 -4.45 -11.97 -42.46
N TRP F 303 -3.92 -13.18 -42.34
CA TRP F 303 -4.20 -14.21 -43.33
C TRP F 303 -5.65 -14.65 -43.25
N GLY F 304 -6.26 -14.87 -44.42
CA GLY F 304 -7.60 -15.40 -44.47
C GLY F 304 -8.68 -14.46 -44.02
N ASN F 305 -8.39 -13.15 -43.95
CA ASN F 305 -9.35 -12.10 -43.59
C ASN F 305 -9.94 -12.32 -42.20
N GLN F 306 -9.19 -12.96 -41.30
CA GLN F 306 -9.62 -13.23 -39.95
C GLN F 306 -8.71 -12.50 -38.97
N LEU F 307 -9.29 -11.97 -37.91
CA LEU F 307 -8.53 -11.27 -36.89
C LEU F 307 -8.98 -11.74 -35.51
N PHE F 308 -8.04 -11.83 -34.58
CA PHE F 308 -8.33 -12.29 -33.23
C PHE F 308 -7.83 -11.24 -32.25
N VAL F 309 -8.75 -10.64 -31.50
CA VAL F 309 -8.36 -9.73 -30.42
C VAL F 309 -8.97 -10.23 -29.12
N THR F 310 -8.13 -10.44 -28.12
CA THR F 310 -8.59 -10.91 -26.82
C THR F 310 -8.16 -9.93 -25.74
N VAL F 311 -9.12 -9.51 -24.94
CA VAL F 311 -8.86 -8.62 -23.82
C VAL F 311 -9.47 -9.20 -22.56
N VAL F 312 -8.78 -9.00 -21.44
CA VAL F 312 -9.36 -9.12 -20.11
C VAL F 312 -9.02 -7.86 -19.32
N ASP F 313 -10.02 -7.32 -18.65
CA ASP F 313 -9.94 -6.09 -17.89
C ASP F 313 -10.72 -6.28 -16.60
N THR F 314 -10.11 -5.92 -15.48
CA THR F 314 -10.79 -5.97 -14.20
C THR F 314 -11.14 -4.59 -13.68
N THR F 315 -10.62 -3.52 -14.30
CA THR F 315 -10.90 -2.17 -13.82
C THR F 315 -12.36 -1.80 -14.04
N ARG F 316 -13.00 -2.40 -15.03
CA ARG F 316 -14.39 -2.14 -15.37
C ARG F 316 -15.29 -3.31 -15.00
N SER F 317 -15.04 -3.92 -13.85
CA SER F 317 -15.72 -5.16 -13.46
C SER F 317 -16.70 -4.95 -12.31
N THR F 318 -17.18 -3.71 -12.12
CA THR F 318 -18.07 -3.43 -11.00
C THR F 318 -19.39 -4.15 -11.15
N ASN F 319 -19.88 -4.68 -10.03
CA ASN F 319 -21.03 -5.57 -10.02
C ASN F 319 -22.26 -4.76 -9.62
N MET F 320 -23.29 -4.82 -10.44
CA MET F 320 -24.46 -3.98 -10.25
C MET F 320 -25.53 -4.73 -9.47
N THR F 321 -26.12 -4.06 -8.48
CA THR F 321 -27.14 -4.65 -7.62
C THR F 321 -28.50 -4.04 -7.93
N LEU F 322 -29.49 -4.89 -8.18
CA LEU F 322 -30.84 -4.45 -8.50
C LEU F 322 -31.82 -4.95 -7.45
N CYS F 323 -32.82 -4.14 -7.16
CA CYS F 323 -33.89 -4.50 -6.25
C CYS F 323 -35.24 -4.24 -6.88
N ALA F 324 -36.21 -5.09 -6.55
CA ALA F 324 -37.57 -4.94 -7.05
C ALA F 324 -38.55 -5.35 -5.98
N SER F 325 -39.79 -4.88 -6.12
CA SER F 325 -40.85 -5.19 -5.18
C SER F 325 -41.78 -6.23 -5.76
N VAL F 326 -42.04 -7.28 -4.97
CA VAL F 326 -43.17 -8.16 -5.27
C VAL F 326 -44.47 -7.45 -4.91
N THR F 327 -44.63 -7.13 -3.62
CA THR F 327 -45.68 -6.23 -3.17
C THR F 327 -45.04 -5.11 -2.37
N THR F 328 -45.86 -4.32 -1.67
CA THR F 328 -45.36 -3.28 -0.78
C THR F 328 -46.09 -3.36 0.54
N SER F 329 -45.47 -2.80 1.58
CA SER F 329 -46.03 -2.81 2.92
C SER F 329 -45.77 -1.48 3.59
N SER F 330 -46.46 -1.26 4.72
CA SER F 330 -46.24 -0.04 5.49
C SER F 330 -44.86 -0.04 6.13
N THR F 331 -44.41 -1.19 6.61
CA THR F 331 -43.09 -1.33 7.21
C THR F 331 -42.16 -2.07 6.25
N TYR F 332 -40.86 -1.93 6.49
CA TYR F 332 -39.87 -2.56 5.64
C TYR F 332 -39.88 -4.06 5.91
N THR F 333 -40.22 -4.85 4.90
CA THR F 333 -40.31 -6.30 5.02
C THR F 333 -39.39 -6.95 4.01
N ASN F 334 -38.67 -7.98 4.44
CA ASN F 334 -37.71 -8.63 3.55
C ASN F 334 -38.39 -9.46 2.47
N SER F 335 -39.62 -9.90 2.70
CA SER F 335 -40.28 -10.79 1.76
C SER F 335 -40.75 -10.06 0.51
N ASP F 336 -41.05 -8.76 0.62
CA ASP F 336 -41.62 -8.02 -0.51
C ASP F 336 -40.61 -7.73 -1.60
N TYR F 337 -39.32 -7.92 -1.35
CA TYR F 337 -38.29 -7.49 -2.27
C TYR F 337 -37.52 -8.68 -2.83
N LYS F 338 -37.07 -8.53 -4.07
CA LYS F 338 -36.24 -9.49 -4.76
C LYS F 338 -34.98 -8.79 -5.25
N GLU F 339 -33.84 -9.47 -5.13
CA GLU F 339 -32.54 -8.90 -5.41
C GLU F 339 -31.88 -9.63 -6.57
N TYR F 340 -31.23 -8.86 -7.45
CA TYR F 340 -30.60 -9.39 -8.64
C TYR F 340 -29.19 -8.84 -8.76
N MET F 341 -28.30 -9.65 -9.32
CA MET F 341 -26.96 -9.23 -9.68
C MET F 341 -26.88 -9.12 -11.19
N ARG F 342 -26.60 -7.93 -11.69
CA ARG F 342 -26.43 -7.71 -13.11
C ARG F 342 -25.09 -7.03 -13.35
N HIS F 343 -24.39 -7.50 -14.38
CA HIS F 343 -23.11 -6.94 -14.78
C HIS F 343 -23.20 -6.44 -16.21
N VAL F 344 -22.48 -5.37 -16.48
CA VAL F 344 -22.39 -4.80 -17.81
C VAL F 344 -20.92 -4.67 -18.19
N GLU F 345 -20.69 -4.65 -19.50
CA GLU F 345 -19.32 -4.56 -20.01
C GLU F 345 -19.39 -3.93 -21.40
N GLU F 346 -18.74 -2.78 -21.56
CA GLU F 346 -18.85 -1.99 -22.77
C GLU F 346 -17.52 -2.01 -23.51
N TYR F 347 -17.60 -2.14 -24.83
CA TYR F 347 -16.43 -2.30 -25.69
C TYR F 347 -16.59 -1.47 -26.95
N ASP F 348 -15.48 -0.86 -27.36
CA ASP F 348 -15.33 -0.37 -28.73
C ASP F 348 -14.06 -0.99 -29.32
N LEU F 349 -14.13 -1.38 -30.58
CA LEU F 349 -12.97 -1.90 -31.30
C LEU F 349 -12.77 -1.04 -32.53
N GLN F 350 -11.71 -0.23 -32.53
CA GLN F 350 -11.43 0.69 -33.61
C GLN F 350 -10.07 0.34 -34.20
N PHE F 351 -10.00 0.18 -35.53
CA PHE F 351 -8.80 -0.30 -36.18
C PHE F 351 -8.43 0.58 -37.35
N ILE F 352 -7.12 0.69 -37.60
CA ILE F 352 -6.61 1.25 -38.85
C ILE F 352 -5.72 0.19 -39.49
N PHE F 353 -5.97 -0.05 -40.77
CA PHE F 353 -5.37 -1.12 -41.56
C PHE F 353 -4.65 -0.52 -42.76
N GLN F 354 -3.60 -1.21 -43.19
CA GLN F 354 -2.84 -0.82 -44.37
C GLN F 354 -2.96 -1.92 -45.41
N LEU F 355 -3.17 -1.52 -46.66
CA LEU F 355 -3.31 -2.48 -47.76
C LEU F 355 -1.97 -3.11 -48.08
N CYS F 356 -1.98 -4.43 -48.30
CA CYS F 356 -0.77 -5.18 -48.58
C CYS F 356 -0.96 -6.01 -49.84
N SER F 357 0.13 -6.18 -50.57
CA SER F 357 0.14 -6.96 -51.81
C SER F 357 1.25 -8.00 -51.75
N ILE F 358 1.22 -8.91 -52.71
CA ILE F 358 2.17 -10.02 -52.76
C ILE F 358 2.43 -10.36 -54.22
N THR F 359 3.66 -10.76 -54.52
CA THR F 359 4.02 -11.23 -55.86
C THR F 359 4.19 -12.75 -55.80
N LEU F 360 3.49 -13.46 -56.67
CA LEU F 360 3.45 -14.92 -56.63
C LEU F 360 4.60 -15.48 -57.46
N SER F 361 5.58 -16.05 -56.79
CA SER F 361 6.63 -16.83 -57.43
C SER F 361 6.51 -18.29 -56.99
N ALA F 362 7.27 -19.16 -57.64
CA ALA F 362 7.18 -20.60 -57.38
C ALA F 362 7.58 -20.93 -55.95
N GLU F 363 8.70 -20.38 -55.48
CA GLU F 363 9.08 -20.56 -54.08
C GLU F 363 8.13 -19.81 -53.15
N VAL F 364 7.56 -18.69 -53.62
CA VAL F 364 6.58 -17.97 -52.83
C VAL F 364 5.31 -18.81 -52.67
N VAL F 365 4.86 -19.43 -53.76
CA VAL F 365 3.69 -20.31 -53.71
C VAL F 365 3.97 -21.50 -52.79
N ALA F 366 5.17 -22.07 -52.88
CA ALA F 366 5.52 -23.21 -52.03
C ALA F 366 5.52 -22.82 -50.55
N TYR F 367 6.10 -21.66 -50.22
CA TYR F 367 6.15 -21.21 -48.83
C TYR F 367 4.76 -20.92 -48.29
N ILE F 368 3.95 -20.17 -49.06
CA ILE F 368 2.63 -19.77 -48.59
C ILE F 368 1.71 -20.99 -48.51
N HIS F 369 1.98 -22.01 -49.33
CA HIS F 369 1.20 -23.25 -49.27
C HIS F 369 1.60 -24.09 -48.07
N THR F 370 2.90 -24.15 -47.76
CA THR F 370 3.35 -24.94 -46.62
C THR F 370 2.88 -24.34 -45.31
N MET F 371 2.87 -23.01 -45.19
CA MET F 371 2.45 -22.44 -43.91
C MET F 371 0.94 -22.51 -43.72
N ASN F 372 0.15 -22.28 -44.78
CA ASN F 372 -1.29 -22.48 -44.74
C ASN F 372 -1.85 -22.71 -46.13
N PRO F 373 -2.38 -23.90 -46.44
CA PRO F 373 -3.02 -24.08 -47.75
C PRO F 373 -4.47 -23.62 -47.81
N SER F 374 -5.11 -23.40 -46.66
CA SER F 374 -6.51 -22.98 -46.63
C SER F 374 -6.68 -21.63 -47.30
N VAL F 375 -5.76 -20.70 -47.05
CA VAL F 375 -5.78 -19.44 -47.77
C VAL F 375 -5.51 -19.67 -49.26
N LEU F 376 -4.74 -20.68 -49.61
CA LEU F 376 -4.45 -20.94 -51.02
C LEU F 376 -5.68 -21.39 -51.77
N GLU F 377 -6.55 -22.20 -51.16
CA GLU F 377 -7.83 -22.38 -51.84
C GLU F 377 -8.78 -21.22 -51.62
N ASP F 378 -8.49 -20.33 -50.66
CA ASP F 378 -9.34 -19.14 -50.50
C ASP F 378 -9.16 -18.17 -51.68
N TRP F 379 -7.91 -17.94 -52.12
CA TRP F 379 -7.75 -16.95 -53.19
C TRP F 379 -8.22 -17.49 -54.53
N ASN F 380 -8.35 -18.82 -54.64
CA ASN F 380 -8.72 -19.63 -55.82
C ASN F 380 -7.95 -19.16 -57.06
N PHE F 381 -6.63 -19.26 -56.93
CA PHE F 381 -5.70 -18.89 -57.99
C PHE F 381 -5.69 -19.94 -59.10
N PRO F 415 -13.16 -27.56 -44.29
CA PRO F 415 -13.58 -27.89 -42.92
C PRO F 415 -12.75 -27.17 -41.86
N ASP F 416 -13.10 -25.93 -41.57
CA ASP F 416 -12.44 -25.17 -40.51
C ASP F 416 -12.85 -25.72 -39.15
N PRO F 417 -11.91 -26.14 -38.31
CA PRO F 417 -12.27 -26.54 -36.94
C PRO F 417 -12.77 -25.39 -36.08
N TYR F 418 -12.51 -24.14 -36.49
CA TYR F 418 -12.90 -22.97 -35.72
C TYR F 418 -14.40 -22.77 -35.63
N LYS F 419 -15.19 -23.47 -36.46
CA LYS F 419 -16.63 -23.36 -36.35
C LYS F 419 -17.15 -24.01 -35.06
N ASN F 420 -16.43 -24.99 -34.53
CA ASN F 420 -16.89 -25.68 -33.34
C ASN F 420 -16.76 -24.80 -32.10
N LEU F 421 -15.65 -24.08 -31.97
CA LEU F 421 -15.44 -23.23 -30.81
C LEU F 421 -16.29 -21.97 -30.90
N SER F 422 -16.58 -21.40 -29.73
CA SER F 422 -17.44 -20.22 -29.64
C SER F 422 -16.61 -18.98 -29.39
N PHE F 423 -16.80 -17.97 -30.23
CA PHE F 423 -16.13 -16.69 -30.09
C PHE F 423 -17.18 -15.60 -30.10
N TRP F 424 -16.75 -14.36 -29.87
CA TRP F 424 -17.61 -13.21 -30.03
C TRP F 424 -17.30 -12.62 -31.41
N GLU F 425 -18.23 -12.76 -32.34
CA GLU F 425 -17.97 -12.39 -33.73
C GLU F 425 -18.36 -10.95 -33.98
N VAL F 426 -17.52 -10.25 -34.75
CA VAL F 426 -17.85 -8.91 -35.24
C VAL F 426 -17.60 -8.86 -36.74
N ASN F 427 -18.51 -8.18 -37.44
CA ASN F 427 -18.48 -8.03 -38.88
C ASN F 427 -18.11 -6.59 -39.19
N LEU F 428 -16.91 -6.40 -39.73
CA LEU F 428 -16.47 -5.07 -40.15
C LEU F 428 -16.47 -4.92 -41.65
N LYS F 429 -17.14 -5.83 -42.37
CA LYS F 429 -17.35 -5.64 -43.79
C LYS F 429 -18.31 -4.47 -44.02
N GLU F 430 -18.21 -3.89 -45.22
CA GLU F 430 -18.91 -2.66 -45.65
C GLU F 430 -18.84 -1.53 -44.62
N LYS F 431 -17.77 -1.51 -43.83
CA LYS F 431 -17.53 -0.44 -42.88
C LYS F 431 -16.15 0.19 -43.03
N PHE F 432 -15.31 -0.34 -43.92
CA PHE F 432 -14.00 0.25 -44.15
C PHE F 432 -14.15 1.62 -44.80
N SER F 433 -13.33 2.57 -44.36
CA SER F 433 -13.36 3.91 -44.92
C SER F 433 -11.95 4.40 -45.15
N SER F 434 -11.69 4.85 -46.37
CA SER F 434 -10.43 5.53 -46.67
C SER F 434 -10.44 6.98 -46.19
N GLU F 435 -11.60 7.50 -45.81
CA GLU F 435 -11.72 8.87 -45.31
C GLU F 435 -11.40 8.87 -43.81
N LEU F 436 -10.12 8.62 -43.53
CA LEU F 436 -9.67 8.41 -42.15
C LEU F 436 -9.70 9.69 -41.33
N ASP F 437 -9.72 10.86 -41.97
CA ASP F 437 -9.72 12.12 -41.25
C ASP F 437 -11.02 12.40 -40.52
N GLN F 438 -12.05 11.60 -40.75
CA GLN F 438 -13.34 11.78 -40.08
C GLN F 438 -13.41 11.06 -38.74
N TYR F 439 -12.32 10.44 -38.30
CA TYR F 439 -12.33 9.64 -37.09
C TYR F 439 -11.15 10.02 -36.19
N PRO F 440 -11.35 9.99 -34.87
CA PRO F 440 -10.26 10.38 -33.96
C PRO F 440 -9.03 9.52 -34.07
N LEU F 441 -9.20 8.22 -34.33
CA LEU F 441 -8.04 7.37 -34.55
C LEU F 441 -7.31 7.81 -35.80
N GLY F 442 -8.04 8.22 -36.83
CA GLY F 442 -7.39 8.73 -38.02
C GLY F 442 -6.61 10.00 -37.76
N ARG F 443 -7.14 10.86 -36.89
CA ARG F 443 -6.41 12.07 -36.50
C ARG F 443 -5.13 11.72 -35.76
N LYS F 444 -5.21 10.76 -34.83
CA LYS F 444 -4.02 10.34 -34.09
C LYS F 444 -3.03 9.63 -35.00
N PHE F 445 -3.52 8.98 -36.04
CA PHE F 445 -2.64 8.32 -36.99
C PHE F 445 -1.93 9.32 -37.88
N LEU F 446 -2.64 10.34 -38.34
CA LEU F 446 -1.98 11.37 -39.13
C LEU F 446 -1.15 12.32 -38.29
N LEU F 447 -1.27 12.24 -36.96
CA LEU F 447 -0.37 13.00 -36.09
C LEU F 447 1.07 12.53 -36.26
N GLN F 448 1.28 11.23 -36.41
CA GLN F 448 2.61 10.66 -36.56
C GLN F 448 2.68 9.85 -37.86
N SER F 449 3.47 10.35 -38.81
CA SER F 449 3.61 9.77 -40.15
C SER F 449 2.28 9.61 -40.87
N LYS G 1 -17.21 15.42 -46.08
CA LYS G 1 -18.38 16.04 -45.47
C LYS G 1 -17.99 17.06 -44.40
N VAL G 2 -17.14 16.65 -43.47
CA VAL G 2 -16.76 17.46 -42.32
C VAL G 2 -15.26 17.71 -42.38
N VAL G 3 -14.87 18.98 -42.25
CA VAL G 3 -13.48 19.39 -42.30
C VAL G 3 -13.11 20.07 -41.00
N ALA G 4 -11.81 20.25 -40.79
CA ALA G 4 -11.31 20.87 -39.57
C ALA G 4 -11.58 22.37 -39.57
N THR G 5 -11.71 22.93 -38.37
CA THR G 5 -11.97 24.36 -38.23
C THR G 5 -10.79 25.20 -38.71
N ASP G 6 -9.57 24.74 -38.43
CA ASP G 6 -8.37 25.50 -38.76
C ASP G 6 -8.12 25.60 -40.26
N ALA G 7 -8.86 24.84 -41.07
CA ALA G 7 -8.75 24.96 -42.52
C ALA G 7 -9.24 26.31 -43.00
N TYR G 8 -10.30 26.85 -42.39
CA TYR G 8 -10.90 28.09 -42.88
C TYR G 8 -10.74 29.28 -41.95
N VAL G 9 -10.71 29.08 -40.63
CA VAL G 9 -10.57 30.23 -39.74
C VAL G 9 -9.15 30.78 -39.79
N THR G 10 -9.01 32.05 -39.39
CA THR G 10 -7.72 32.72 -39.35
C THR G 10 -7.50 33.30 -37.96
N ARG G 11 -6.33 33.02 -37.39
CA ARG G 11 -6.04 33.45 -36.03
C ARG G 11 -5.38 34.82 -36.02
N THR G 12 -5.76 35.63 -35.04
CA THR G 12 -5.16 36.94 -34.81
C THR G 12 -4.28 36.89 -33.58
N ASN G 13 -3.45 37.91 -33.43
CA ASN G 13 -2.56 38.02 -32.27
C ASN G 13 -3.16 38.86 -31.13
N ILE G 14 -4.40 38.54 -30.76
CA ILE G 14 -5.11 39.26 -29.72
C ILE G 14 -5.54 38.25 -28.65
N PHE G 15 -5.26 38.57 -27.39
CA PHE G 15 -5.61 37.69 -26.27
C PHE G 15 -6.27 38.50 -25.17
N TYR G 16 -7.33 37.93 -24.61
CA TYR G 16 -8.09 38.58 -23.55
C TYR G 16 -8.30 37.65 -22.37
N HIS G 17 -8.20 38.21 -21.17
CA HIS G 17 -8.26 37.46 -19.93
C HIS G 17 -9.66 37.47 -19.35
N ALA G 18 -10.06 36.33 -18.76
CA ALA G 18 -11.34 36.21 -18.10
C ALA G 18 -11.14 35.64 -16.70
N SER G 19 -11.72 36.29 -15.71
CA SER G 19 -11.61 35.85 -14.32
C SER G 19 -12.99 35.81 -13.69
N SER G 20 -13.32 34.67 -13.09
CA SER G 20 -14.62 34.48 -12.46
C SER G 20 -14.66 34.98 -11.02
N SER G 21 -13.54 35.46 -10.50
CA SER G 21 -13.35 35.91 -9.11
C SER G 21 -13.68 34.74 -8.18
N ARG G 22 -14.20 35.02 -6.99
CA ARG G 22 -14.46 34.00 -5.98
C ARG G 22 -15.87 33.44 -6.17
N LEU G 23 -15.94 32.19 -6.61
CA LEU G 23 -17.21 31.50 -6.75
C LEU G 23 -17.37 30.52 -5.60
N LEU G 24 -18.25 30.85 -4.65
CA LEU G 24 -18.42 30.05 -3.44
C LEU G 24 -19.73 29.28 -3.49
N ALA G 25 -19.76 28.16 -2.78
CA ALA G 25 -20.97 27.36 -2.68
C ALA G 25 -21.00 26.66 -1.33
N VAL G 26 -22.05 26.89 -0.57
CA VAL G 26 -22.29 26.22 0.70
C VAL G 26 -23.65 25.56 0.65
N GLY G 27 -23.72 24.31 1.11
CA GLY G 27 -24.98 23.60 1.12
C GLY G 27 -24.85 22.23 1.74
N HIS G 28 -26.01 21.67 2.06
CA HIS G 28 -26.06 20.35 2.68
C HIS G 28 -25.64 19.29 1.66
N PRO G 29 -24.64 18.47 1.97
CA PRO G 29 -24.08 17.57 0.95
C PRO G 29 -24.90 16.32 0.67
N TYR G 30 -25.91 15.99 1.48
CA TYR G 30 -26.65 14.76 1.21
C TYR G 30 -27.98 15.02 0.53
N PHE G 31 -28.68 16.09 0.92
CA PHE G 31 -29.96 16.44 0.33
C PHE G 31 -30.26 17.88 0.67
N SER G 32 -30.95 18.56 -0.25
CA SER G 32 -31.35 19.93 -0.01
C SER G 32 -32.44 19.98 1.04
N ILE G 33 -32.30 20.89 2.00
CA ILE G 33 -33.35 21.07 2.99
C ILE G 33 -34.34 22.08 2.46
N LYS G 34 -35.61 21.89 2.81
CA LYS G 34 -36.70 22.70 2.31
C LYS G 34 -37.61 23.10 3.47
N ARG G 35 -37.89 24.39 3.57
CA ARG G 35 -38.97 24.89 4.41
C ARG G 35 -39.92 25.68 3.54
N ALA G 36 -41.22 25.51 3.79
CA ALA G 36 -42.29 26.16 3.01
C ALA G 36 -42.17 25.87 1.51
N ASN G 37 -41.66 24.68 1.18
CA ASN G 37 -41.46 24.23 -0.20
C ASN G 37 -40.60 25.19 -1.01
N LYS G 38 -39.53 25.70 -0.40
CA LYS G 38 -38.52 26.45 -1.11
C LYS G 38 -37.14 25.98 -0.65
N THR G 39 -36.16 26.10 -1.55
CA THR G 39 -34.81 25.61 -1.30
C THR G 39 -33.97 26.70 -0.63
N VAL G 40 -34.07 26.76 0.70
CA VAL G 40 -33.26 27.72 1.46
C VAL G 40 -31.79 27.31 1.43
N VAL G 41 -31.51 26.03 1.67
CA VAL G 41 -30.15 25.53 1.56
C VAL G 41 -30.12 24.47 0.46
N PRO G 42 -29.53 24.77 -0.69
CA PRO G 42 -29.49 23.80 -1.78
C PRO G 42 -28.55 22.65 -1.46
N LYS G 43 -28.78 21.52 -2.14
CA LYS G 43 -27.92 20.36 -2.00
C LYS G 43 -26.62 20.63 -2.72
N VAL G 44 -25.54 20.86 -1.96
CA VAL G 44 -24.23 21.15 -2.52
C VAL G 44 -23.24 20.19 -1.91
N SER G 45 -22.57 19.40 -2.74
CA SER G 45 -21.68 18.35 -2.24
C SER G 45 -20.43 18.28 -3.09
N GLY G 46 -19.38 17.72 -2.50
CA GLY G 46 -18.15 17.50 -3.23
C GLY G 46 -18.26 16.42 -4.28
N TYR G 47 -19.20 15.50 -4.12
CA TYR G 47 -19.47 14.49 -5.14
C TYR G 47 -20.54 14.93 -6.10
N GLN G 48 -20.70 16.22 -6.32
CA GLN G 48 -21.70 16.77 -7.23
C GLN G 48 -20.98 17.42 -8.41
N TYR G 49 -21.56 17.28 -9.59
CA TYR G 49 -20.98 17.90 -10.77
C TYR G 49 -21.05 19.42 -10.68
N ARG G 50 -19.97 20.08 -11.06
CA ARG G 50 -19.94 21.53 -11.14
C ARG G 50 -19.93 21.92 -12.62
N VAL G 51 -21.06 22.42 -13.10
CA VAL G 51 -21.27 22.69 -14.51
C VAL G 51 -21.44 24.19 -14.69
N PHE G 52 -20.44 24.83 -15.30
CA PHE G 52 -20.43 26.27 -15.50
C PHE G 52 -20.67 26.59 -16.97
N LYS G 53 -21.77 27.31 -17.21
CA LYS G 53 -22.10 28.09 -18.39
C LYS G 53 -21.33 29.40 -18.33
N VAL G 54 -20.22 29.52 -19.04
CA VAL G 54 -19.52 30.79 -19.11
C VAL G 54 -20.10 31.58 -20.28
N VAL G 55 -20.72 32.72 -19.99
CA VAL G 55 -21.28 33.55 -21.06
C VAL G 55 -20.26 34.60 -21.44
N LEU G 56 -20.19 34.91 -22.73
CA LEU G 56 -19.13 35.74 -23.28
C LEU G 56 -19.72 36.89 -24.07
N PRO G 57 -19.03 38.03 -24.13
CA PRO G 57 -19.50 39.12 -24.99
C PRO G 57 -19.33 38.79 -26.46
N ASP G 58 -20.14 39.44 -27.28
CA ASP G 58 -20.05 39.29 -28.72
C ASP G 58 -18.86 40.08 -29.25
N PRO G 59 -17.90 39.42 -29.91
CA PRO G 59 -16.86 40.20 -30.61
C PRO G 59 -17.41 41.08 -31.71
N ASN G 60 -18.53 40.67 -32.33
CA ASN G 60 -19.19 41.52 -33.30
C ASN G 60 -19.72 42.80 -32.65
N LYS G 61 -20.26 42.68 -31.44
CA LYS G 61 -20.75 43.83 -30.69
C LYS G 61 -19.72 44.40 -29.74
N PHE G 62 -18.51 43.82 -29.69
CA PHE G 62 -17.49 44.33 -28.80
C PHE G 62 -16.90 45.63 -29.34
N ALA G 63 -16.51 46.51 -28.42
CA ALA G 63 -15.78 47.73 -28.77
C ALA G 63 -14.29 47.37 -28.84
N LEU G 64 -13.85 46.95 -30.04
CA LEU G 64 -12.50 46.49 -30.21
C LEU G 64 -11.51 47.66 -30.12
N PRO G 65 -10.33 47.45 -29.52
CA PRO G 65 -9.27 48.47 -29.63
C PRO G 65 -8.75 48.65 -31.04
N ASP G 66 -8.91 47.66 -31.91
CA ASP G 66 -8.51 47.76 -33.31
C ASP G 66 -9.62 47.16 -34.16
N SER G 67 -10.48 48.03 -34.71
CA SER G 67 -11.52 47.61 -35.63
C SER G 67 -11.10 47.68 -37.08
N SER G 68 -9.83 48.01 -37.34
CA SER G 68 -9.33 48.04 -38.72
C SER G 68 -9.34 46.64 -39.34
N LEU G 69 -8.96 45.63 -38.56
CA LEU G 69 -9.02 44.26 -39.05
C LEU G 69 -10.46 43.79 -39.24
N PHE G 70 -11.38 44.37 -38.49
CA PHE G 70 -12.79 44.01 -38.63
C PHE G 70 -13.37 44.48 -39.95
N ASP G 71 -14.22 43.64 -40.54
CA ASP G 71 -15.01 44.01 -41.69
C ASP G 71 -16.44 43.51 -41.49
N PRO G 72 -17.45 44.40 -41.49
CA PRO G 72 -18.84 43.94 -41.30
C PRO G 72 -19.34 43.03 -42.40
N THR G 73 -18.72 43.08 -43.58
CA THR G 73 -19.14 42.27 -44.71
C THR G 73 -18.29 41.00 -44.78
N THR G 74 -18.96 39.85 -44.88
CA THR G 74 -18.38 38.53 -45.11
C THR G 74 -17.36 38.12 -44.04
N GLN G 75 -17.37 38.77 -42.88
CA GLN G 75 -16.45 38.46 -41.80
C GLN G 75 -17.18 38.57 -40.48
N ARG G 76 -17.26 37.47 -39.74
CA ARG G 76 -17.76 37.46 -38.38
C ARG G 76 -16.63 37.09 -37.44
N LEU G 77 -16.65 37.67 -36.25
CA LEU G 77 -15.61 37.47 -35.26
C LEU G 77 -16.16 36.66 -34.09
N VAL G 78 -15.47 35.56 -33.77
CA VAL G 78 -15.88 34.68 -32.69
C VAL G 78 -14.70 34.51 -31.73
N TRP G 79 -15.02 34.30 -30.46
CA TRP G 79 -14.00 34.00 -29.48
C TRP G 79 -13.48 32.58 -29.68
N ALA G 80 -12.22 32.37 -29.29
CA ALA G 80 -11.62 31.05 -29.32
C ALA G 80 -10.90 30.82 -28.01
N CYS G 81 -11.35 29.83 -27.25
CA CYS G 81 -10.80 29.57 -25.93
C CYS G 81 -9.42 28.92 -26.07
N THR G 82 -8.44 29.43 -25.33
CA THR G 82 -7.08 28.94 -25.43
C THR G 82 -6.59 28.31 -24.14
N GLY G 83 -6.67 29.02 -23.03
CA GLY G 83 -6.05 28.56 -21.79
C GLY G 83 -7.01 28.51 -20.62
N LEU G 84 -6.89 27.44 -19.83
CA LEU G 84 -7.83 27.08 -18.79
C LEU G 84 -7.12 27.04 -17.43
N GLU G 85 -7.85 27.40 -16.38
CA GLU G 85 -7.34 27.22 -15.02
C GLU G 85 -8.51 27.13 -14.06
N VAL G 86 -8.55 26.04 -13.30
CA VAL G 86 -9.54 25.84 -12.24
C VAL G 86 -8.82 26.10 -10.93
N GLY G 87 -9.10 27.26 -10.35
CA GLY G 87 -8.53 27.68 -9.09
C GLY G 87 -9.28 27.16 -7.88
N ARG G 88 -9.03 25.91 -7.50
CA ARG G 88 -9.51 25.42 -6.22
C ARG G 88 -8.78 26.11 -5.08
N GLY G 89 -9.47 26.26 -3.95
CA GLY G 89 -8.88 26.94 -2.81
C GLY G 89 -9.19 26.31 -1.47
N GLN G 90 -9.56 25.04 -1.47
CA GLN G 90 -9.94 24.41 -0.20
C GLN G 90 -8.83 23.50 0.28
N PRO G 91 -8.66 23.40 1.61
CA PRO G 91 -7.80 22.35 2.16
C PRO G 91 -8.29 20.96 1.78
N LEU G 92 -7.35 20.04 1.65
CA LEU G 92 -7.67 18.68 1.22
C LEU G 92 -8.45 17.94 2.28
N GLY G 93 -9.45 17.18 1.85
CA GLY G 93 -10.29 16.45 2.78
C GLY G 93 -11.16 15.38 2.19
N VAL G 94 -11.24 14.23 2.87
CA VAL G 94 -11.99 13.09 2.38
C VAL G 94 -13.48 13.29 2.66
N GLY G 95 -14.30 13.14 1.63
CA GLY G 95 -15.73 13.17 1.83
C GLY G 95 -16.24 11.89 2.45
N VAL G 96 -17.29 12.02 3.26
CA VAL G 96 -17.87 10.91 4.02
C VAL G 96 -19.37 10.90 3.81
N SER G 97 -19.94 9.73 3.59
CA SER G 97 -21.37 9.58 3.56
C SER G 97 -21.73 8.33 4.36
N GLY G 98 -22.99 7.95 4.31
CA GLY G 98 -23.44 6.77 5.02
C GLY G 98 -24.95 6.67 4.93
N HIS G 99 -25.48 5.78 5.76
CA HIS G 99 -26.91 5.54 5.77
C HIS G 99 -27.30 4.84 7.08
N PRO G 100 -28.27 5.38 7.81
CA PRO G 100 -28.64 4.76 9.08
C PRO G 100 -29.38 3.44 8.93
N PHE G 101 -30.12 3.24 7.84
CA PHE G 101 -30.93 2.03 7.69
C PHE G 101 -30.63 1.42 6.33
N LEU G 102 -29.54 0.67 6.26
CA LEU G 102 -29.08 0.02 5.04
C LEU G 102 -29.06 -1.49 5.27
N ASN G 103 -29.37 -2.25 4.22
CA ASN G 103 -29.39 -3.71 4.32
C ASN G 103 -27.97 -4.29 4.32
N LYS G 104 -27.20 -3.85 5.31
CA LYS G 104 -25.90 -4.41 5.62
C LYS G 104 -26.13 -5.74 6.30
N TYR G 105 -26.17 -6.83 5.51
CA TYR G 105 -26.56 -8.11 6.07
C TYR G 105 -25.48 -8.67 6.99
N ASP G 106 -24.31 -8.99 6.43
CA ASP G 106 -23.29 -9.65 7.24
C ASP G 106 -21.91 -9.35 6.65
N ASP G 107 -20.98 -8.94 7.50
CA ASP G 107 -19.59 -8.83 7.10
C ASP G 107 -19.06 -10.23 6.80
N VAL G 108 -18.53 -10.42 5.61
CA VAL G 108 -18.37 -11.77 5.06
C VAL G 108 -16.92 -12.16 4.84
N GLU G 109 -15.98 -11.19 4.88
CA GLU G 109 -14.61 -11.45 4.45
C GLU G 109 -13.91 -12.48 5.30
N ASN G 110 -13.65 -12.16 6.57
CA ASN G 110 -12.87 -13.06 7.42
C ASN G 110 -13.65 -14.33 7.73
N SER G 111 -14.96 -14.21 7.93
CA SER G 111 -15.83 -15.34 8.19
C SER G 111 -17.25 -14.93 7.85
N GLY G 112 -18.17 -15.87 8.01
CA GLY G 112 -19.57 -15.59 7.78
C GLY G 112 -20.42 -16.12 8.91
N SER G 113 -21.60 -15.52 9.06
CA SER G 113 -22.58 -15.94 10.05
C SER G 113 -23.92 -16.08 9.35
N GLY G 114 -24.15 -17.25 8.76
CA GLY G 114 -25.38 -17.48 8.04
C GLY G 114 -26.54 -17.78 8.96
N GLY G 115 -27.44 -16.82 9.12
CA GLY G 115 -28.61 -17.02 9.95
C GLY G 115 -29.86 -16.54 9.22
N ASN G 116 -31.00 -16.97 9.74
CA ASN G 116 -32.26 -16.56 9.16
C ASN G 116 -32.51 -15.09 9.47
N PRO G 117 -32.73 -14.25 8.47
CA PRO G 117 -32.93 -12.82 8.73
C PRO G 117 -34.30 -12.55 9.32
N GLY G 118 -34.38 -11.48 10.09
CA GLY G 118 -35.63 -11.05 10.67
C GLY G 118 -36.42 -10.18 9.71
N GLN G 119 -37.37 -9.44 10.26
CA GLN G 119 -38.12 -8.47 9.47
C GLN G 119 -37.20 -7.34 9.02
N ASP G 120 -36.43 -6.79 9.95
CA ASP G 120 -35.48 -5.74 9.66
C ASP G 120 -34.15 -6.07 10.31
N ASN G 121 -33.07 -5.89 9.55
CA ASN G 121 -31.72 -6.08 10.06
C ASN G 121 -30.82 -4.92 9.66
N ARG G 122 -31.41 -3.78 9.32
CA ARG G 122 -30.64 -2.65 8.84
C ARG G 122 -29.86 -2.01 9.96
N VAL G 123 -28.63 -1.58 9.65
CA VAL G 123 -27.77 -0.92 10.61
C VAL G 123 -27.17 0.32 9.96
N ASN G 124 -26.72 1.24 10.81
CA ASN G 124 -26.02 2.42 10.32
C ASN G 124 -24.66 2.02 9.78
N VAL G 125 -24.32 2.55 8.60
CA VAL G 125 -23.04 2.25 7.98
C VAL G 125 -22.48 3.55 7.41
N GLY G 126 -21.17 3.73 7.56
CA GLY G 126 -20.46 4.86 6.98
C GLY G 126 -19.57 4.38 5.85
N MET G 127 -19.35 5.25 4.87
CA MET G 127 -18.69 4.83 3.65
C MET G 127 -18.16 6.06 2.92
N ASP G 128 -17.01 5.89 2.27
CA ASP G 128 -16.45 6.90 1.38
C ASP G 128 -16.58 6.43 -0.06
N TYR G 129 -16.17 7.28 -0.98
CA TYR G 129 -16.33 6.97 -2.39
C TYR G 129 -14.97 6.86 -3.07
N LYS G 130 -15.01 6.56 -4.35
CA LYS G 130 -13.79 6.54 -5.16
C LYS G 130 -13.27 7.96 -5.35
N GLN G 131 -11.95 8.10 -5.33
CA GLN G 131 -11.36 9.43 -5.49
C GLN G 131 -11.27 9.77 -6.96
N THR G 132 -11.80 10.95 -7.32
CA THR G 132 -12.04 11.29 -8.71
C THR G 132 -11.67 12.75 -8.97
N GLN G 133 -10.81 12.97 -9.96
CA GLN G 133 -10.52 14.30 -10.47
C GLN G 133 -10.91 14.32 -11.94
N LEU G 134 -11.70 15.31 -12.35
CA LEU G 134 -12.17 15.35 -13.73
C LEU G 134 -12.49 16.77 -14.15
N CYS G 135 -11.99 17.15 -15.33
CA CYS G 135 -12.37 18.39 -15.99
C CYS G 135 -12.67 18.13 -17.44
N MET G 136 -13.81 18.66 -17.90
CA MET G 136 -14.31 18.58 -19.26
C MET G 136 -14.56 20.01 -19.72
N VAL G 137 -14.19 20.33 -20.96
CA VAL G 137 -14.44 21.67 -21.50
C VAL G 137 -14.94 21.55 -22.94
N GLY G 138 -15.60 22.60 -23.40
CA GLY G 138 -15.99 22.65 -24.79
C GLY G 138 -16.96 23.77 -25.08
N CYS G 139 -17.63 23.62 -26.23
CA CYS G 139 -18.68 24.54 -26.66
C CYS G 139 -20.05 23.90 -26.70
N ALA G 140 -20.15 22.61 -26.42
CA ALA G 140 -21.40 21.86 -26.36
C ALA G 140 -21.46 21.13 -25.02
N PRO G 141 -22.67 20.96 -24.46
CA PRO G 141 -22.77 20.35 -23.13
C PRO G 141 -22.45 18.86 -23.17
N PRO G 142 -21.50 18.41 -22.35
CA PRO G 142 -21.13 17.00 -22.37
C PRO G 142 -22.24 16.11 -21.82
N LEU G 143 -22.28 14.89 -22.33
CA LEU G 143 -23.27 13.90 -21.94
C LEU G 143 -22.62 12.83 -21.06
N GLY G 144 -23.45 11.89 -20.65
CA GLY G 144 -22.99 10.77 -19.86
C GLY G 144 -23.91 9.59 -20.02
N GLU G 145 -23.34 8.39 -19.92
CA GLU G 145 -24.12 7.18 -19.88
C GLU G 145 -24.66 6.94 -18.48
N HIS G 146 -25.85 6.36 -18.41
CA HIS G 146 -26.29 5.79 -17.14
C HIS G 146 -27.25 4.64 -17.41
N TRP G 147 -27.19 3.64 -16.55
CA TRP G 147 -28.06 2.49 -16.72
C TRP G 147 -29.42 2.78 -16.12
N GLY G 148 -30.45 2.18 -16.70
CA GLY G 148 -31.80 2.44 -16.23
C GLY G 148 -32.77 1.40 -16.73
N LYS G 149 -34.04 1.66 -16.46
CA LYS G 149 -35.12 0.81 -16.96
C LYS G 149 -35.48 1.27 -18.37
N GLY G 150 -35.31 0.39 -19.34
CA GLY G 150 -35.61 0.73 -20.71
C GLY G 150 -37.09 0.61 -21.01
N LYS G 151 -37.42 -0.07 -22.11
CA LYS G 151 -38.82 -0.29 -22.45
C LYS G 151 -39.42 -1.37 -21.56
N GLN G 152 -40.68 -1.70 -21.81
CA GLN G 152 -41.32 -2.79 -21.10
C GLN G 152 -40.70 -4.12 -21.52
N CYS G 153 -40.94 -5.15 -20.70
CA CYS G 153 -40.34 -6.45 -20.93
C CYS G 153 -40.85 -7.08 -22.22
N THR G 154 -39.97 -7.83 -22.88
CA THR G 154 -40.30 -8.41 -24.18
C THR G 154 -41.34 -9.51 -24.04
N ASN G 155 -41.81 -9.99 -25.18
CA ASN G 155 -42.90 -10.96 -25.33
C ASN G 155 -44.15 -10.31 -24.71
N THR G 156 -45.03 -11.08 -24.09
CA THR G 156 -46.22 -10.57 -23.41
C THR G 156 -46.20 -11.12 -21.99
N PRO G 157 -45.37 -10.55 -21.12
CA PRO G 157 -45.12 -11.16 -19.81
C PRO G 157 -46.06 -10.67 -18.73
N VAL G 158 -46.34 -11.58 -17.79
CA VAL G 158 -47.05 -11.27 -16.56
C VAL G 158 -46.13 -11.66 -15.41
N GLN G 159 -45.70 -10.67 -14.63
CA GLN G 159 -44.70 -10.90 -13.60
C GLN G 159 -44.91 -9.92 -12.46
N ALA G 160 -44.35 -10.26 -11.31
CA ALA G 160 -44.42 -9.41 -10.11
C ALA G 160 -43.05 -9.46 -9.43
N GLY G 161 -42.18 -8.54 -9.79
CA GLY G 161 -40.85 -8.50 -9.21
C GLY G 161 -39.84 -9.35 -9.96
N ASP G 162 -39.71 -9.12 -11.26
CA ASP G 162 -38.67 -9.72 -12.06
C ASP G 162 -37.58 -8.70 -12.33
N CYS G 163 -36.49 -9.15 -12.93
CA CYS G 163 -35.42 -8.24 -13.30
C CYS G 163 -35.87 -7.38 -14.48
N PRO G 164 -35.90 -6.06 -14.34
CA PRO G 164 -36.37 -5.21 -15.44
C PRO G 164 -35.37 -5.17 -16.56
N PRO G 165 -35.79 -4.83 -17.78
CA PRO G 165 -34.83 -4.64 -18.87
C PRO G 165 -33.91 -3.46 -18.61
N LEU G 166 -32.63 -3.76 -18.43
CA LEU G 166 -31.65 -2.75 -18.06
C LEU G 166 -31.00 -2.21 -19.34
N GLU G 167 -31.06 -0.89 -19.51
CA GLU G 167 -30.74 -0.24 -20.77
C GLU G 167 -29.81 0.94 -20.51
N LEU G 168 -28.91 1.19 -21.46
CA LEU G 168 -28.09 2.38 -21.43
C LEU G 168 -28.92 3.57 -21.89
N ILE G 169 -28.91 4.66 -21.12
CA ILE G 169 -29.52 5.91 -21.52
C ILE G 169 -28.42 6.96 -21.58
N THR G 170 -28.33 7.63 -22.72
CA THR G 170 -27.39 8.74 -22.90
C THR G 170 -28.11 10.03 -22.52
N SER G 171 -27.66 10.66 -21.44
CA SER G 171 -28.31 11.87 -20.95
C SER G 171 -27.27 12.97 -20.80
N VAL G 172 -27.63 14.19 -21.19
CA VAL G 172 -26.71 15.31 -21.08
C VAL G 172 -26.56 15.70 -19.61
N ILE G 173 -25.32 16.03 -19.23
CA ILE G 173 -25.02 16.33 -17.84
C ILE G 173 -25.38 17.78 -17.54
N GLN G 174 -26.16 17.99 -16.49
CA GLN G 174 -26.48 19.32 -16.00
C GLN G 174 -25.82 19.53 -14.65
N ASP G 175 -25.91 20.76 -14.15
CA ASP G 175 -25.39 21.04 -12.83
C ASP G 175 -26.32 20.46 -11.77
N GLY G 176 -25.74 20.00 -10.68
CA GLY G 176 -26.46 19.34 -9.63
C GLY G 176 -26.38 17.83 -9.66
N ASP G 177 -25.97 17.25 -10.79
CA ASP G 177 -25.81 15.81 -10.89
C ASP G 177 -24.61 15.37 -10.06
N MET G 178 -24.61 14.10 -9.67
CA MET G 178 -23.55 13.55 -8.86
C MET G 178 -22.64 12.66 -9.68
N VAL G 179 -21.35 12.68 -9.31
CA VAL G 179 -20.35 11.87 -9.99
C VAL G 179 -20.58 10.40 -9.66
N ASP G 180 -20.23 9.53 -10.59
CA ASP G 180 -20.23 8.10 -10.34
C ASP G 180 -19.33 7.74 -9.17
N THR G 181 -19.83 6.83 -8.34
CA THR G 181 -19.09 6.20 -7.27
C THR G 181 -18.85 4.73 -7.62
N GLY G 182 -18.34 3.97 -6.65
CA GLY G 182 -18.01 2.57 -6.89
C GLY G 182 -19.20 1.67 -7.12
N PHE G 183 -20.42 2.18 -6.98
CA PHE G 183 -21.60 1.34 -7.09
C PHE G 183 -22.20 1.31 -8.49
N GLY G 184 -21.71 2.10 -9.41
CA GLY G 184 -22.17 2.01 -10.78
C GLY G 184 -23.02 3.20 -11.21
N ALA G 185 -22.77 3.67 -12.44
CA ALA G 185 -23.46 4.84 -12.98
C ALA G 185 -24.83 4.42 -13.46
N MET G 186 -25.85 4.72 -12.67
CA MET G 186 -27.21 4.28 -12.95
C MET G 186 -28.18 5.07 -12.10
N ASN G 187 -29.47 4.88 -12.36
CA ASN G 187 -30.54 5.58 -11.67
C ASN G 187 -31.00 4.73 -10.48
N PHE G 188 -30.57 5.12 -9.29
CA PHE G 188 -31.00 4.42 -8.09
C PHE G 188 -32.43 4.77 -7.69
N ALA G 189 -32.90 5.96 -8.08
CA ALA G 189 -34.23 6.41 -7.64
C ALA G 189 -35.35 5.55 -8.22
N ASP G 190 -35.12 4.94 -9.38
CA ASP G 190 -36.09 4.07 -10.00
C ASP G 190 -35.78 2.60 -9.85
N LEU G 191 -34.52 2.22 -10.04
CA LEU G 191 -34.16 0.81 -10.12
C LEU G 191 -33.82 0.20 -8.77
N GLN G 192 -33.39 1.01 -7.81
CA GLN G 192 -33.14 0.54 -6.45
C GLN G 192 -34.40 0.83 -5.65
N THR G 193 -35.17 -0.22 -5.35
CA THR G 193 -36.52 -0.05 -4.84
C THR G 193 -36.54 0.32 -3.36
N ASN G 194 -35.59 -0.19 -2.57
CA ASN G 194 -35.60 0.06 -1.14
C ASN G 194 -35.41 1.53 -0.79
N LYS G 195 -34.75 2.29 -1.68
CA LYS G 195 -34.18 3.60 -1.37
C LYS G 195 -33.25 3.52 -0.16
N SER G 196 -32.60 2.36 0.01
CA SER G 196 -31.88 2.09 1.24
C SER G 196 -30.58 1.34 1.01
N ASP G 197 -30.25 0.97 -0.23
CA ASP G 197 -29.10 0.12 -0.48
C ASP G 197 -27.82 0.92 -0.73
N VAL G 198 -27.91 2.24 -0.77
CA VAL G 198 -26.78 3.13 -1.01
C VAL G 198 -26.90 4.26 0.01
N PRO G 199 -25.90 5.12 0.18
CA PRO G 199 -26.08 6.32 0.99
C PRO G 199 -27.17 7.23 0.43
N ILE G 200 -27.74 8.05 1.33
CA ILE G 200 -28.92 8.85 1.00
C ILE G 200 -28.59 9.86 -0.09
N ASP G 201 -27.33 10.32 -0.13
CA ASP G 201 -26.91 11.23 -1.18
C ASP G 201 -27.06 10.66 -2.59
N ILE G 202 -27.05 9.34 -2.75
CA ILE G 202 -27.23 8.74 -4.06
C ILE G 202 -28.40 7.77 -4.09
N CYS G 203 -29.39 7.93 -3.22
CA CYS G 203 -30.56 7.04 -3.29
C CYS G 203 -31.60 7.59 -4.25
N GLY G 204 -32.07 8.81 -4.00
CA GLY G 204 -33.08 9.43 -4.83
C GLY G 204 -32.56 10.17 -6.04
N THR G 205 -31.26 10.10 -6.31
CA THR G 205 -30.65 10.80 -7.43
C THR G 205 -30.06 9.78 -8.40
N THR G 206 -29.34 10.29 -9.40
CA THR G 206 -28.72 9.45 -10.42
C THR G 206 -27.31 9.94 -10.67
N CYS G 207 -26.33 9.08 -10.39
CA CYS G 207 -24.96 9.34 -10.79
C CYS G 207 -24.75 8.79 -12.20
N LYS G 208 -23.99 9.52 -13.00
CA LYS G 208 -23.75 9.12 -14.37
C LYS G 208 -22.32 9.49 -14.76
N TYR G 209 -21.68 8.59 -15.42
CA TYR G 209 -20.29 8.69 -15.82
C TYR G 209 -20.23 9.21 -17.25
N PRO G 210 -19.36 10.18 -17.54
CA PRO G 210 -19.34 10.74 -18.90
C PRO G 210 -18.75 9.77 -19.90
N ASP G 211 -19.37 9.71 -21.08
CA ASP G 211 -19.03 8.75 -22.11
C ASP G 211 -18.01 9.38 -23.05
N TYR G 212 -16.75 8.99 -22.90
CA TYR G 212 -15.71 9.46 -23.80
C TYR G 212 -15.94 8.97 -25.22
N LEU G 213 -16.63 7.84 -25.37
CA LEU G 213 -16.83 7.25 -26.68
C LEU G 213 -17.72 8.10 -27.56
N GLN G 214 -18.68 8.80 -26.97
CA GLN G 214 -19.51 9.72 -27.73
C GLN G 214 -18.91 11.11 -27.81
N MET G 215 -17.93 11.43 -26.96
CA MET G 215 -17.08 12.58 -27.23
C MET G 215 -16.11 12.34 -28.36
N ALA G 216 -15.85 11.09 -28.70
CA ALA G 216 -14.96 10.78 -29.81
C ALA G 216 -15.72 10.55 -31.11
N ALA G 217 -16.72 9.66 -31.07
CA ALA G 217 -17.41 9.20 -32.27
C ALA G 217 -18.36 10.24 -32.87
N ASP G 218 -18.58 11.36 -32.20
CA ASP G 218 -19.34 12.45 -32.79
C ASP G 218 -18.59 13.03 -33.98
N PRO G 219 -19.31 13.45 -35.02
CA PRO G 219 -18.63 13.93 -36.24
C PRO G 219 -17.86 15.24 -36.07
N TYR G 220 -18.05 15.97 -34.97
CA TYR G 220 -17.42 17.27 -34.84
C TYR G 220 -16.59 17.40 -33.57
N GLY G 221 -16.99 16.68 -32.53
CA GLY G 221 -16.33 16.83 -31.24
C GLY G 221 -16.59 18.16 -30.58
N ASP G 222 -17.82 18.68 -30.70
CA ASP G 222 -18.14 19.95 -30.06
C ASP G 222 -18.25 19.81 -28.55
N ARG G 223 -18.59 18.61 -28.06
CA ARG G 223 -18.80 18.41 -26.63
C ARG G 223 -17.49 18.41 -25.85
N LEU G 224 -16.35 18.27 -26.53
CA LEU G 224 -15.09 18.12 -25.82
C LEU G 224 -13.96 18.82 -26.56
N PHE G 225 -13.22 19.67 -25.84
CA PHE G 225 -11.95 20.19 -26.33
C PHE G 225 -10.79 19.34 -25.85
N PHE G 226 -10.62 19.24 -24.53
CA PHE G 226 -9.62 18.37 -23.93
C PHE G 226 -10.09 18.03 -22.52
N PHE G 227 -9.75 16.83 -22.08
CA PHE G 227 -10.30 16.27 -20.85
C PHE G 227 -9.18 15.76 -19.96
N LEU G 228 -9.34 15.96 -18.65
CA LEU G 228 -8.41 15.38 -17.69
C LEU G 228 -9.16 14.56 -16.66
N ARG G 229 -8.69 13.35 -16.43
CA ARG G 229 -9.23 12.50 -15.38
C ARG G 229 -8.09 11.81 -14.64
N LYS G 230 -8.31 11.62 -13.34
CA LYS G 230 -7.43 10.80 -12.52
C LYS G 230 -8.29 10.22 -11.41
N GLU G 231 -8.47 8.90 -11.43
CA GLU G 231 -9.41 8.25 -10.53
C GLU G 231 -8.74 7.04 -9.90
N GLN G 232 -8.84 6.94 -8.58
CA GLN G 232 -8.28 5.83 -7.84
C GLN G 232 -9.33 5.28 -6.88
N MET G 233 -9.26 3.99 -6.63
CA MET G 233 -10.24 3.31 -5.79
C MET G 233 -9.67 1.97 -5.38
N PHE G 234 -10.03 1.54 -4.16
CA PHE G 234 -9.71 0.18 -3.73
C PHE G 234 -10.72 -0.24 -2.66
N ALA G 235 -10.98 -1.54 -2.59
CA ALA G 235 -11.99 -2.06 -1.69
C ALA G 235 -11.44 -2.24 -0.29
N ARG G 236 -12.30 -2.04 0.71
CA ARG G 236 -11.91 -2.24 2.09
C ARG G 236 -12.78 -3.20 2.88
N HIS G 237 -14.01 -3.47 2.46
CA HIS G 237 -14.82 -4.44 3.17
C HIS G 237 -15.70 -5.19 2.18
N PHE G 238 -16.16 -6.35 2.62
CA PHE G 238 -17.05 -7.19 1.84
C PHE G 238 -18.25 -7.56 2.70
N PHE G 239 -19.44 -7.48 2.10
CA PHE G 239 -20.64 -7.89 2.82
C PHE G 239 -21.71 -8.32 1.83
N ASN G 240 -22.63 -9.13 2.33
CA ASN G 240 -23.77 -9.59 1.56
C ASN G 240 -24.98 -8.71 1.84
N ARG G 241 -26.06 -8.97 1.13
CA ARG G 241 -27.26 -8.14 1.19
C ARG G 241 -28.42 -8.94 1.75
N ALA G 242 -29.22 -8.30 2.60
CA ALA G 242 -30.41 -8.94 3.12
C ALA G 242 -31.50 -9.00 2.05
N GLY G 243 -32.49 -9.84 2.29
CA GLY G 243 -33.60 -9.98 1.37
C GLY G 243 -33.47 -11.25 0.52
N GLU G 244 -34.56 -11.55 -0.17
CA GLU G 244 -34.65 -12.76 -0.96
C GLU G 244 -33.78 -12.67 -2.21
N VAL G 245 -33.38 -13.82 -2.72
CA VAL G 245 -32.62 -13.94 -3.95
C VAL G 245 -33.58 -14.34 -5.05
N GLY G 246 -33.91 -13.40 -5.93
CA GLY G 246 -34.88 -13.69 -6.98
C GLY G 246 -34.36 -14.57 -8.09
N GLU G 247 -33.05 -14.76 -8.18
CA GLU G 247 -32.45 -15.67 -9.16
C GLU G 247 -31.63 -16.67 -8.36
N PRO G 248 -32.22 -17.77 -7.93
CA PRO G 248 -31.51 -18.72 -7.06
C PRO G 248 -30.37 -19.41 -7.78
N VAL G 249 -29.38 -19.82 -7.00
CA VAL G 249 -28.17 -20.47 -7.50
C VAL G 249 -28.54 -21.81 -8.12
N PRO G 250 -27.84 -22.25 -9.16
CA PRO G 250 -28.17 -23.55 -9.76
C PRO G 250 -27.83 -24.70 -8.83
N ASP G 251 -28.62 -25.77 -8.96
CA ASP G 251 -28.48 -26.91 -8.06
C ASP G 251 -27.26 -27.75 -8.37
N THR G 252 -26.86 -27.83 -9.64
CA THR G 252 -25.75 -28.68 -10.04
C THR G 252 -24.40 -28.12 -9.66
N LEU G 253 -24.34 -26.87 -9.20
CA LEU G 253 -23.07 -26.26 -8.83
C LEU G 253 -22.83 -26.26 -7.33
N ILE G 254 -23.89 -26.39 -6.52
CA ILE G 254 -23.79 -26.25 -5.07
C ILE G 254 -24.41 -27.49 -4.44
N ILE G 255 -23.68 -28.10 -3.51
CA ILE G 255 -24.18 -29.22 -2.72
C ILE G 255 -24.63 -28.69 -1.36
N LYS G 256 -25.85 -29.02 -0.98
CA LYS G 256 -26.42 -28.56 0.28
C LYS G 256 -27.15 -29.73 0.94
N GLY G 257 -27.31 -29.63 2.25
CA GLY G 257 -28.01 -30.66 2.97
C GLY G 257 -27.88 -30.48 4.46
N SER G 258 -28.50 -31.44 5.17
CA SER G 258 -28.45 -31.58 6.63
C SER G 258 -29.06 -30.38 7.35
N GLY G 259 -28.88 -30.33 8.67
CA GLY G 259 -29.42 -29.24 9.46
C GLY G 259 -28.68 -27.93 9.22
N ASN G 260 -29.32 -26.84 9.65
CA ASN G 260 -28.89 -25.45 9.48
C ASN G 260 -28.88 -25.03 8.01
N ARG G 261 -29.37 -25.87 7.11
CA ARG G 261 -29.35 -25.58 5.69
C ARG G 261 -30.70 -25.93 5.06
N THR G 262 -30.71 -25.99 3.72
CA THR G 262 -31.85 -25.89 2.80
C THR G 262 -32.45 -24.49 2.77
N SER G 263 -31.89 -23.55 3.53
CA SER G 263 -32.16 -22.13 3.38
C SER G 263 -30.83 -21.48 3.01
N VAL G 264 -30.70 -21.08 1.74
CA VAL G 264 -29.41 -20.68 1.22
C VAL G 264 -28.99 -19.34 1.80
N GLY G 265 -27.68 -19.10 1.80
CA GLY G 265 -27.16 -17.81 2.21
C GLY G 265 -27.29 -16.78 1.10
N SER G 266 -26.97 -15.54 1.45
CA SER G 266 -27.11 -14.44 0.51
C SER G 266 -26.01 -14.53 -0.54
N SER G 267 -26.40 -14.85 -1.78
CA SER G 267 -25.44 -14.91 -2.87
C SER G 267 -25.05 -13.53 -3.39
N ILE G 268 -25.77 -12.48 -2.99
CA ILE G 268 -25.39 -11.12 -3.35
C ILE G 268 -24.13 -10.74 -2.59
N TYR G 269 -23.12 -10.28 -3.32
CA TYR G 269 -21.84 -9.89 -2.71
C TYR G 269 -21.45 -8.54 -3.24
N VAL G 270 -21.21 -7.58 -2.34
CA VAL G 270 -20.82 -6.23 -2.72
C VAL G 270 -19.64 -5.79 -1.89
N ASN G 271 -19.24 -4.53 -2.03
CA ASN G 271 -17.97 -4.07 -1.48
C ASN G 271 -18.05 -2.64 -1.00
N THR G 272 -16.97 -2.20 -0.35
CA THR G 272 -16.83 -0.82 0.12
C THR G 272 -15.67 -0.18 -0.62
N PRO G 273 -15.94 0.59 -1.66
CA PRO G 273 -14.87 1.33 -2.33
C PRO G 273 -14.33 2.45 -1.46
N SER G 274 -13.08 2.82 -1.72
CA SER G 274 -12.45 3.90 -0.98
C SER G 274 -11.43 4.60 -1.87
N GLY G 275 -11.18 5.87 -1.55
CA GLY G 275 -10.31 6.73 -2.34
C GLY G 275 -8.84 6.62 -2.03
N SER G 276 -8.47 5.85 -1.00
CA SER G 276 -7.08 5.55 -0.61
C SER G 276 -6.38 6.87 -0.26
N LEU G 277 -5.11 7.02 -0.62
CA LEU G 277 -4.35 8.21 -0.30
C LEU G 277 -4.59 9.29 -1.33
N VAL G 278 -4.64 10.54 -0.87
CA VAL G 278 -4.72 11.70 -1.74
C VAL G 278 -3.52 12.58 -1.44
N SER G 279 -2.74 12.87 -2.47
CA SER G 279 -1.44 13.53 -2.31
C SER G 279 -1.47 14.89 -2.99
N SER G 280 -0.42 15.67 -2.75
CA SER G 280 -0.31 17.00 -3.33
C SER G 280 0.24 17.00 -4.75
N GLU G 281 0.82 15.90 -5.21
CA GLU G 281 1.10 15.77 -6.62
C GLU G 281 -0.09 15.23 -7.40
N ALA G 282 -1.14 14.80 -6.70
CA ALA G 282 -2.23 14.08 -7.35
C ALA G 282 -3.15 15.02 -8.13
N GLN G 283 -3.25 16.28 -7.72
CA GLN G 283 -4.23 17.18 -8.34
C GLN G 283 -3.80 17.54 -9.75
N LEU G 284 -4.74 17.45 -10.68
CA LEU G 284 -4.56 17.94 -12.04
C LEU G 284 -5.17 19.33 -12.21
N PHE G 285 -5.12 20.14 -11.16
CA PHE G 285 -5.73 21.45 -11.15
C PHE G 285 -4.78 22.43 -10.49
N ASN G 286 -5.22 23.69 -10.38
CA ASN G 286 -4.41 24.82 -9.90
C ASN G 286 -3.12 24.93 -10.71
N LYS G 287 -3.24 24.71 -12.02
CA LYS G 287 -2.13 24.78 -12.94
C LYS G 287 -2.68 25.13 -14.31
N PRO G 288 -1.98 25.95 -15.10
CA PRO G 288 -2.49 26.32 -16.42
C PRO G 288 -2.54 25.14 -17.37
N TYR G 289 -3.53 25.17 -18.26
CA TYR G 289 -3.73 24.14 -19.27
C TYR G 289 -3.83 24.82 -20.62
N TRP G 290 -2.98 24.42 -21.56
CA TRP G 290 -2.86 25.12 -22.82
C TRP G 290 -3.29 24.23 -23.97
N LEU G 291 -4.07 24.79 -24.88
CA LEU G 291 -4.56 24.08 -26.04
C LEU G 291 -3.63 24.28 -27.23
N GLN G 292 -3.19 23.18 -27.81
CA GLN G 292 -2.41 23.20 -29.05
C GLN G 292 -3.08 22.41 -30.17
N LYS G 293 -3.63 21.24 -29.86
CA LYS G 293 -4.30 20.43 -30.87
C LYS G 293 -5.36 19.62 -30.14
N ALA G 294 -6.62 20.04 -30.25
CA ALA G 294 -7.71 19.25 -29.73
C ALA G 294 -7.92 18.02 -30.61
N GLN G 295 -8.35 16.93 -29.97
CA GLN G 295 -8.44 15.64 -30.66
C GLN G 295 -9.45 15.67 -31.79
N GLY G 296 -10.60 16.32 -31.58
CA GLY G 296 -11.57 16.48 -32.63
C GLY G 296 -11.24 17.66 -33.53
N HIS G 297 -12.11 17.88 -34.50
CA HIS G 297 -11.98 19.02 -35.41
C HIS G 297 -12.67 20.25 -34.85
N ASN G 298 -12.29 20.65 -33.64
CA ASN G 298 -12.76 21.90 -33.04
C ASN G 298 -11.63 22.39 -32.15
N ASN G 299 -10.76 23.22 -32.71
CA ASN G 299 -9.53 23.63 -32.01
C ASN G 299 -9.82 24.85 -31.15
N GLY G 300 -10.58 24.62 -30.07
CA GLY G 300 -10.86 25.66 -29.12
C GLY G 300 -11.84 26.71 -29.58
N ILE G 301 -12.53 26.47 -30.70
CA ILE G 301 -13.46 27.45 -31.24
C ILE G 301 -14.77 27.29 -30.48
N CYS G 302 -15.11 28.28 -29.66
CA CYS G 302 -16.35 28.23 -28.88
C CYS G 302 -17.49 28.78 -29.74
N TRP G 303 -18.23 27.89 -30.37
CA TRP G 303 -19.38 28.30 -31.16
C TRP G 303 -20.51 28.74 -30.24
N GLY G 304 -21.40 29.56 -30.78
CA GLY G 304 -22.55 29.99 -30.02
C GLY G 304 -22.25 30.97 -28.91
N ASN G 305 -21.04 31.54 -28.90
CA ASN G 305 -20.63 32.61 -27.98
C ASN G 305 -20.75 32.13 -26.52
N GLN G 306 -20.49 30.85 -26.31
CA GLN G 306 -20.69 30.22 -25.01
C GLN G 306 -19.49 29.34 -24.69
N LEU G 307 -19.28 29.09 -23.40
CA LEU G 307 -18.21 28.19 -22.97
C LEU G 307 -18.75 27.21 -21.94
N PHE G 308 -18.30 25.96 -22.03
CA PHE G 308 -18.74 24.88 -21.18
C PHE G 308 -17.57 24.37 -20.38
N VAL G 309 -17.70 24.34 -19.05
CA VAL G 309 -16.74 23.60 -18.24
C VAL G 309 -17.50 22.80 -17.18
N THR G 310 -17.13 21.54 -17.02
CA THR G 310 -17.70 20.69 -15.98
C THR G 310 -16.55 20.04 -15.23
N VAL G 311 -16.55 20.17 -13.91
CA VAL G 311 -15.48 19.64 -13.08
C VAL G 311 -16.07 18.88 -11.91
N VAL G 312 -15.38 17.83 -11.51
CA VAL G 312 -15.56 17.22 -10.19
C VAL G 312 -14.20 17.05 -9.54
N ASP G 313 -14.09 17.51 -8.29
CA ASP G 313 -12.85 17.46 -7.50
C ASP G 313 -13.27 17.04 -6.11
N THR G 314 -13.24 15.74 -5.85
CA THR G 314 -13.64 15.21 -4.56
C THR G 314 -12.47 15.10 -3.59
N THR G 315 -11.28 15.51 -4.00
CA THR G 315 -10.10 15.37 -3.16
C THR G 315 -10.17 16.29 -1.95
N ARG G 316 -10.72 17.49 -2.12
CA ARG G 316 -10.76 18.51 -1.09
C ARG G 316 -12.19 18.71 -0.59
N SER G 317 -12.91 17.61 -0.40
CA SER G 317 -14.33 17.70 -0.11
C SER G 317 -14.68 17.17 1.27
N THR G 318 -13.93 17.57 2.28
CA THR G 318 -14.29 17.21 3.65
C THR G 318 -15.60 17.86 4.05
N ASN G 319 -16.31 17.20 4.96
CA ASN G 319 -17.66 17.57 5.30
C ASN G 319 -17.69 18.49 6.53
N MET G 320 -18.69 19.37 6.56
CA MET G 320 -18.80 20.36 7.61
C MET G 320 -19.70 19.90 8.74
N THR G 321 -19.19 19.99 9.97
CA THR G 321 -19.97 19.74 11.17
C THR G 321 -20.02 21.02 12.00
N LEU G 322 -21.22 21.42 12.38
CA LEU G 322 -21.43 22.69 13.06
C LEU G 322 -22.24 22.46 14.32
N CYS G 323 -21.86 23.14 15.39
CA CYS G 323 -22.51 23.01 16.69
C CYS G 323 -23.25 24.28 17.05
N ALA G 324 -24.29 24.12 17.85
CA ALA G 324 -25.01 25.23 18.45
C ALA G 324 -25.68 24.73 19.73
N SER G 325 -26.03 25.67 20.59
CA SER G 325 -26.71 25.34 21.85
C SER G 325 -28.12 25.90 21.81
N VAL G 326 -29.11 25.01 21.71
CA VAL G 326 -30.49 25.42 21.92
C VAL G 326 -30.68 25.86 23.37
N THR G 327 -30.22 25.04 24.30
CA THR G 327 -30.22 25.39 25.72
C THR G 327 -28.84 25.14 26.32
N THR G 328 -28.75 25.20 27.65
CA THR G 328 -27.53 24.86 28.35
C THR G 328 -27.89 24.35 29.74
N SER G 329 -26.97 23.61 30.35
CA SER G 329 -27.17 23.09 31.69
C SER G 329 -25.84 23.05 32.42
N SER G 330 -25.87 22.56 33.66
CA SER G 330 -24.66 22.47 34.46
C SER G 330 -23.71 21.41 33.91
N THR G 331 -24.24 20.26 33.55
CA THR G 331 -23.45 19.15 33.02
C THR G 331 -23.68 19.00 31.53
N TYR G 332 -22.81 18.23 30.90
CA TYR G 332 -22.93 17.97 29.47
C TYR G 332 -24.12 17.05 29.21
N THR G 333 -25.20 17.63 28.72
CA THR G 333 -26.35 16.87 28.26
C THR G 333 -26.52 17.10 26.77
N ASN G 334 -26.84 16.04 26.05
CA ASN G 334 -26.88 16.11 24.59
C ASN G 334 -28.02 16.98 24.11
N SER G 335 -29.14 17.03 24.85
CA SER G 335 -30.31 17.80 24.44
C SER G 335 -30.03 19.30 24.44
N ASP G 336 -29.01 19.76 25.16
CA ASP G 336 -28.61 21.15 25.07
C ASP G 336 -27.93 21.49 23.76
N TYR G 337 -27.56 20.48 22.97
CA TYR G 337 -26.68 20.69 21.82
C TYR G 337 -27.37 20.23 20.54
N LYS G 338 -27.38 21.11 19.55
CA LYS G 338 -27.88 20.83 18.22
C LYS G 338 -26.71 20.89 17.23
N GLU G 339 -26.80 20.06 16.20
CA GLU G 339 -25.73 19.96 15.21
C GLU G 339 -26.31 20.05 13.82
N TYR G 340 -25.65 20.85 12.98
CA TYR G 340 -25.96 20.96 11.57
C TYR G 340 -24.77 20.45 10.77
N MET G 341 -25.02 20.14 9.51
CA MET G 341 -23.98 19.49 8.70
C MET G 341 -24.05 19.96 7.27
N ARG G 342 -22.94 20.51 6.80
CA ARG G 342 -22.86 21.31 5.58
C ARG G 342 -21.73 20.88 4.67
N HIS G 343 -21.46 21.67 3.63
CA HIS G 343 -20.34 21.47 2.74
C HIS G 343 -20.05 22.77 1.99
N VAL G 344 -18.78 23.12 1.88
CA VAL G 344 -18.35 24.34 1.21
C VAL G 344 -17.33 24.01 0.14
N GLU G 345 -17.41 24.73 -0.98
CA GLU G 345 -16.55 24.55 -2.15
C GLU G 345 -16.33 25.89 -2.83
N GLU G 346 -15.11 26.12 -3.30
CA GLU G 346 -14.74 27.37 -3.95
C GLU G 346 -14.10 27.10 -5.30
N TYR G 347 -14.34 28.00 -6.24
CA TYR G 347 -13.79 27.90 -7.59
C TYR G 347 -13.40 29.28 -8.11
N ASP G 348 -12.27 29.31 -8.81
CA ASP G 348 -11.92 30.38 -9.73
C ASP G 348 -11.81 29.80 -11.13
N LEU G 349 -12.14 30.61 -12.13
CA LEU G 349 -12.11 30.18 -13.53
C LEU G 349 -11.25 31.17 -14.31
N GLN G 350 -9.96 30.90 -14.42
CA GLN G 350 -9.03 31.80 -15.09
C GLN G 350 -8.83 31.34 -16.52
N PHE G 351 -9.17 32.19 -17.48
CA PHE G 351 -9.18 31.84 -18.89
C PHE G 351 -8.37 32.85 -19.69
N ILE G 352 -7.71 32.37 -20.74
CA ILE G 352 -7.18 33.25 -21.79
C ILE G 352 -7.83 32.87 -23.12
N PHE G 353 -8.32 33.88 -23.82
CA PHE G 353 -9.11 33.74 -25.04
C PHE G 353 -8.43 34.44 -26.21
N GLN G 354 -8.72 33.93 -27.40
CA GLN G 354 -8.09 34.37 -28.64
C GLN G 354 -9.17 34.66 -29.67
N LEU G 355 -8.87 35.61 -30.56
CA LEU G 355 -9.79 36.02 -31.61
C LEU G 355 -9.43 35.39 -32.95
N CYS G 356 -10.45 34.93 -33.66
CA CYS G 356 -10.29 34.40 -35.01
C CYS G 356 -11.32 35.03 -35.94
N SER G 357 -10.89 35.36 -37.14
CA SER G 357 -11.77 35.82 -38.20
C SER G 357 -12.11 34.67 -39.13
N ILE G 358 -13.14 34.89 -39.93
CA ILE G 358 -13.58 33.88 -40.89
C ILE G 358 -14.12 34.60 -42.12
N THR G 359 -13.81 34.04 -43.29
CA THR G 359 -14.32 34.57 -44.55
C THR G 359 -15.61 33.84 -44.90
N LEU G 360 -16.70 34.59 -45.03
CA LEU G 360 -18.02 33.99 -45.17
C LEU G 360 -18.29 33.67 -46.64
N SER G 361 -17.56 32.68 -47.13
CA SER G 361 -17.83 32.16 -48.46
C SER G 361 -19.14 31.36 -48.45
N ALA G 362 -19.75 31.26 -49.63
CA ALA G 362 -21.08 30.63 -49.74
C ALA G 362 -21.04 29.15 -49.34
N GLU G 363 -20.01 28.43 -49.78
CA GLU G 363 -19.85 27.06 -49.33
C GLU G 363 -19.49 27.00 -47.85
N VAL G 364 -18.76 28.02 -47.35
CA VAL G 364 -18.47 28.08 -45.93
C VAL G 364 -19.73 28.39 -45.13
N VAL G 365 -20.58 29.28 -45.66
CA VAL G 365 -21.85 29.57 -45.01
C VAL G 365 -22.74 28.33 -44.97
N ALA G 366 -22.76 27.56 -46.05
CA ALA G 366 -23.52 26.31 -46.07
C ALA G 366 -22.94 25.29 -45.10
N TYR G 367 -21.61 25.21 -45.02
CA TYR G 367 -20.96 24.29 -44.10
C TYR G 367 -21.28 24.63 -42.65
N ILE G 368 -21.30 25.93 -42.33
CA ILE G 368 -21.65 26.33 -40.96
C ILE G 368 -23.13 26.16 -40.71
N HIS G 369 -23.98 26.33 -41.73
CA HIS G 369 -25.41 26.14 -41.56
C HIS G 369 -25.74 24.67 -41.29
N THR G 370 -25.06 23.76 -41.99
CA THR G 370 -25.15 22.34 -41.65
C THR G 370 -24.52 22.05 -40.30
N MET G 371 -23.44 22.75 -39.97
CA MET G 371 -22.83 22.68 -38.65
C MET G 371 -23.80 23.15 -37.57
N ASN G 372 -24.26 24.38 -37.68
CA ASN G 372 -25.12 24.98 -36.66
C ASN G 372 -25.94 26.10 -37.28
N PRO G 373 -27.27 26.00 -37.31
CA PRO G 373 -28.06 27.15 -37.75
C PRO G 373 -28.11 28.27 -36.74
N SER G 374 -27.94 27.94 -35.44
CA SER G 374 -28.15 28.92 -34.38
C SER G 374 -27.16 30.07 -34.49
N VAL G 375 -25.92 29.79 -34.87
CA VAL G 375 -24.96 30.86 -35.09
C VAL G 375 -25.34 31.69 -36.31
N LEU G 376 -26.00 31.07 -37.30
CA LEU G 376 -26.43 31.84 -38.47
C LEU G 376 -27.52 32.85 -38.11
N GLU G 377 -28.49 32.47 -37.27
CA GLU G 377 -29.35 33.58 -36.83
C GLU G 377 -28.72 34.42 -35.73
N ASP G 378 -27.61 33.97 -35.13
CA ASP G 378 -26.96 34.78 -34.12
C ASP G 378 -26.24 35.97 -34.75
N TRP G 379 -25.50 35.74 -35.84
CA TRP G 379 -24.74 36.83 -36.45
C TRP G 379 -25.65 37.82 -37.18
N ASN G 380 -26.86 37.41 -37.55
CA ASN G 380 -27.82 38.24 -38.28
C ASN G 380 -27.23 38.76 -39.59
N PHE G 381 -26.47 37.90 -40.27
CA PHE G 381 -25.84 38.29 -41.53
C PHE G 381 -26.83 38.19 -42.68
N PRO G 415 -33.95 29.48 -29.55
CA PRO G 415 -34.72 28.37 -28.97
C PRO G 415 -33.83 27.27 -28.41
N ASP G 416 -33.10 27.60 -27.36
CA ASP G 416 -32.21 26.63 -26.72
C ASP G 416 -33.03 25.57 -26.00
N PRO G 417 -32.86 24.28 -26.32
CA PRO G 417 -33.52 23.24 -25.52
C PRO G 417 -32.98 23.12 -24.12
N TYR G 418 -31.82 23.71 -23.84
CA TYR G 418 -31.14 23.55 -22.57
C TYR G 418 -31.56 24.58 -21.53
N LYS G 419 -32.51 25.45 -21.88
CA LYS G 419 -33.02 26.42 -20.91
C LYS G 419 -33.80 25.74 -19.80
N ASN G 420 -34.39 24.57 -20.07
CA ASN G 420 -35.11 23.83 -19.05
C ASN G 420 -34.17 23.27 -18.00
N LEU G 421 -32.95 22.91 -18.38
CA LEU G 421 -32.04 22.24 -17.47
C LEU G 421 -31.44 23.21 -16.46
N SER G 422 -30.90 22.65 -15.38
CA SER G 422 -30.35 23.43 -14.27
C SER G 422 -28.83 23.49 -14.43
N PHE G 423 -28.32 24.69 -14.70
CA PHE G 423 -26.92 24.95 -14.99
C PHE G 423 -26.37 25.96 -13.99
N TRP G 424 -25.04 26.12 -14.00
CA TRP G 424 -24.39 27.14 -13.19
C TRP G 424 -23.96 28.26 -14.13
N GLU G 425 -24.81 29.27 -14.25
CA GLU G 425 -24.54 30.39 -15.14
C GLU G 425 -23.53 31.32 -14.48
N VAL G 426 -22.45 31.64 -15.19
CA VAL G 426 -21.49 32.64 -14.76
C VAL G 426 -21.32 33.67 -15.86
N ASN G 427 -21.28 34.94 -15.45
CA ASN G 427 -21.31 36.08 -16.35
C ASN G 427 -19.90 36.67 -16.43
N LEU G 428 -19.20 36.37 -17.52
CA LEU G 428 -17.89 36.94 -17.77
C LEU G 428 -17.96 38.15 -18.71
N LYS G 429 -19.16 38.57 -19.09
CA LYS G 429 -19.30 39.77 -19.91
C LYS G 429 -18.89 41.00 -19.11
N GLU G 430 -18.46 42.04 -19.84
CA GLU G 430 -17.82 43.27 -19.36
C GLU G 430 -16.78 43.02 -18.27
N LYS G 431 -16.06 41.91 -18.37
CA LYS G 431 -14.99 41.59 -17.44
C LYS G 431 -13.67 41.31 -18.16
N PHE G 432 -13.65 41.35 -19.48
CA PHE G 432 -12.44 41.03 -20.23
C PHE G 432 -11.46 42.18 -20.21
N SER G 433 -10.19 41.86 -20.39
CA SER G 433 -9.13 42.86 -20.42
C SER G 433 -7.98 42.32 -21.26
N SER G 434 -7.24 43.25 -21.88
CA SER G 434 -6.06 42.92 -22.65
C SER G 434 -4.78 43.15 -21.85
N GLU G 435 -4.89 43.46 -20.57
CA GLU G 435 -3.73 43.77 -19.73
C GLU G 435 -3.26 42.49 -19.03
N LEU G 436 -2.82 41.53 -19.85
CA LEU G 436 -2.47 40.21 -19.36
C LEU G 436 -1.25 40.22 -18.45
N ASP G 437 -0.41 41.26 -18.53
CA ASP G 437 0.67 41.40 -17.57
C ASP G 437 0.15 41.67 -16.17
N GLN G 438 -1.02 42.29 -16.05
CA GLN G 438 -1.63 42.57 -14.77
C GLN G 438 -2.42 41.40 -14.23
N TYR G 439 -2.31 40.23 -14.84
CA TYR G 439 -3.00 39.04 -14.40
C TYR G 439 -2.02 37.88 -14.33
N PRO G 440 -2.27 36.91 -13.43
CA PRO G 440 -1.34 35.78 -13.29
C PRO G 440 -1.25 34.92 -14.53
N LEU G 441 -2.40 34.42 -15.00
CA LEU G 441 -2.42 33.50 -16.12
C LEU G 441 -1.88 34.15 -17.39
N GLY G 442 -2.10 35.46 -17.54
CA GLY G 442 -1.56 36.16 -18.70
C GLY G 442 -0.04 36.17 -18.69
N ARG G 443 0.56 36.33 -17.52
CA ARG G 443 2.02 36.32 -17.50
C ARG G 443 2.58 34.90 -17.59
N LYS G 444 1.80 33.89 -17.17
CA LYS G 444 2.17 32.52 -17.52
C LYS G 444 2.13 32.32 -19.03
N PHE G 445 1.13 32.91 -19.68
CA PHE G 445 1.01 32.77 -21.13
C PHE G 445 2.15 33.47 -21.86
N LEU G 446 2.54 34.65 -21.40
CA LEU G 446 3.62 35.36 -22.06
C LEU G 446 4.99 34.90 -21.58
N LEU G 447 5.05 33.99 -20.60
CA LEU G 447 6.35 33.48 -20.20
C LEU G 447 6.97 32.63 -21.30
N GLN G 448 6.15 31.91 -22.06
CA GLN G 448 6.61 31.31 -23.31
C GLN G 448 5.52 31.40 -24.36
N SER G 449 5.89 31.87 -25.55
CA SER G 449 5.00 32.07 -26.69
C SER G 449 3.80 32.95 -26.37
#